data_8TDH
#
_entry.id   8TDH
#
_cell.length_a   186.581
_cell.length_b   57.221
_cell.length_c   224.962
_cell.angle_alpha   90
_cell.angle_beta   106.584
_cell.angle_gamma   90
#
_symmetry.space_group_name_H-M   'I 1 2 1'
#
loop_
_entity.id
_entity.type
_entity.pdbx_description
1 polymer 'Predicted dehydrogenases and related proteins'
2 branched alpha-D-glucopyranose-(1-1)-alpha-D-glucopyranose
3 branched alpha-D-glucopyranose-(1-1)-alpha-D-glucopyranose
4 non-polymer NICOTINAMIDE-ADENINE-DINUCLEOTIDE
5 water water
#
_entity_poly.entity_id   1
_entity_poly.type   'polypeptide(L)'
_entity_poly.pdbx_seq_one_letter_code
;DKLNILGVGIGGRGSSVLRGLESQNIIGLCDVDWKYADHVFKRYPAAKKYNDYRKMFDEMLKSADAVMVATADHTHAIIA
ADAMTAGKHVYVEKPLTHTVYESRLLTKLADKYKVATQMGNQGASDEGVRKVCEWIWNGEIGEVRKVETFTDRPIWPQGL
SRPEDDQRIPKTLNWDAFIGPAPYRPYNAIYTPWNFRGWWDFGTGALGDMACHILHPVFKGLKLGYPTKVQGSSTLLLNE
SAPMAQTVKFVFPARDNMPKVAMPEVEVYWYDGGLKPARPEGLPAGKDLNMAGGGVIFYGTKDTLICGCYGVNPYLVSGR
VPNAPKVLREIKESHQMDWVRACKEDADDRVPSASDFSEAGPFNEMVVMGVLAVRLQNLNRELLWDGPNMRFTNIPDDAT
ISAVIKDGFHIKDGHPTFDKTWTDPVNAQQFAQELIKHTYRDGWKLPDMPR
;
_entity_poly.pdbx_strand_id   A,B,C,D
#
loop_
_chem_comp.id
_chem_comp.type
_chem_comp.name
_chem_comp.formula
GLC D-saccharide, alpha linking alpha-D-glucopyranose 'C6 H12 O6'
NAD non-polymer NICOTINAMIDE-ADENINE-DINUCLEOTIDE 'C21 H27 N7 O14 P2'
#
# COMPACT_ATOMS: atom_id res chain seq x y z
N ASP A 1 16.95 64.79 20.18
CA ASP A 1 17.93 64.44 19.12
C ASP A 1 17.46 63.29 18.20
N LYS A 2 17.22 63.66 16.94
CA LYS A 2 16.14 63.06 16.18
C LYS A 2 16.68 62.02 15.22
N LEU A 3 15.88 60.98 15.00
CA LEU A 3 16.13 60.02 13.93
C LEU A 3 15.94 60.69 12.57
N ASN A 4 16.96 60.49 11.69
CA ASN A 4 16.83 60.83 10.29
C ASN A 4 16.26 59.66 9.52
N ILE A 5 15.06 59.82 8.97
CA ILE A 5 14.32 58.74 8.34
C ILE A 5 14.12 59.03 6.84
N LEU A 6 14.33 58.01 6.00
CA LEU A 6 13.87 58.03 4.63
C LEU A 6 12.57 57.25 4.56
N GLY A 7 11.65 57.67 3.68
CA GLY A 7 10.40 56.93 3.47
C GLY A 7 10.40 56.34 2.07
N VAL A 8 9.84 55.15 1.88
CA VAL A 8 9.79 54.55 0.56
C VAL A 8 8.44 53.92 0.39
N GLY A 9 7.52 54.61 -0.27
CA GLY A 9 6.18 54.12 -0.51
C GLY A 9 5.21 54.78 0.45
N ILE A 10 4.81 56.01 0.08
CA ILE A 10 4.31 57.00 1.03
C ILE A 10 2.86 57.35 0.74
N GLY A 11 2.26 56.75 -0.30
CA GLY A 11 1.01 57.26 -0.85
C GLY A 11 -0.20 56.79 -0.06
N GLY A 12 -0.11 55.57 0.50
CA GLY A 12 -1.24 54.93 1.12
C GLY A 12 -1.04 54.85 2.63
N ARG A 13 -0.82 53.64 3.10
CA ARG A 13 -0.51 53.43 4.50
C ARG A 13 0.71 54.25 4.91
N GLY A 14 1.70 54.34 4.00
CA GLY A 14 2.94 55.03 4.28
C GLY A 14 2.70 56.46 4.80
N SER A 15 1.58 57.02 4.37
CA SER A 15 1.15 58.35 4.75
C SER A 15 0.93 58.47 6.26
N SER A 16 0.06 57.59 6.81
CA SER A 16 -0.24 57.57 8.24
C SER A 16 0.97 57.11 9.03
N VAL A 17 1.82 56.28 8.47
CA VAL A 17 2.99 55.90 9.23
C VAL A 17 3.93 57.11 9.37
N LEU A 18 4.22 57.80 8.30
CA LEU A 18 5.10 58.96 8.38
C LEU A 18 4.52 59.98 9.36
N ARG A 19 3.19 59.90 9.59
CA ARG A 19 2.53 60.73 10.58
C ARG A 19 3.07 60.40 11.96
N GLY A 20 3.16 59.10 12.29
CA GLY A 20 3.74 58.66 13.53
C GLY A 20 5.16 59.18 13.73
N LEU A 21 5.91 59.37 12.64
CA LEU A 21 7.33 59.60 12.75
C LEU A 21 7.63 61.09 12.71
N GLU A 22 6.61 61.91 12.50
CA GLU A 22 6.78 63.32 12.19
C GLU A 22 7.58 64.08 13.26
N SER A 23 7.50 63.63 14.51
CA SER A 23 8.30 64.18 15.59
C SER A 23 9.79 64.18 15.23
N GLN A 24 10.16 63.29 14.30
CA GLN A 24 11.55 63.05 13.95
C GLN A 24 11.96 63.94 12.80
N ASN A 25 12.56 63.39 11.76
CA ASN A 25 13.06 64.15 10.64
C ASN A 25 12.83 63.40 9.34
N ILE A 26 11.75 63.71 8.60
CA ILE A 26 11.54 63.03 7.33
C ILE A 26 12.42 63.74 6.29
N ILE A 27 13.56 63.19 5.86
CA ILE A 27 14.51 63.96 5.07
C ILE A 27 14.53 63.53 3.60
N GLY A 28 13.87 62.43 3.29
CA GLY A 28 13.89 61.91 1.93
C GLY A 28 12.62 61.07 1.71
N LEU A 29 11.90 61.37 0.63
CA LEU A 29 10.71 60.63 0.30
C LEU A 29 10.82 60.07 -1.11
N CYS A 30 10.43 58.82 -1.29
CA CYS A 30 10.55 58.13 -2.55
C CYS A 30 9.27 57.36 -2.86
N ASP A 31 8.46 57.88 -3.75
CA ASP A 31 7.35 57.12 -4.28
C ASP A 31 7.51 57.01 -5.78
N VAL A 32 6.89 56.00 -6.40
CA VAL A 32 6.96 55.78 -7.83
C VAL A 32 5.88 56.55 -8.56
N ASP A 33 4.80 56.98 -7.86
CA ASP A 33 3.63 57.56 -8.48
C ASP A 33 3.45 58.98 -7.94
N TRP A 34 3.92 59.99 -8.68
CA TRP A 34 3.99 61.33 -8.12
C TRP A 34 2.64 62.01 -8.09
N LYS A 35 1.63 61.34 -8.63
CA LYS A 35 0.26 61.84 -8.60
C LYS A 35 -0.48 61.34 -7.34
N TYR A 36 -0.59 60.01 -7.18
CA TYR A 36 -1.22 59.41 -6.02
C TYR A 36 -0.64 59.92 -4.71
N ALA A 37 0.63 60.24 -4.77
CA ALA A 37 1.47 60.53 -3.64
C ALA A 37 1.71 61.99 -3.38
N ASP A 38 1.06 62.85 -4.17
CA ASP A 38 1.54 64.22 -4.19
C ASP A 38 1.27 64.86 -2.85
N HIS A 39 0.08 64.57 -2.33
CA HIS A 39 -0.44 65.15 -1.11
C HIS A 39 0.60 65.03 -0.02
N VAL A 40 1.26 63.87 0.07
CA VAL A 40 2.25 63.59 1.10
C VAL A 40 3.51 64.41 0.89
N PHE A 41 4.10 64.34 -0.30
CA PHE A 41 5.36 65.02 -0.54
C PHE A 41 5.33 66.47 -0.07
N LYS A 42 4.18 67.12 -0.25
CA LYS A 42 4.10 68.53 0.09
C LYS A 42 3.56 68.74 1.49
N ARG A 43 3.41 67.63 2.24
CA ARG A 43 3.32 67.72 3.68
C ARG A 43 4.72 67.79 4.24
N TYR A 44 5.73 67.31 3.51
CA TYR A 44 7.12 67.32 3.97
C TYR A 44 7.94 68.08 2.95
N PRO A 45 7.73 69.40 2.87
CA PRO A 45 8.33 70.23 1.83
C PRO A 45 9.86 70.22 1.82
N ALA A 46 10.49 69.72 2.90
CA ALA A 46 11.94 69.86 3.03
C ALA A 46 12.64 68.58 2.58
N ALA A 47 11.89 67.52 2.28
CA ALA A 47 12.44 66.22 1.95
C ALA A 47 12.74 66.11 0.44
N LYS A 48 14.01 65.89 0.09
CA LYS A 48 14.41 65.72 -1.29
C LYS A 48 13.53 64.60 -1.86
N LYS A 49 12.91 64.76 -3.04
CA LYS A 49 11.99 63.74 -3.56
C LYS A 49 12.66 62.86 -4.62
N TYR A 50 12.25 61.58 -4.65
CA TYR A 50 12.76 60.63 -5.62
C TYR A 50 11.62 59.74 -6.12
N ASN A 51 11.86 58.94 -7.16
CA ASN A 51 10.87 57.96 -7.55
C ASN A 51 11.47 56.56 -7.81
N ASP A 52 12.77 56.40 -7.51
CA ASP A 52 13.44 55.11 -7.55
C ASP A 52 14.29 55.03 -6.29
N TYR A 53 14.02 54.03 -5.44
CA TYR A 53 14.65 54.00 -4.12
C TYR A 53 16.17 53.92 -4.24
N ARG A 54 16.70 53.45 -5.37
CA ARG A 54 18.12 53.19 -5.53
C ARG A 54 18.88 54.47 -5.85
N LYS A 55 18.24 55.39 -6.55
CA LYS A 55 18.82 56.72 -6.68
C LYS A 55 18.82 57.38 -5.31
N MET A 56 17.71 57.26 -4.57
CA MET A 56 17.58 57.90 -3.27
C MET A 56 18.63 57.34 -2.32
N PHE A 57 18.80 56.01 -2.33
CA PHE A 57 19.72 55.36 -1.43
C PHE A 57 21.16 55.76 -1.73
N ASP A 58 21.51 55.91 -3.02
CA ASP A 58 22.85 56.35 -3.38
C ASP A 58 23.16 57.71 -2.76
N GLU A 59 22.26 58.66 -3.04
CA GLU A 59 22.49 60.05 -2.67
C GLU A 59 22.40 60.21 -1.15
N MET A 60 21.48 59.48 -0.49
CA MET A 60 20.94 59.96 0.79
C MET A 60 21.08 59.00 1.97
N LEU A 61 21.57 57.78 1.73
CA LEU A 61 21.70 56.81 2.80
C LEU A 61 22.75 57.31 3.80
N LYS A 62 23.83 57.91 3.29
CA LYS A 62 24.88 58.52 4.10
C LYS A 62 24.36 59.62 5.01
N SER A 63 23.07 59.94 4.95
CA SER A 63 22.51 61.04 5.73
C SER A 63 21.33 60.54 6.58
N ALA A 64 21.19 59.23 6.69
CA ALA A 64 19.99 58.64 7.23
C ALA A 64 20.34 57.65 8.35
N ASP A 65 19.38 57.48 9.24
CA ASP A 65 19.54 56.60 10.37
C ASP A 65 18.59 55.43 10.16
N ALA A 66 17.40 55.70 9.62
CA ALA A 66 16.35 54.70 9.52
C ALA A 66 15.65 54.79 8.17
N VAL A 67 14.77 53.85 7.89
CA VAL A 67 14.09 53.76 6.62
C VAL A 67 12.73 53.13 6.90
N MET A 68 11.68 53.80 6.46
CA MET A 68 10.34 53.27 6.54
C MET A 68 10.01 52.74 5.16
N VAL A 69 9.30 51.61 5.08
CA VAL A 69 9.00 51.02 3.79
C VAL A 69 7.54 50.59 3.78
N ALA A 70 6.73 51.17 2.89
CA ALA A 70 5.33 50.78 2.78
C ALA A 70 4.97 50.63 1.33
N THR A 71 5.84 49.98 0.54
CA THR A 71 5.60 49.71 -0.87
C THR A 71 4.66 48.53 -1.00
N ALA A 72 4.44 48.05 -2.21
CA ALA A 72 3.68 46.83 -2.43
C ALA A 72 4.55 45.66 -2.00
N ASP A 73 3.94 44.49 -1.70
CA ASP A 73 4.54 43.45 -0.90
C ASP A 73 5.91 43.07 -1.47
N HIS A 74 5.98 42.90 -2.81
CA HIS A 74 7.06 42.18 -3.46
C HIS A 74 8.37 42.96 -3.52
N THR A 75 8.40 44.22 -3.07
CA THR A 75 9.65 44.97 -3.03
C THR A 75 10.09 45.24 -1.59
N HIS A 76 9.26 44.94 -0.59
CA HIS A 76 9.67 45.22 0.77
C HIS A 76 11.05 44.63 1.05
N ALA A 77 11.24 43.37 0.64
CA ALA A 77 12.43 42.63 1.00
C ALA A 77 13.67 43.36 0.47
N ILE A 78 13.72 43.54 -0.85
CA ILE A 78 14.94 44.07 -1.42
C ILE A 78 15.28 45.47 -0.91
N ILE A 79 14.29 46.29 -0.59
CA ILE A 79 14.53 47.64 -0.07
C ILE A 79 15.10 47.56 1.32
N ALA A 80 14.38 46.82 2.19
CA ALA A 80 14.77 46.63 3.58
C ALA A 80 16.19 46.09 3.67
N ALA A 81 16.49 45.12 2.79
CA ALA A 81 17.73 44.38 2.86
C ALA A 81 18.92 45.25 2.52
N ASP A 82 18.72 46.15 1.57
CA ASP A 82 19.71 47.12 1.13
C ASP A 82 19.96 48.17 2.22
N ALA A 83 18.92 48.48 3.00
CA ALA A 83 19.03 49.44 4.09
C ALA A 83 19.78 48.84 5.29
N MET A 84 19.49 47.59 5.64
CA MET A 84 20.12 47.01 6.81
C MET A 84 21.62 46.82 6.53
N THR A 85 21.99 46.38 5.31
CA THR A 85 23.41 46.20 5.02
C THR A 85 24.16 47.53 5.20
N ALA A 86 23.41 48.65 5.20
CA ALA A 86 23.99 49.99 5.26
C ALA A 86 24.06 50.53 6.69
N GLY A 87 23.49 49.78 7.66
CA GLY A 87 23.57 50.12 9.07
C GLY A 87 22.32 50.85 9.56
N LYS A 88 21.18 50.63 8.89
CA LYS A 88 20.03 51.48 9.09
C LYS A 88 18.86 50.69 9.62
N HIS A 89 18.17 51.27 10.62
CA HIS A 89 17.00 50.68 11.24
C HIS A 89 15.90 50.65 10.18
N VAL A 90 14.92 49.76 10.21
CA VAL A 90 13.87 49.80 9.21
C VAL A 90 12.54 49.41 9.83
N TYR A 91 11.51 50.21 9.54
CA TYR A 91 10.12 49.87 9.81
C TYR A 91 9.65 49.35 8.48
N VAL A 92 8.84 48.32 8.45
CA VAL A 92 8.51 47.70 7.19
C VAL A 92 7.08 47.24 7.29
N GLU A 93 6.17 47.77 6.47
CA GLU A 93 4.79 47.42 6.69
C GLU A 93 4.64 45.91 6.48
N LYS A 94 3.56 45.36 7.04
CA LYS A 94 3.22 43.96 6.87
C LYS A 94 2.46 43.72 5.56
N PRO A 95 2.59 42.54 4.90
CA PRO A 95 3.44 41.45 5.35
C PRO A 95 4.88 41.84 5.10
N LEU A 96 5.79 41.15 5.77
CA LEU A 96 7.17 41.58 5.86
C LEU A 96 7.82 41.42 4.51
N THR A 97 7.53 40.29 3.87
CA THR A 97 8.08 39.98 2.57
C THR A 97 7.05 39.17 1.82
N HIS A 98 7.40 38.82 0.60
CA HIS A 98 6.49 38.18 -0.33
C HIS A 98 6.71 36.67 -0.28
N THR A 99 7.96 36.25 -0.05
CA THR A 99 8.39 34.87 -0.05
C THR A 99 8.91 34.45 1.33
N VAL A 100 9.13 33.15 1.50
CA VAL A 100 9.71 32.63 2.73
C VAL A 100 11.21 32.88 2.79
N TYR A 101 11.92 32.69 1.67
CA TYR A 101 13.35 32.90 1.68
C TYR A 101 13.65 34.31 2.14
N GLU A 102 12.82 35.26 1.68
CA GLU A 102 13.09 36.66 1.94
C GLU A 102 12.91 36.95 3.42
N SER A 103 11.82 36.44 4.00
CA SER A 103 11.57 36.55 5.43
C SER A 103 12.73 36.04 6.26
N ARG A 104 13.29 34.92 5.85
CA ARG A 104 14.41 34.37 6.58
C ARG A 104 15.64 35.23 6.30
N LEU A 105 15.78 35.78 5.10
CA LEU A 105 16.92 36.64 4.84
C LEU A 105 16.86 37.82 5.81
N LEU A 106 15.68 38.44 5.94
CA LEU A 106 15.57 39.65 6.74
C LEU A 106 15.83 39.32 8.20
N THR A 107 15.35 38.17 8.67
CA THR A 107 15.53 37.83 10.07
C THR A 107 17.02 37.73 10.38
N LYS A 108 17.75 37.13 9.45
CA LYS A 108 19.17 36.91 9.63
C LYS A 108 19.97 38.19 9.45
N LEU A 109 19.51 39.12 8.66
CA LEU A 109 20.23 40.37 8.51
C LEU A 109 20.04 41.28 9.72
N ALA A 110 18.83 41.30 10.31
CA ALA A 110 18.57 42.06 11.52
C ALA A 110 19.55 41.65 12.58
N ASP A 111 19.66 40.33 12.71
CA ASP A 111 20.56 39.76 13.70
C ASP A 111 21.99 40.21 13.45
N LYS A 112 22.44 40.05 12.20
CA LYS A 112 23.83 40.30 11.87
C LYS A 112 24.20 41.76 12.11
N TYR A 113 23.35 42.70 11.67
CA TYR A 113 23.76 44.10 11.64
C TYR A 113 23.37 44.81 12.93
N LYS A 114 22.55 44.18 13.78
CA LYS A 114 22.16 44.75 15.05
C LYS A 114 21.47 46.09 14.82
N VAL A 115 20.27 46.02 14.27
CA VAL A 115 19.54 47.23 13.97
C VAL A 115 18.14 47.01 14.48
N ALA A 116 17.57 48.09 15.03
CA ALA A 116 16.18 48.09 15.44
C ALA A 116 15.37 47.80 14.20
N THR A 117 14.29 47.03 14.35
CA THR A 117 13.47 46.57 13.23
C THR A 117 12.02 46.55 13.73
N GLN A 118 11.04 46.72 12.83
CA GLN A 118 9.66 46.66 13.26
C GLN A 118 8.79 46.30 12.08
N MET A 119 8.03 45.22 12.15
CA MET A 119 6.96 44.96 11.19
C MET A 119 5.74 45.82 11.55
N GLY A 120 4.91 46.15 10.55
CA GLY A 120 3.90 47.19 10.71
C GLY A 120 2.54 46.66 11.17
N ASN A 121 2.51 45.50 11.81
CA ASN A 121 1.32 44.98 12.47
C ASN A 121 1.19 45.63 13.84
N GLN A 122 0.42 46.71 13.92
CA GLN A 122 0.49 47.61 15.06
C GLN A 122 -0.27 47.07 16.29
N GLY A 123 -1.09 46.02 16.06
CA GLY A 123 -1.81 45.31 17.11
C GLY A 123 -0.86 44.51 18.02
N ALA A 124 0.39 44.35 17.58
CA ALA A 124 1.42 43.82 18.44
C ALA A 124 1.78 44.81 19.57
N SER A 125 1.48 46.10 19.44
CA SER A 125 1.80 47.02 20.50
C SER A 125 0.58 47.32 21.37
N ASP A 126 -0.55 46.64 21.11
CA ASP A 126 -1.81 46.82 21.84
C ASP A 126 -1.83 45.97 23.13
N GLU A 127 -2.87 46.19 23.98
CA GLU A 127 -3.12 45.47 25.23
C GLU A 127 -3.71 44.08 24.96
N GLY A 128 -4.61 43.95 24.01
CA GLY A 128 -5.37 42.71 23.85
C GLY A 128 -4.51 41.47 23.69
N VAL A 129 -3.33 41.60 23.06
CA VAL A 129 -2.47 40.44 22.81
C VAL A 129 -1.68 40.16 24.09
N ARG A 130 -1.41 41.17 24.91
CA ARG A 130 -0.76 40.92 26.17
C ARG A 130 -1.70 40.10 27.07
N LYS A 131 -3.00 40.32 27.01
CA LYS A 131 -3.95 39.60 27.86
C LYS A 131 -4.14 38.17 27.36
N VAL A 132 -4.07 37.94 26.05
CA VAL A 132 -4.21 36.60 25.50
C VAL A 132 -3.03 35.74 25.93
N CYS A 133 -1.85 36.35 26.01
CA CYS A 133 -0.61 35.62 26.29
C CYS A 133 -0.51 35.34 27.79
N GLU A 134 -0.71 36.38 28.59
CA GLU A 134 -0.65 36.25 30.03
C GLU A 134 -1.70 35.25 30.49
N TRP A 135 -2.85 35.09 29.80
CA TRP A 135 -3.83 34.09 30.19
C TRP A 135 -3.46 32.67 29.79
N ILE A 136 -3.03 32.47 28.53
CA ILE A 136 -2.70 31.13 28.07
C ILE A 136 -1.54 30.62 28.93
N TRP A 137 -0.52 31.46 29.16
CA TRP A 137 0.70 31.13 29.86
C TRP A 137 0.46 30.89 31.35
N ASN A 138 -0.67 31.24 31.90
CA ASN A 138 -0.95 30.94 33.29
C ASN A 138 -1.95 29.77 33.36
N GLY A 139 -2.12 29.06 32.25
CA GLY A 139 -2.89 27.84 32.21
C GLY A 139 -4.38 28.06 32.35
N GLU A 140 -4.87 29.23 31.95
CA GLU A 140 -6.24 29.61 32.24
C GLU A 140 -7.18 28.84 31.32
N ILE A 141 -6.67 28.28 30.23
CA ILE A 141 -7.51 27.54 29.31
C ILE A 141 -6.94 26.14 29.12
N GLY A 142 -5.72 25.94 29.64
CA GLY A 142 -5.12 24.62 29.56
C GLY A 142 -4.34 24.50 28.28
N GLU A 143 -4.20 23.27 27.82
CA GLU A 143 -3.37 22.98 26.66
C GLU A 143 -4.21 23.27 25.43
N VAL A 144 -3.54 23.87 24.44
CA VAL A 144 -4.17 24.25 23.19
C VAL A 144 -3.65 23.43 22.02
N ARG A 145 -4.57 22.73 21.37
CA ARG A 145 -4.29 21.73 20.37
C ARG A 145 -4.98 22.05 19.04
N LYS A 146 -5.99 22.92 19.01
CA LYS A 146 -6.71 23.31 17.80
C LYS A 146 -7.04 24.80 17.92
N VAL A 147 -6.70 25.57 16.88
CA VAL A 147 -6.96 27.02 16.78
C VAL A 147 -7.69 27.28 15.48
N GLU A 148 -8.69 28.18 15.52
CA GLU A 148 -9.42 28.58 14.31
C GLU A 148 -9.37 30.09 14.16
N THR A 149 -8.95 30.51 12.96
CA THR A 149 -8.74 31.92 12.63
C THR A 149 -9.38 32.23 11.27
N PHE A 150 -9.89 33.48 11.14
CA PHE A 150 -10.55 33.89 9.90
C PHE A 150 -10.64 35.40 9.80
N THR A 151 -10.72 35.86 8.54
CA THR A 151 -11.09 37.24 8.18
C THR A 151 -12.27 37.19 7.21
N ASP A 152 -12.96 38.34 7.12
CA ASP A 152 -14.05 38.54 6.14
C ASP A 152 -13.49 38.94 4.76
N ARG A 153 -12.24 39.46 4.73
CA ARG A 153 -11.49 39.77 3.54
C ARG A 153 -11.28 38.52 2.68
N PRO A 154 -10.99 38.59 1.37
CA PRO A 154 -10.98 39.86 0.61
C PRO A 154 -12.33 40.57 0.46
N ILE A 155 -12.34 41.91 0.52
CA ILE A 155 -13.54 42.71 0.27
C ILE A 155 -13.38 43.49 -1.04
N TRP A 156 -12.33 43.18 -1.76
CA TRP A 156 -12.18 43.63 -3.11
C TRP A 156 -12.31 42.39 -3.99
N PRO A 157 -12.59 42.54 -5.29
CA PRO A 157 -12.47 41.48 -6.29
C PRO A 157 -11.11 40.83 -6.47
N GLN A 158 -11.07 39.51 -6.34
CA GLN A 158 -9.93 38.74 -6.78
C GLN A 158 -10.47 37.84 -7.89
N GLY A 159 -9.70 36.87 -8.35
CA GLY A 159 -10.18 36.03 -9.45
C GLY A 159 -10.15 36.76 -10.79
N LEU A 160 -9.15 37.65 -10.95
CA LEU A 160 -8.98 38.56 -12.08
C LEU A 160 -8.10 37.96 -13.17
N SER A 161 -8.41 38.35 -14.42
CA SER A 161 -7.61 38.05 -15.58
C SER A 161 -6.67 39.20 -15.87
N ARG A 162 -5.47 38.90 -16.38
CA ARG A 162 -4.56 39.92 -16.93
C ARG A 162 -5.28 40.76 -17.98
N PRO A 163 -5.32 42.11 -17.84
CA PRO A 163 -6.06 42.96 -18.74
C PRO A 163 -5.53 42.90 -20.16
N GLU A 164 -6.51 42.86 -21.08
CA GLU A 164 -6.30 42.43 -22.44
C GLU A 164 -6.13 43.64 -23.35
N ASP A 165 -6.40 44.84 -22.79
CA ASP A 165 -6.35 46.16 -23.42
C ASP A 165 -4.90 46.68 -23.45
N ASP A 166 -4.74 47.98 -23.81
CA ASP A 166 -3.50 48.72 -23.51
C ASP A 166 -3.79 49.98 -22.67
N GLN A 167 -2.76 50.51 -22.06
CA GLN A 167 -2.88 51.76 -21.34
C GLN A 167 -1.46 52.27 -21.31
N ARG A 168 -1.26 53.58 -21.40
CA ARG A 168 0.08 54.08 -21.41
C ARG A 168 0.46 54.43 -20.00
N ILE A 169 1.76 54.30 -19.75
CA ILE A 169 2.36 54.64 -18.47
C ILE A 169 2.23 56.15 -18.30
N PRO A 170 1.54 56.61 -17.24
CA PRO A 170 1.50 58.04 -16.93
C PRO A 170 2.90 58.64 -16.75
N LYS A 171 3.00 59.96 -16.85
CA LYS A 171 4.28 60.64 -16.84
C LYS A 171 4.70 60.70 -15.39
N THR A 172 3.75 60.43 -14.49
CA THR A 172 4.00 60.59 -13.07
C THR A 172 4.40 59.26 -12.42
N LEU A 173 4.42 58.18 -13.19
CA LEU A 173 4.52 56.83 -12.66
C LEU A 173 5.77 56.16 -13.23
N ASN A 174 6.61 55.68 -12.31
CA ASN A 174 7.81 54.93 -12.66
C ASN A 174 7.49 53.46 -12.68
N TRP A 175 6.84 53.01 -13.75
CA TRP A 175 6.31 51.67 -13.79
C TRP A 175 7.39 50.60 -13.68
N ASP A 176 8.66 50.93 -13.97
CA ASP A 176 9.68 49.92 -13.95
C ASP A 176 10.18 49.70 -12.54
N ALA A 177 10.38 50.79 -11.81
CA ALA A 177 10.76 50.76 -10.41
C ALA A 177 9.68 50.11 -9.59
N PHE A 178 8.44 50.06 -10.13
CA PHE A 178 7.33 49.43 -9.45
C PHE A 178 7.42 47.91 -9.58
N ILE A 179 7.66 47.44 -10.82
CA ILE A 179 7.82 46.01 -11.07
C ILE A 179 8.98 45.48 -10.21
N GLY A 180 10.04 46.29 -10.10
CA GLY A 180 11.17 45.91 -9.28
C GLY A 180 11.71 44.55 -9.73
N PRO A 181 11.83 43.58 -8.81
CA PRO A 181 12.36 42.27 -9.17
C PRO A 181 11.34 41.29 -9.75
N ALA A 182 10.05 41.66 -9.76
CA ALA A 182 9.01 40.79 -10.28
C ALA A 182 9.20 40.65 -11.78
N PRO A 183 8.56 39.68 -12.47
CA PRO A 183 8.64 39.62 -13.93
C PRO A 183 7.89 40.81 -14.53
N TYR A 184 8.43 41.40 -15.60
CA TYR A 184 7.85 42.62 -16.20
C TYR A 184 6.56 42.27 -16.93
N ARG A 185 5.65 43.25 -16.98
CA ARG A 185 4.43 43.16 -17.76
C ARG A 185 3.93 44.56 -18.19
N PRO A 186 3.06 44.58 -19.24
CA PRO A 186 2.43 45.83 -19.66
C PRO A 186 1.65 46.41 -18.49
N TYR A 187 1.77 47.74 -18.35
CA TYR A 187 1.10 48.51 -17.31
C TYR A 187 -0.43 48.52 -17.51
N ASN A 188 -1.12 48.66 -16.38
CA ASN A 188 -2.56 48.82 -16.30
C ASN A 188 -2.82 49.27 -14.87
N ALA A 189 -3.90 50.01 -14.63
CA ALA A 189 -4.15 50.56 -13.30
C ALA A 189 -4.81 49.53 -12.38
N ILE A 190 -5.06 48.34 -12.91
CA ILE A 190 -5.56 47.25 -12.10
C ILE A 190 -4.43 46.80 -11.17
N TYR A 191 -3.17 47.15 -11.44
CA TYR A 191 -2.05 46.68 -10.67
C TYR A 191 -1.61 47.66 -9.59
N THR A 192 -1.83 48.96 -9.72
CA THR A 192 -1.39 49.93 -8.72
C THR A 192 -2.13 51.24 -8.98
N PRO A 193 -2.30 52.15 -8.02
CA PRO A 193 -2.13 51.91 -6.59
C PRO A 193 -3.15 50.94 -6.00
N TRP A 194 -2.75 50.34 -4.87
CA TRP A 194 -3.61 49.64 -3.94
C TRP A 194 -3.97 48.23 -4.42
N ASN A 195 -4.44 48.04 -5.66
CA ASN A 195 -5.10 46.80 -6.04
C ASN A 195 -4.13 45.64 -6.33
N PHE A 196 -2.82 45.85 -6.12
CA PHE A 196 -1.83 44.78 -6.24
C PHE A 196 -2.10 43.58 -5.29
N ARG A 197 -2.89 43.81 -4.25
CA ARG A 197 -3.22 42.79 -3.29
C ARG A 197 -3.65 41.50 -3.99
N GLY A 198 -4.47 41.57 -5.02
CA GLY A 198 -4.98 40.31 -5.55
C GLY A 198 -4.11 39.68 -6.64
N TRP A 199 -2.83 40.05 -6.73
CA TRP A 199 -1.98 39.56 -7.81
C TRP A 199 -0.82 38.78 -7.21
N TRP A 200 -0.63 37.56 -7.68
CA TRP A 200 0.40 36.71 -7.10
C TRP A 200 1.76 37.39 -7.09
N ASP A 201 2.15 38.11 -8.16
CA ASP A 201 3.54 38.50 -8.31
C ASP A 201 3.89 39.75 -7.52
N PHE A 202 2.87 40.38 -6.89
CA PHE A 202 3.03 41.64 -6.20
C PHE A 202 2.49 41.54 -4.77
N GLY A 203 1.35 40.84 -4.60
CA GLY A 203 0.71 40.76 -3.30
C GLY A 203 0.55 39.33 -2.79
N THR A 204 -0.17 39.18 -1.69
CA THR A 204 -0.33 37.86 -1.10
C THR A 204 -1.81 37.63 -0.79
N GLY A 205 -2.69 38.44 -1.40
CA GLY A 205 -4.11 38.24 -1.26
C GLY A 205 -4.58 38.66 0.13
N ALA A 206 -5.67 38.02 0.59
CA ALA A 206 -6.20 38.25 1.95
C ALA A 206 -5.16 37.88 2.99
N LEU A 207 -4.37 36.82 2.74
CA LEU A 207 -3.28 36.45 3.64
C LEU A 207 -2.42 37.69 3.96
N GLY A 208 -1.89 38.38 2.96
CA GLY A 208 -0.97 39.48 3.18
C GLY A 208 -1.68 40.72 3.72
N ASP A 209 -2.99 40.84 3.51
CA ASP A 209 -3.66 42.07 3.86
C ASP A 209 -4.16 42.05 5.30
N MET A 210 -4.45 40.87 5.84
CA MET A 210 -5.15 40.69 7.11
C MET A 210 -4.55 39.61 8.02
N ALA A 211 -3.79 38.62 7.54
CA ALA A 211 -3.43 37.53 8.42
C ALA A 211 -2.38 37.96 9.45
N CYS A 212 -1.43 38.85 9.12
CA CYS A 212 -0.48 39.32 10.12
C CYS A 212 -1.17 40.07 11.26
N HIS A 213 -2.36 40.62 11.03
CA HIS A 213 -3.08 41.28 12.09
C HIS A 213 -3.80 40.25 12.97
N ILE A 214 -4.36 39.23 12.33
CA ILE A 214 -5.21 38.23 12.97
C ILE A 214 -4.44 37.14 13.72
N LEU A 215 -3.37 36.60 13.11
CA LEU A 215 -2.72 35.44 13.66
C LEU A 215 -1.59 35.82 14.60
N HIS A 216 -1.37 37.08 14.92
CA HIS A 216 -0.20 37.38 15.73
C HIS A 216 -0.36 36.84 17.15
N PRO A 217 -1.55 36.91 17.79
CA PRO A 217 -1.74 36.28 19.10
C PRO A 217 -1.54 34.76 19.10
N VAL A 218 -1.88 34.10 17.99
CA VAL A 218 -1.77 32.65 17.90
C VAL A 218 -0.30 32.28 17.85
N PHE A 219 0.53 33.06 17.20
CA PHE A 219 1.93 32.71 17.02
C PHE A 219 2.72 33.05 18.28
N LYS A 220 2.42 34.13 18.95
CA LYS A 220 3.27 34.53 20.06
C LYS A 220 2.88 33.76 21.31
N GLY A 221 1.56 33.58 21.47
CA GLY A 221 0.93 32.94 22.62
C GLY A 221 1.22 31.44 22.70
N LEU A 222 1.29 30.78 21.55
CA LEU A 222 1.65 29.38 21.52
C LEU A 222 3.13 29.21 21.26
N LYS A 223 3.90 30.28 21.33
CA LYS A 223 5.30 30.28 20.95
C LYS A 223 5.60 29.32 19.80
N LEU A 224 5.05 29.63 18.63
CA LEU A 224 5.22 28.82 17.44
C LEU A 224 6.55 29.19 16.77
N GLY A 225 7.02 28.27 15.90
CA GLY A 225 8.19 28.44 15.09
C GLY A 225 7.86 27.93 13.70
N TYR A 226 8.61 26.95 13.18
CA TYR A 226 8.29 26.43 11.87
C TYR A 226 7.18 25.42 11.98
N PRO A 227 6.24 25.36 11.01
CA PRO A 227 5.25 24.29 11.00
C PRO A 227 5.86 23.06 10.37
N THR A 228 5.16 21.94 10.47
CA THR A 228 5.70 20.71 9.90
C THR A 228 4.82 20.31 8.72
N LYS A 229 3.54 20.67 8.73
CA LYS A 229 2.66 20.24 7.66
C LYS A 229 1.71 21.37 7.28
N VAL A 230 1.44 21.56 6.00
CA VAL A 230 0.45 22.53 5.60
C VAL A 230 -0.32 22.02 4.40
N GLN A 231 -1.59 22.35 4.41
CA GLN A 231 -2.48 22.06 3.29
C GLN A 231 -3.54 23.15 3.11
N GLY A 232 -3.97 23.35 1.88
CA GLY A 232 -4.91 24.38 1.50
C GLY A 232 -5.91 23.89 0.44
N SER A 233 -7.08 24.48 0.41
CA SER A 233 -7.96 24.38 -0.74
C SER A 233 -8.56 25.77 -0.98
N SER A 234 -9.15 25.99 -2.15
CA SER A 234 -9.69 27.32 -2.44
C SER A 234 -10.78 27.29 -3.51
N THR A 235 -11.44 28.43 -3.75
CA THR A 235 -12.28 28.57 -4.92
C THR A 235 -11.37 28.61 -6.15
N LEU A 236 -11.96 28.55 -7.34
CA LEU A 236 -11.21 28.48 -8.59
C LEU A 236 -9.90 29.23 -8.43
N LEU A 237 -8.80 28.52 -8.71
CA LEU A 237 -7.46 29.09 -8.53
C LEU A 237 -6.81 29.44 -9.86
N LEU A 238 -6.47 30.70 -10.03
CA LEU A 238 -5.96 31.19 -11.28
C LEU A 238 -4.45 31.36 -11.18
N ASN A 239 -3.85 31.65 -12.32
CA ASN A 239 -2.41 31.57 -12.40
C ASN A 239 -1.80 32.90 -12.00
N GLU A 240 -2.54 34.01 -12.09
CA GLU A 240 -1.95 35.33 -11.81
C GLU A 240 -2.63 36.03 -10.63
N SER A 241 -3.84 35.59 -10.27
CA SER A 241 -4.71 36.27 -9.32
C SER A 241 -5.15 35.32 -8.21
N ALA A 242 -5.13 35.85 -6.97
CA ALA A 242 -5.53 35.09 -5.80
C ALA A 242 -7.03 34.79 -5.84
N PRO A 243 -7.55 33.79 -5.10
CA PRO A 243 -8.93 33.37 -5.27
C PRO A 243 -9.84 34.04 -4.27
N MET A 244 -11.14 33.88 -4.51
CA MET A 244 -12.17 34.59 -3.78
C MET A 244 -12.21 34.18 -2.32
N ALA A 245 -11.95 32.89 -2.07
CA ALA A 245 -11.98 32.30 -0.75
C ALA A 245 -11.02 31.11 -0.59
N GLN A 246 -10.26 31.03 0.51
CA GLN A 246 -9.39 29.88 0.76
C GLN A 246 -9.60 29.35 2.18
N THR A 247 -9.30 28.04 2.38
CA THR A 247 -9.08 27.41 3.70
C THR A 247 -7.68 26.81 3.75
N VAL A 248 -6.90 27.13 4.76
CA VAL A 248 -5.61 26.53 4.97
C VAL A 248 -5.60 25.88 6.34
N LYS A 249 -4.91 24.73 6.47
CA LYS A 249 -4.68 24.06 7.76
C LYS A 249 -3.18 23.85 7.99
N PHE A 250 -2.62 24.47 9.03
CA PHE A 250 -1.24 24.20 9.42
C PHE A 250 -1.19 23.26 10.63
N VAL A 251 -0.03 22.60 10.80
CA VAL A 251 0.25 21.78 11.97
C VAL A 251 1.62 22.19 12.49
N PHE A 252 1.71 22.56 13.76
CA PHE A 252 3.01 22.85 14.31
C PHE A 252 3.39 21.75 15.29
N PRO A 253 4.70 21.53 15.49
CA PRO A 253 5.15 20.51 16.42
C PRO A 253 5.07 21.00 17.85
N ALA A 254 5.20 20.06 18.80
CA ALA A 254 5.25 20.42 20.21
C ALA A 254 6.49 21.25 20.49
N ARG A 255 6.34 22.20 21.41
CA ARG A 255 7.46 22.99 21.84
C ARG A 255 7.69 22.65 23.31
N ASP A 256 8.83 23.09 23.82
CA ASP A 256 9.07 23.10 25.26
C ASP A 256 7.80 23.50 26.01
N ASN A 257 7.48 22.80 27.09
CA ASN A 257 6.36 23.17 27.93
C ASN A 257 6.77 24.36 28.77
N MET A 258 5.77 25.11 29.22
CA MET A 258 5.99 26.16 30.20
C MET A 258 5.50 25.72 31.58
N PRO A 259 5.97 26.32 32.69
CA PRO A 259 5.54 25.85 34.02
C PRO A 259 4.05 25.58 34.21
N LYS A 260 3.16 26.43 33.63
CA LYS A 260 1.76 26.35 33.96
C LYS A 260 0.89 25.86 32.80
N VAL A 261 1.49 25.62 31.62
CA VAL A 261 0.75 25.17 30.45
C VAL A 261 1.67 24.34 29.56
N ALA A 262 1.13 23.27 28.99
CA ALA A 262 1.92 22.46 28.09
C ALA A 262 1.74 22.95 26.67
N MET A 263 2.72 22.66 25.81
CA MET A 263 2.71 23.13 24.44
C MET A 263 2.74 21.95 23.47
N PRO A 264 1.68 21.13 23.38
CA PRO A 264 1.61 20.05 22.42
C PRO A 264 1.57 20.49 20.96
N GLU A 265 1.78 19.52 20.07
CA GLU A 265 1.45 19.68 18.66
C GLU A 265 0.07 20.33 18.55
N VAL A 266 0.01 21.43 17.75
CA VAL A 266 -1.21 22.23 17.53
C VAL A 266 -1.55 22.34 16.05
N GLU A 267 -2.85 22.22 15.71
CA GLU A 267 -3.36 22.44 14.36
C GLU A 267 -3.95 23.84 14.26
N VAL A 268 -3.60 24.64 13.25
CA VAL A 268 -4.08 26.01 13.09
C VAL A 268 -4.91 26.08 11.81
N TYR A 269 -6.22 26.31 11.89
CA TYR A 269 -7.05 26.48 10.71
C TYR A 269 -7.18 27.97 10.35
N TRP A 270 -7.11 28.30 9.05
CA TRP A 270 -7.38 29.66 8.54
C TRP A 270 -8.51 29.62 7.50
N TYR A 271 -9.50 30.50 7.66
CA TYR A 271 -10.57 30.64 6.68
C TYR A 271 -10.68 32.09 6.22
N ASP A 272 -11.11 32.32 4.99
CA ASP A 272 -11.42 33.68 4.57
C ASP A 272 -12.37 33.71 3.38
N GLY A 273 -12.84 34.91 3.07
CA GLY A 273 -13.66 35.13 1.88
C GLY A 273 -15.13 34.90 2.19
N GLY A 274 -15.46 34.89 3.48
CA GLY A 274 -16.82 34.63 3.91
C GLY A 274 -16.87 33.40 4.78
N LEU A 275 -15.94 32.47 4.54
CA LEU A 275 -15.98 31.16 5.16
C LEU A 275 -15.65 31.35 6.63
N LYS A 276 -16.35 30.62 7.49
CA LYS A 276 -16.21 30.75 8.93
C LYS A 276 -15.99 29.39 9.60
N PRO A 277 -15.18 29.35 10.69
CA PRO A 277 -15.06 28.15 11.51
C PRO A 277 -16.46 27.93 12.10
N ALA A 278 -16.86 26.65 12.34
CA ALA A 278 -18.16 26.42 12.97
C ALA A 278 -18.10 26.96 14.41
N ARG A 279 -19.26 27.28 14.97
CA ARG A 279 -19.30 28.02 16.22
C ARG A 279 -18.82 27.12 17.36
N PRO A 280 -17.96 27.62 18.29
CA PRO A 280 -17.58 26.90 19.51
C PRO A 280 -18.75 26.48 20.39
N GLU A 281 -18.59 25.35 21.10
CA GLU A 281 -19.55 24.97 22.14
C GLU A 281 -19.46 25.97 23.28
N GLY A 282 -20.63 26.40 23.73
CA GLY A 282 -20.71 27.30 24.86
C GLY A 282 -20.96 28.75 24.45
N LEU A 283 -20.56 29.13 23.21
CA LEU A 283 -20.67 30.51 22.77
C LEU A 283 -22.14 30.88 22.61
N PRO A 284 -22.58 32.00 23.21
CA PRO A 284 -23.96 32.48 23.03
C PRO A 284 -24.44 32.58 21.58
N ALA A 285 -25.65 32.10 21.29
CA ALA A 285 -26.27 32.41 20.00
C ALA A 285 -26.34 33.92 19.84
N GLY A 286 -25.89 34.43 18.67
CA GLY A 286 -25.91 35.85 18.42
C GLY A 286 -24.58 36.54 18.65
N LYS A 287 -23.64 35.96 19.41
CA LYS A 287 -22.35 36.60 19.52
C LYS A 287 -21.61 36.46 18.19
N ASP A 288 -21.09 37.58 17.66
CA ASP A 288 -20.41 37.59 16.36
C ASP A 288 -18.94 37.19 16.54
N LEU A 289 -18.48 36.26 15.71
CA LEU A 289 -17.09 35.84 15.79
C LEU A 289 -16.14 36.92 15.22
N ASN A 290 -16.68 37.73 14.30
CA ASN A 290 -15.89 38.79 13.68
C ASN A 290 -15.82 39.97 14.63
N MET A 291 -14.64 40.45 14.96
CA MET A 291 -14.51 41.73 15.65
C MET A 291 -13.33 42.48 15.05
N ALA A 292 -13.64 43.62 14.40
CA ALA A 292 -12.63 44.44 13.74
C ALA A 292 -12.02 43.69 12.55
N GLY A 293 -12.74 42.72 12.00
CA GLY A 293 -12.49 42.20 10.67
C GLY A 293 -12.03 40.75 10.62
N GLY A 294 -12.16 40.05 11.75
CA GLY A 294 -11.65 38.70 11.86
C GLY A 294 -11.88 38.13 13.25
N GLY A 295 -11.41 36.89 13.43
CA GLY A 295 -11.58 36.20 14.71
C GLY A 295 -10.50 35.15 14.94
N VAL A 296 -10.23 34.86 16.21
CA VAL A 296 -9.42 33.72 16.66
C VAL A 296 -10.22 32.96 17.71
N ILE A 297 -10.29 31.65 17.57
CA ILE A 297 -10.80 30.77 18.62
C ILE A 297 -9.69 29.82 19.07
N PHE A 298 -9.12 30.01 20.26
CA PHE A 298 -8.25 29.01 20.86
C PHE A 298 -9.10 27.96 21.57
N TYR A 299 -9.08 26.70 21.06
CA TYR A 299 -9.73 25.59 21.73
C TYR A 299 -8.79 25.02 22.77
N GLY A 300 -9.19 25.13 24.04
CA GLY A 300 -8.33 24.70 25.14
C GLY A 300 -9.02 23.58 25.88
N THR A 301 -8.26 22.82 26.69
CA THR A 301 -8.77 21.62 27.33
C THR A 301 -9.66 22.01 28.48
N LYS A 302 -9.47 23.21 29.02
CA LYS A 302 -10.24 23.65 30.18
C LYS A 302 -11.21 24.78 29.81
N ASP A 303 -10.93 25.55 28.76
CA ASP A 303 -11.81 26.66 28.37
C ASP A 303 -11.49 27.10 26.93
N THR A 304 -12.38 27.93 26.35
CA THR A 304 -12.24 28.39 24.98
C THR A 304 -12.00 29.90 25.04
N LEU A 305 -10.88 30.37 24.47
CA LEU A 305 -10.49 31.78 24.47
C LEU A 305 -10.67 32.37 23.06
N ILE A 306 -11.42 33.47 22.94
CA ILE A 306 -11.77 34.08 21.67
C ILE A 306 -11.29 35.53 21.64
N CYS A 307 -10.66 35.94 20.55
CA CYS A 307 -10.38 37.35 20.32
C CYS A 307 -10.77 37.82 18.89
N GLY A 308 -10.63 39.12 18.67
CA GLY A 308 -10.87 39.72 17.36
C GLY A 308 -9.55 39.91 16.65
N CYS A 309 -9.64 40.69 15.57
CA CYS A 309 -8.50 41.14 14.82
C CYS A 309 -7.68 42.06 15.73
N TYR A 310 -6.36 42.13 15.50
CA TYR A 310 -5.46 43.00 16.26
C TYR A 310 -5.51 42.58 17.73
N GLY A 311 -5.83 41.29 17.91
CA GLY A 311 -6.04 40.69 19.21
C GLY A 311 -7.04 41.39 20.14
N VAL A 312 -8.04 42.11 19.61
CA VAL A 312 -8.85 42.96 20.49
C VAL A 312 -9.83 42.10 21.31
N ASN A 313 -10.06 42.56 22.54
CA ASN A 313 -11.22 42.19 23.36
C ASN A 313 -11.30 40.69 23.58
N PRO A 314 -10.19 40.05 24.02
CA PRO A 314 -10.22 38.64 24.37
C PRO A 314 -11.19 38.33 25.51
N TYR A 315 -11.92 37.22 25.37
CA TYR A 315 -12.85 36.76 26.37
C TYR A 315 -12.81 35.24 26.43
N LEU A 316 -13.19 34.65 27.56
CA LEU A 316 -13.33 33.20 27.68
C LEU A 316 -14.82 32.85 27.58
N VAL A 317 -15.13 31.82 26.79
CA VAL A 317 -16.51 31.41 26.56
C VAL A 317 -17.23 31.13 27.88
N SER A 318 -16.53 30.62 28.89
CA SER A 318 -17.18 30.18 30.11
C SER A 318 -17.84 31.36 30.84
N GLY A 319 -17.21 32.54 30.73
CA GLY A 319 -17.62 33.67 31.53
C GLY A 319 -16.49 34.14 32.45
N ARG A 320 -15.43 33.37 32.61
CA ARG A 320 -14.42 33.78 33.57
C ARG A 320 -13.57 34.89 32.98
N VAL A 321 -13.25 35.92 33.76
CA VAL A 321 -12.26 36.92 33.36
C VAL A 321 -11.07 36.74 34.28
N PRO A 322 -10.03 36.05 33.82
CA PRO A 322 -8.86 35.81 34.66
C PRO A 322 -8.14 37.08 35.03
N ASN A 323 -7.21 36.89 35.94
CA ASN A 323 -6.43 37.95 36.54
C ASN A 323 -5.01 37.41 36.65
N ALA A 324 -4.37 37.23 35.49
CA ALA A 324 -3.14 36.47 35.43
C ALA A 324 -1.97 37.38 35.72
N PRO A 325 -0.81 36.84 36.13
CA PRO A 325 0.36 37.68 36.39
C PRO A 325 0.76 38.34 35.07
N LYS A 326 1.13 39.64 35.21
CA LYS A 326 1.68 40.49 34.16
C LYS A 326 3.06 39.98 33.80
N VAL A 327 3.33 39.73 32.50
CA VAL A 327 4.63 39.19 32.11
C VAL A 327 5.21 39.99 30.94
N LEU A 328 4.38 40.46 30.02
CA LEU A 328 4.89 41.20 28.87
C LEU A 328 4.95 42.69 29.19
N ARG A 329 5.94 43.38 28.61
CA ARG A 329 6.13 44.82 28.74
C ARG A 329 4.91 45.54 28.20
N GLU A 330 4.46 46.55 28.95
CA GLU A 330 3.35 47.39 28.51
C GLU A 330 3.89 48.59 27.72
N ILE A 331 3.57 48.60 26.42
CA ILE A 331 4.02 49.60 25.45
C ILE A 331 3.17 50.88 25.55
N LYS A 332 3.82 51.98 25.93
CA LYS A 332 3.15 53.21 26.30
C LYS A 332 3.06 54.18 25.11
N GLU A 333 4.14 54.30 24.32
CA GLU A 333 4.15 55.06 23.06
C GLU A 333 3.44 54.23 21.99
N SER A 334 3.40 54.79 20.77
CA SER A 334 2.71 54.15 19.66
C SER A 334 3.57 53.05 19.07
N HIS A 335 2.98 52.34 18.12
CA HIS A 335 3.69 51.24 17.49
C HIS A 335 4.91 51.71 16.71
N GLN A 336 4.90 52.97 16.29
CA GLN A 336 5.96 53.48 15.45
C GLN A 336 7.02 54.12 16.33
N MET A 337 6.57 54.80 17.38
CA MET A 337 7.46 55.59 18.21
C MET A 337 8.22 54.71 19.22
N ASP A 338 7.73 53.47 19.40
CA ASP A 338 8.41 52.44 20.15
C ASP A 338 9.56 51.93 19.30
N TRP A 339 9.32 51.70 18.01
CA TRP A 339 10.41 51.39 17.13
C TRP A 339 11.47 52.49 17.13
N VAL A 340 11.04 53.73 17.22
CA VAL A 340 12.00 54.83 17.21
C VAL A 340 12.89 54.73 18.45
N ARG A 341 12.28 54.50 19.61
CA ARG A 341 12.98 54.43 20.87
C ARG A 341 14.08 53.38 20.76
N ALA A 342 13.68 52.20 20.25
CA ALA A 342 14.57 51.09 20.05
C ALA A 342 15.77 51.48 19.18
N CYS A 343 15.59 52.36 18.18
CA CYS A 343 16.68 52.80 17.31
C CYS A 343 17.73 53.62 18.06
N LYS A 344 17.33 54.25 19.18
CA LYS A 344 18.18 55.18 19.89
C LYS A 344 18.87 54.53 21.07
N GLU A 345 18.55 53.26 21.33
CA GLU A 345 19.29 52.48 22.30
C GLU A 345 20.53 51.92 21.63
N ASP A 346 21.60 51.73 22.41
CA ASP A 346 22.78 51.02 21.92
C ASP A 346 22.38 49.56 21.76
N ALA A 347 22.93 48.91 20.73
CA ALA A 347 22.64 47.54 20.34
C ALA A 347 22.69 46.54 21.52
N ASP A 348 23.61 46.79 22.47
CA ASP A 348 23.87 45.90 23.56
C ASP A 348 22.81 45.99 24.66
N ASP A 349 22.09 47.13 24.77
CA ASP A 349 21.08 47.33 25.80
C ASP A 349 19.68 47.42 25.22
N ARG A 350 19.54 47.18 23.92
CA ARG A 350 18.32 47.55 23.25
C ARG A 350 17.22 46.58 23.66
N VAL A 351 16.15 47.14 24.23
CA VAL A 351 14.89 46.45 24.36
C VAL A 351 14.22 46.47 22.99
N PRO A 352 14.04 45.31 22.35
CA PRO A 352 13.47 45.29 21.01
C PRO A 352 12.05 45.81 21.08
N SER A 353 11.56 46.35 19.99
CA SER A 353 10.15 46.72 19.86
C SER A 353 9.30 45.48 19.66
N ALA A 354 7.99 45.63 19.69
CA ALA A 354 7.08 44.50 19.78
C ALA A 354 7.09 43.62 18.53
N SER A 355 7.64 44.12 17.42
CA SER A 355 7.56 43.38 16.17
C SER A 355 8.92 43.26 15.54
N ASP A 356 9.97 43.25 16.36
CA ASP A 356 11.33 43.00 15.92
C ASP A 356 11.37 41.75 15.01
N PHE A 357 12.21 41.80 13.97
CA PHE A 357 12.21 40.78 12.93
C PHE A 357 12.55 39.42 13.53
N SER A 358 13.19 39.41 14.71
CA SER A 358 13.41 38.16 15.41
C SER A 358 12.09 37.41 15.62
N GLU A 359 10.97 38.10 15.83
CA GLU A 359 9.66 37.45 15.96
C GLU A 359 8.90 37.49 14.63
N ALA A 360 8.84 38.66 14.02
CA ALA A 360 8.00 38.81 12.86
C ALA A 360 8.60 38.09 11.65
N GLY A 361 9.92 37.97 11.55
CA GLY A 361 10.51 37.16 10.51
C GLY A 361 9.83 35.78 10.40
N PRO A 362 9.96 34.90 11.41
CA PRO A 362 9.23 33.63 11.43
C PRO A 362 7.70 33.68 11.34
N PHE A 363 7.12 34.71 11.93
CA PHE A 363 5.68 34.90 11.84
C PHE A 363 5.25 35.08 10.38
N ASN A 364 5.98 35.91 9.63
CA ASN A 364 5.61 36.11 8.25
C ASN A 364 5.80 34.84 7.46
N GLU A 365 6.84 34.08 7.81
CA GLU A 365 7.07 32.80 7.15
C GLU A 365 5.85 31.89 7.21
N MET A 366 5.04 31.99 8.27
CA MET A 366 3.86 31.15 8.39
C MET A 366 2.72 31.75 7.56
N VAL A 367 2.54 33.07 7.61
CA VAL A 367 1.51 33.71 6.81
C VAL A 367 1.71 33.39 5.33
N VAL A 368 2.92 33.68 4.82
CA VAL A 368 3.24 33.57 3.41
C VAL A 368 3.26 32.11 2.96
N MET A 369 3.54 31.22 3.92
CA MET A 369 3.51 29.78 3.71
C MET A 369 2.11 29.32 3.29
N GLY A 370 1.07 30.06 3.71
CA GLY A 370 -0.29 29.70 3.35
C GLY A 370 -0.55 29.92 1.86
N VAL A 371 0.21 30.83 1.27
CA VAL A 371 0.12 31.00 -0.16
C VAL A 371 0.63 29.73 -0.82
N LEU A 372 1.79 29.25 -0.38
CA LEU A 372 2.35 28.08 -1.05
C LEU A 372 1.34 26.93 -0.94
N ALA A 373 0.70 26.76 0.22
CA ALA A 373 -0.28 25.72 0.43
C ALA A 373 -1.41 25.78 -0.62
N VAL A 374 -1.90 26.99 -0.88
CA VAL A 374 -3.06 27.16 -1.73
C VAL A 374 -2.68 26.90 -3.18
N ARG A 375 -1.48 27.30 -3.62
CA ARG A 375 -1.08 27.15 -5.02
C ARG A 375 -0.58 25.75 -5.34
N LEU A 376 -0.09 25.02 -4.35
CA LEU A 376 0.35 23.66 -4.58
C LEU A 376 -0.79 22.67 -4.29
N GLN A 377 -2.00 23.17 -4.16
CA GLN A 377 -3.12 22.36 -3.75
C GLN A 377 -3.42 21.20 -4.68
N ASN A 378 -2.91 21.18 -5.89
CA ASN A 378 -3.38 20.19 -6.84
C ASN A 378 -2.61 18.91 -6.66
N LEU A 379 -1.48 19.01 -5.94
CA LEU A 379 -0.68 17.86 -5.54
C LEU A 379 -1.46 16.86 -4.67
N ASN A 380 -2.52 17.27 -3.96
CA ASN A 380 -3.43 16.33 -3.29
C ASN A 380 -2.73 15.50 -2.20
N ARG A 381 -2.19 16.24 -1.22
CA ARG A 381 -1.20 15.77 -0.27
C ARG A 381 -0.98 16.82 0.80
N GLU A 382 -1.01 16.36 2.06
CA GLU A 382 -0.44 17.16 3.12
C GLU A 382 0.99 17.49 2.72
N LEU A 383 1.40 18.74 2.77
CA LEU A 383 2.74 19.06 2.33
C LEU A 383 3.63 19.07 3.56
N LEU A 384 4.74 18.35 3.52
CA LEU A 384 5.59 18.31 4.69
C LEU A 384 6.70 19.32 4.51
N TRP A 385 6.84 20.20 5.47
CA TRP A 385 7.78 21.29 5.39
C TRP A 385 8.98 21.04 6.32
N ASP A 386 10.18 21.12 5.76
CA ASP A 386 11.37 21.28 6.56
C ASP A 386 11.75 22.76 6.66
N GLY A 387 11.61 23.30 7.88
CA GLY A 387 11.78 24.73 8.10
C GLY A 387 13.24 25.18 7.97
N PRO A 388 14.18 24.59 8.70
CA PRO A 388 15.58 25.03 8.63
C PRO A 388 16.21 25.03 7.24
N ASN A 389 15.70 24.21 6.32
CA ASN A 389 16.21 24.23 4.96
C ASN A 389 15.26 24.82 3.93
N MET A 390 14.10 25.34 4.37
CA MET A 390 13.17 26.05 3.52
C MET A 390 12.84 25.19 2.29
N ARG A 391 12.24 23.99 2.50
CA ARG A 391 11.78 23.20 1.37
C ARG A 391 10.77 22.16 1.82
N PHE A 392 9.88 21.79 0.90
CA PHE A 392 8.98 20.68 1.11
C PHE A 392 9.81 19.41 0.87
N THR A 393 9.42 18.34 1.56
CA THR A 393 10.21 17.12 1.55
C THR A 393 9.43 16.07 0.80
N ASN A 394 8.22 16.37 0.36
CA ASN A 394 7.36 15.26 -0.01
C ASN A 394 6.64 15.52 -1.32
N ILE A 395 7.32 16.26 -2.21
CA ILE A 395 6.81 16.48 -3.55
C ILE A 395 7.56 15.53 -4.48
N PRO A 396 6.88 14.67 -5.26
CA PRO A 396 7.56 13.80 -6.19
C PRO A 396 8.33 14.61 -7.24
N ASP A 397 9.43 14.02 -7.77
CA ASP A 397 10.29 14.72 -8.70
C ASP A 397 9.68 14.81 -10.10
N ASP A 398 8.54 14.15 -10.34
CA ASP A 398 7.92 14.10 -11.65
C ASP A 398 6.48 14.63 -11.66
N ALA A 399 5.93 14.91 -10.48
CA ALA A 399 4.64 15.60 -10.38
C ALA A 399 4.79 17.01 -10.95
N THR A 400 3.63 17.51 -11.38
CA THR A 400 3.54 18.77 -12.10
C THR A 400 2.35 19.57 -11.58
N ILE A 401 2.37 20.85 -11.97
CA ILE A 401 1.42 21.85 -11.54
C ILE A 401 0.89 22.52 -12.79
N SER A 402 -0.40 22.84 -12.77
CA SER A 402 -1.07 23.62 -13.81
C SER A 402 -2.15 24.50 -13.19
N ALA A 403 -2.21 25.78 -13.54
CA ALA A 403 -3.29 26.64 -13.04
C ALA A 403 -4.32 26.94 -14.11
N VAL A 404 -5.52 27.38 -13.72
CA VAL A 404 -6.48 27.92 -14.71
C VAL A 404 -6.04 29.32 -15.09
N ILE A 405 -6.11 29.64 -16.38
CA ILE A 405 -5.86 31.00 -16.88
C ILE A 405 -7.15 31.85 -16.87
N LYS A 406 -8.19 31.33 -17.54
CA LYS A 406 -9.47 32.01 -17.67
C LYS A 406 -10.61 30.99 -17.83
N ASP A 407 -11.72 31.23 -17.11
CA ASP A 407 -12.93 30.46 -17.22
C ASP A 407 -13.69 30.81 -18.49
N GLY A 408 -14.14 29.81 -19.25
CA GLY A 408 -14.86 30.04 -20.49
C GLY A 408 -16.31 29.57 -20.46
N PHE A 409 -17.00 29.66 -19.31
CA PHE A 409 -18.35 29.10 -19.25
C PHE A 409 -19.25 29.90 -20.19
N HIS A 410 -20.10 29.25 -20.97
CA HIS A 410 -21.08 29.96 -21.78
C HIS A 410 -22.22 29.01 -22.11
N ILE A 411 -23.44 29.51 -22.32
CA ILE A 411 -24.54 28.65 -22.76
C ILE A 411 -24.84 28.94 -24.23
N LYS A 412 -25.33 27.94 -24.95
CA LYS A 412 -25.27 27.92 -26.41
C LYS A 412 -26.54 27.24 -26.93
N ASP A 413 -27.58 28.06 -27.14
CA ASP A 413 -28.93 27.59 -27.51
C ASP A 413 -29.44 26.66 -26.39
N GLY A 414 -29.18 27.06 -25.15
CA GLY A 414 -29.71 26.36 -23.98
C GLY A 414 -28.80 25.29 -23.39
N HIS A 415 -27.93 24.62 -24.18
CA HIS A 415 -27.07 23.54 -23.69
C HIS A 415 -25.76 24.18 -23.21
N PRO A 416 -25.23 23.89 -22.00
CA PRO A 416 -24.04 24.57 -21.48
C PRO A 416 -22.71 23.99 -21.90
N THR A 417 -21.65 24.80 -21.74
CA THR A 417 -20.33 24.44 -22.22
C THR A 417 -19.34 24.84 -21.15
N PHE A 418 -18.48 23.91 -20.70
CA PHE A 418 -17.64 24.16 -19.57
C PHE A 418 -16.18 24.38 -19.98
N ASP A 419 -15.91 25.09 -21.06
CA ASP A 419 -14.54 25.39 -21.45
C ASP A 419 -13.78 26.17 -20.37
N LYS A 420 -12.46 26.06 -20.44
CA LYS A 420 -11.51 26.65 -19.51
C LYS A 420 -10.15 26.60 -20.17
N THR A 421 -9.29 27.56 -19.94
CA THR A 421 -7.96 27.44 -20.50
C THR A 421 -6.97 27.24 -19.36
N TRP A 422 -6.00 26.34 -19.55
CA TRP A 422 -5.01 26.03 -18.52
C TRP A 422 -3.59 26.39 -18.90
N THR A 423 -2.75 26.71 -17.92
CA THR A 423 -1.35 27.00 -18.19
C THR A 423 -0.65 25.72 -18.65
N ASP A 424 0.58 25.89 -19.18
CA ASP A 424 1.41 24.74 -19.57
C ASP A 424 1.93 24.11 -18.28
N PRO A 425 1.86 22.76 -18.11
CA PRO A 425 2.40 22.13 -16.90
C PRO A 425 3.89 22.41 -16.68
N VAL A 426 4.28 22.80 -15.45
CA VAL A 426 5.69 22.85 -15.05
C VAL A 426 5.93 21.85 -13.92
N ASN A 427 7.21 21.53 -13.74
CA ASN A 427 7.65 20.65 -12.68
C ASN A 427 7.32 21.24 -11.31
N ALA A 428 6.64 20.43 -10.49
CA ALA A 428 6.04 20.95 -9.27
C ALA A 428 7.14 21.32 -8.27
N GLN A 429 8.23 20.58 -8.31
CA GLN A 429 9.33 20.79 -7.39
C GLN A 429 10.01 22.13 -7.69
N GLN A 430 10.16 22.46 -8.97
CA GLN A 430 10.79 23.72 -9.34
C GLN A 430 9.80 24.88 -9.18
N PHE A 431 8.53 24.61 -9.45
CA PHE A 431 7.51 25.62 -9.21
C PHE A 431 7.62 26.08 -7.77
N ALA A 432 7.67 25.09 -6.87
CA ALA A 432 7.62 25.36 -5.43
C ALA A 432 8.88 26.08 -5.01
N GLN A 433 10.04 25.65 -5.52
CA GLN A 433 11.29 26.24 -5.10
C GLN A 433 11.18 27.74 -5.35
N GLU A 434 10.53 28.11 -6.47
CA GLU A 434 10.56 29.47 -6.99
C GLU A 434 9.56 30.35 -6.24
N LEU A 435 8.43 29.78 -5.75
CA LEU A 435 7.55 30.48 -4.82
C LEU A 435 8.24 30.77 -3.50
N ILE A 436 9.16 29.93 -3.08
CA ILE A 436 9.80 30.06 -1.81
C ILE A 436 10.97 31.03 -1.94
N LYS A 437 11.66 30.93 -3.05
CA LYS A 437 12.73 31.83 -3.38
C LYS A 437 12.62 32.27 -4.84
N HIS A 438 12.30 33.56 -5.03
CA HIS A 438 12.03 34.06 -6.35
C HIS A 438 13.34 34.20 -7.10
N THR A 439 13.26 34.10 -8.44
CA THR A 439 14.36 34.43 -9.33
C THR A 439 14.16 35.89 -9.70
N TYR A 440 15.09 36.75 -9.27
CA TYR A 440 14.91 38.18 -9.48
C TYR A 440 15.27 38.55 -10.91
N ARG A 441 14.41 39.40 -11.49
CA ARG A 441 14.63 40.01 -12.78
C ARG A 441 16.00 40.69 -12.80
N ASP A 442 16.69 40.57 -13.94
CA ASP A 442 18.06 41.04 -14.10
C ASP A 442 18.19 42.46 -13.61
N GLY A 443 19.25 42.81 -12.89
CA GLY A 443 19.42 44.15 -12.34
C GLY A 443 18.80 44.30 -10.96
N TRP A 444 18.33 43.21 -10.36
CA TRP A 444 17.78 43.24 -9.01
C TRP A 444 18.34 42.04 -8.26
N LYS A 445 18.94 42.33 -7.08
CA LYS A 445 19.87 41.47 -6.37
C LYS A 445 19.61 41.69 -4.87
N LEU A 446 19.37 40.59 -4.16
CA LEU A 446 19.33 40.60 -2.70
C LEU A 446 20.75 40.50 -2.17
N PRO A 447 21.04 41.04 -0.97
CA PRO A 447 22.26 40.70 -0.25
C PRO A 447 22.31 39.22 0.09
N ASP A 448 23.52 38.72 0.39
CA ASP A 448 23.73 37.31 0.67
C ASP A 448 23.11 36.92 1.99
N MET A 449 22.68 35.66 2.10
CA MET A 449 22.36 35.10 3.39
C MET A 449 23.66 35.06 4.24
N PRO A 450 23.69 35.54 5.50
CA PRO A 450 24.84 35.33 6.39
C PRO A 450 24.98 33.92 7.02
N ARG A 451 25.85 33.77 8.05
CA ARG A 451 26.03 32.57 8.92
C ARG A 451 27.04 31.61 8.26
N ASP B 1 -48.22 -5.32 -19.07
CA ASP B 1 -49.15 -4.31 -19.65
C ASP B 1 -48.51 -2.94 -19.48
N LYS B 2 -48.62 -2.01 -20.46
CA LYS B 2 -47.71 -0.90 -20.53
C LYS B 2 -48.20 0.34 -19.77
N LEU B 3 -47.26 1.00 -19.09
CA LEU B 3 -47.52 2.23 -18.36
C LEU B 3 -47.81 3.36 -19.34
N ASN B 4 -48.92 4.08 -19.11
CA ASN B 4 -49.18 5.33 -19.80
C ASN B 4 -48.57 6.50 -19.02
N ILE B 5 -47.57 7.18 -19.61
CA ILE B 5 -46.78 8.19 -18.91
C ILE B 5 -46.97 9.56 -19.57
N LEU B 6 -47.17 10.60 -18.75
CA LEU B 6 -47.03 11.98 -19.20
C LEU B 6 -45.67 12.50 -18.77
N GLY B 7 -45.07 13.38 -19.56
CA GLY B 7 -43.80 14.00 -19.19
C GLY B 7 -43.98 15.49 -19.00
N VAL B 8 -43.23 16.08 -18.07
CA VAL B 8 -43.34 17.50 -17.85
C VAL B 8 -41.93 18.00 -17.62
N GLY B 9 -41.34 18.56 -18.68
CA GLY B 9 -40.02 19.15 -18.56
C GLY B 9 -39.01 18.24 -19.20
N ILE B 10 -38.95 18.31 -20.52
CA ILE B 10 -38.49 17.22 -21.35
C ILE B 10 -37.23 17.62 -22.12
N GLY B 11 -36.76 18.86 -21.95
CA GLY B 11 -35.79 19.40 -22.88
C GLY B 11 -34.37 18.99 -22.54
N GLY B 12 -34.10 18.87 -21.23
CA GLY B 12 -32.74 18.65 -20.76
C GLY B 12 -32.57 17.24 -20.22
N ARG B 13 -32.51 17.10 -18.88
CA ARG B 13 -32.39 15.78 -18.31
C ARG B 13 -33.60 14.95 -18.70
N GLY B 14 -34.77 15.59 -18.76
CA GLY B 14 -36.03 14.91 -19.04
C GLY B 14 -35.94 14.09 -20.31
N SER B 15 -35.07 14.52 -21.23
CA SER B 15 -34.82 13.85 -22.49
C SER B 15 -34.30 12.42 -22.31
N SER B 16 -33.18 12.28 -21.56
CA SER B 16 -32.59 10.98 -21.27
C SER B 16 -33.48 10.16 -20.36
N VAL B 17 -34.24 10.78 -19.48
CA VAL B 17 -35.14 10.00 -18.67
C VAL B 17 -36.24 9.37 -19.53
N LEU B 18 -36.89 10.15 -20.39
CA LEU B 18 -37.91 9.61 -21.28
C LEU B 18 -37.35 8.47 -22.13
N ARG B 19 -36.02 8.48 -22.29
CA ARG B 19 -35.33 7.43 -23.00
C ARG B 19 -35.49 6.12 -22.24
N GLY B 20 -35.25 6.16 -20.93
CA GLY B 20 -35.42 5.00 -20.06
C GLY B 20 -36.84 4.42 -20.15
N LEU B 21 -37.83 5.29 -20.41
CA LEU B 21 -39.22 4.85 -20.24
C LEU B 21 -39.81 4.44 -21.58
N GLU B 22 -39.02 4.55 -22.65
CA GLU B 22 -39.50 4.42 -24.00
C GLU B 22 -40.21 3.09 -24.26
N SER B 23 -39.77 2.04 -23.60
CA SER B 23 -40.41 0.74 -23.64
C SER B 23 -41.91 0.83 -23.40
N GLN B 24 -42.33 1.92 -22.72
CA GLN B 24 -43.70 2.08 -22.25
C GLN B 24 -44.52 2.82 -23.30
N ASN B 25 -45.29 3.84 -22.87
CA ASN B 25 -46.12 4.63 -23.77
C ASN B 25 -46.02 6.12 -23.39
N ILE B 26 -45.19 6.91 -24.09
CA ILE B 26 -45.16 8.35 -23.84
C ILE B 26 -46.36 9.00 -24.57
N ILE B 27 -47.44 9.38 -23.86
CA ILE B 27 -48.66 9.80 -24.55
C ILE B 27 -48.86 11.31 -24.47
N GLY B 28 -48.08 12.01 -23.65
CA GLY B 28 -48.29 13.43 -23.43
C GLY B 28 -46.99 14.11 -23.01
N LEU B 29 -46.62 15.19 -23.70
CA LEU B 29 -45.40 15.91 -23.39
C LEU B 29 -45.75 17.37 -23.15
N CYS B 30 -45.16 17.96 -22.09
CA CYS B 30 -45.44 19.35 -21.76
C CYS B 30 -44.13 20.05 -21.41
N ASP B 31 -43.67 20.84 -22.37
CA ASP B 31 -42.57 21.74 -22.08
C ASP B 31 -43.06 23.16 -22.30
N VAL B 32 -42.41 24.13 -21.62
CA VAL B 32 -42.78 25.54 -21.75
C VAL B 32 -42.02 26.19 -22.91
N ASP B 33 -40.92 25.56 -23.37
CA ASP B 33 -40.03 26.14 -24.36
C ASP B 33 -40.01 25.22 -25.58
N TRP B 34 -40.82 25.56 -26.62
CA TRP B 34 -41.03 24.63 -27.70
C TRP B 34 -39.87 24.62 -28.65
N LYS B 35 -38.90 25.50 -28.42
CA LYS B 35 -37.68 25.58 -29.21
C LYS B 35 -36.59 24.67 -28.62
N TYR B 36 -36.20 24.91 -27.36
CA TYR B 36 -35.20 24.11 -26.68
C TYR B 36 -35.53 22.63 -26.73
N ALA B 37 -36.84 22.36 -26.68
CA ALA B 37 -37.38 21.03 -26.46
C ALA B 37 -37.92 20.42 -27.74
N ASP B 38 -37.65 21.02 -28.88
CA ASP B 38 -38.31 20.55 -30.07
C ASP B 38 -37.76 19.16 -30.36
N HIS B 39 -36.43 18.97 -30.16
CA HIS B 39 -35.78 17.73 -30.54
C HIS B 39 -36.53 16.54 -29.93
N VAL B 40 -36.98 16.71 -28.68
CA VAL B 40 -37.68 15.66 -27.96
C VAL B 40 -39.06 15.42 -28.54
N PHE B 41 -39.86 16.48 -28.66
CA PHE B 41 -41.24 16.34 -29.13
C PHE B 41 -41.34 15.48 -30.36
N LYS B 42 -40.37 15.62 -31.26
CA LYS B 42 -40.44 14.91 -32.51
C LYS B 42 -39.63 13.62 -32.46
N ARG B 43 -39.18 13.25 -31.27
CA ARG B 43 -38.81 11.87 -31.02
C ARG B 43 -40.06 11.10 -30.65
N TYR B 44 -41.10 11.77 -30.12
CA TYR B 44 -42.34 11.12 -29.71
C TYR B 44 -43.49 11.78 -30.45
N PRO B 45 -43.54 11.59 -31.78
CA PRO B 45 -44.43 12.38 -32.62
C PRO B 45 -45.90 12.12 -32.34
N ALA B 46 -46.24 11.12 -31.52
CA ALA B 46 -47.63 10.73 -31.33
C ALA B 46 -48.22 11.36 -30.08
N ALA B 47 -47.38 12.02 -29.28
CA ALA B 47 -47.78 12.50 -27.96
C ALA B 47 -48.39 13.89 -28.06
N LYS B 48 -49.64 14.04 -27.60
CA LYS B 48 -50.29 15.34 -27.58
C LYS B 48 -49.36 16.31 -26.85
N LYS B 49 -49.04 17.47 -27.44
CA LYS B 49 -48.07 18.40 -26.87
C LYS B 49 -48.78 19.56 -26.19
N TYR B 50 -48.19 20.04 -25.09
CA TYR B 50 -48.73 21.16 -24.33
C TYR B 50 -47.60 22.07 -23.92
N ASN B 51 -47.94 23.24 -23.38
CA ASN B 51 -46.89 24.07 -22.80
C ASN B 51 -47.26 24.59 -21.40
N ASP B 52 -48.40 24.14 -20.86
CA ASP B 52 -48.82 24.45 -19.49
C ASP B 52 -49.31 23.16 -18.85
N TYR B 53 -48.69 22.72 -17.74
CA TYR B 53 -48.95 21.36 -17.29
C TYR B 53 -50.42 21.20 -16.87
N ARG B 54 -51.09 22.33 -16.56
CA ARG B 54 -52.44 22.28 -16.02
C ARG B 54 -53.47 22.06 -17.12
N LYS B 55 -53.19 22.56 -18.32
CA LYS B 55 -54.00 22.22 -19.48
C LYS B 55 -53.81 20.75 -19.78
N MET B 56 -52.56 20.27 -19.76
CA MET B 56 -52.27 18.88 -20.08
C MET B 56 -52.96 17.96 -19.08
N PHE B 57 -52.89 18.33 -17.79
CA PHE B 57 -53.48 17.51 -16.75
C PHE B 57 -55.01 17.45 -16.88
N ASP B 58 -55.65 18.55 -17.26
CA ASP B 58 -57.09 18.54 -17.49
C ASP B 58 -57.47 17.51 -18.57
N GLU B 59 -56.82 17.66 -19.72
CA GLU B 59 -57.17 16.89 -20.90
C GLU B 59 -56.78 15.42 -20.70
N MET B 60 -55.65 15.14 -20.04
CA MET B 60 -54.94 13.87 -20.26
C MET B 60 -54.65 13.04 -19.02
N LEU B 61 -54.99 13.52 -17.83
CA LEU B 61 -54.72 12.78 -16.61
C LEU B 61 -55.60 11.53 -16.59
N LYS B 62 -56.85 11.66 -17.01
CA LYS B 62 -57.79 10.56 -17.11
C LYS B 62 -57.34 9.51 -18.14
N SER B 63 -56.13 9.64 -18.71
CA SER B 63 -55.63 8.72 -19.71
C SER B 63 -54.23 8.24 -19.31
N ALA B 64 -53.81 8.54 -18.09
CA ALA B 64 -52.43 8.36 -17.69
C ALA B 64 -52.33 7.52 -16.42
N ASP B 65 -51.19 6.85 -16.28
CA ASP B 65 -50.93 6.03 -15.11
C ASP B 65 -49.86 6.72 -14.29
N ALA B 66 -48.88 7.31 -14.97
CA ALA B 66 -47.71 7.85 -14.33
C ALA B 66 -47.36 9.22 -14.92
N VAL B 67 -46.40 9.89 -14.28
CA VAL B 67 -46.01 11.22 -14.68
C VAL B 67 -44.54 11.38 -14.33
N MET B 68 -43.77 11.79 -15.33
CA MET B 68 -42.34 12.05 -15.15
C MET B 68 -42.20 13.56 -15.02
N VAL B 69 -41.31 14.03 -14.14
CA VAL B 69 -41.18 15.46 -13.89
C VAL B 69 -39.70 15.84 -13.88
N ALA B 70 -39.25 16.69 -14.84
CA ALA B 70 -37.87 17.12 -14.86
C ALA B 70 -37.80 18.60 -15.16
N THR B 71 -38.67 19.34 -14.48
CA THR B 71 -38.70 20.79 -14.58
C THR B 71 -37.58 21.37 -13.72
N ALA B 72 -37.52 22.70 -13.67
CA ALA B 72 -36.64 23.39 -12.74
C ALA B 72 -37.19 23.18 -11.32
N ASP B 73 -36.33 23.36 -10.31
CA ASP B 73 -36.56 22.80 -8.98
C ASP B 73 -37.93 23.21 -8.43
N HIS B 74 -38.26 24.50 -8.61
CA HIS B 74 -39.28 25.17 -7.83
C HIS B 74 -40.70 24.79 -8.22
N THR B 75 -40.86 23.99 -9.29
CA THR B 75 -42.19 23.54 -9.70
C THR B 75 -42.35 22.04 -9.49
N HIS B 76 -41.28 21.31 -9.15
CA HIS B 76 -41.42 19.87 -8.99
C HIS B 76 -42.62 19.51 -8.12
N ALA B 77 -42.66 20.20 -6.98
CA ALA B 77 -43.62 19.91 -5.94
C ALA B 77 -45.04 20.04 -6.46
N ILE B 78 -45.40 21.21 -6.96
CA ILE B 78 -46.79 21.44 -7.31
C ILE B 78 -47.28 20.49 -8.39
N ILE B 79 -46.39 20.11 -9.33
CA ILE B 79 -46.77 19.21 -10.43
C ILE B 79 -46.99 17.81 -9.87
N ALA B 80 -45.97 17.32 -9.16
CA ALA B 80 -45.99 16.01 -8.54
C ALA B 80 -47.21 15.85 -7.65
N ALA B 81 -47.49 16.89 -6.86
CA ALA B 81 -48.52 16.84 -5.83
C ALA B 81 -49.90 16.71 -6.44
N ASP B 82 -50.12 17.40 -7.57
CA ASP B 82 -51.37 17.36 -8.32
C ASP B 82 -51.57 16.01 -9.00
N ALA B 83 -50.45 15.36 -9.35
CA ALA B 83 -50.48 14.05 -10.00
C ALA B 83 -50.82 12.95 -9.00
N MET B 84 -50.22 13.02 -7.83
CA MET B 84 -50.44 11.96 -6.85
C MET B 84 -51.89 12.04 -6.35
N THR B 85 -52.43 13.25 -6.10
CA THR B 85 -53.81 13.35 -5.63
C THR B 85 -54.75 12.71 -6.66
N ALA B 86 -54.27 12.52 -7.89
CA ALA B 86 -55.09 11.98 -8.98
C ALA B 86 -54.95 10.46 -9.12
N GLY B 87 -54.05 9.84 -8.34
CA GLY B 87 -53.87 8.40 -8.30
C GLY B 87 -52.72 7.94 -9.17
N LYS B 88 -51.72 8.81 -9.41
CA LYS B 88 -50.76 8.56 -10.46
C LYS B 88 -49.36 8.47 -9.86
N HIS B 89 -48.59 7.49 -10.33
CA HIS B 89 -47.22 7.26 -9.89
C HIS B 89 -46.39 8.42 -10.43
N VAL B 90 -45.27 8.79 -9.78
CA VAL B 90 -44.47 9.86 -10.32
C VAL B 90 -42.99 9.61 -10.16
N TYR B 91 -42.24 9.84 -11.24
CA TYR B 91 -40.78 9.92 -11.20
C TYR B 91 -40.49 11.40 -11.13
N VAL B 92 -39.51 11.85 -10.35
CA VAL B 92 -39.34 13.28 -10.12
C VAL B 92 -37.86 13.55 -10.01
N GLU B 93 -37.27 14.35 -10.88
CA GLU B 93 -35.82 14.46 -10.84
C GLU B 93 -35.42 15.06 -9.50
N LYS B 94 -34.17 14.84 -9.12
CA LYS B 94 -33.61 15.45 -7.93
C LYS B 94 -33.11 16.87 -8.19
N PRO B 95 -33.16 17.82 -7.22
CA PRO B 95 -33.68 17.56 -5.90
C PRO B 95 -35.19 17.44 -5.97
N LEU B 96 -35.79 16.86 -4.94
CA LEU B 96 -37.18 16.42 -5.00
C LEU B 96 -38.07 17.64 -5.02
N THR B 97 -37.71 18.63 -4.21
CA THR B 97 -38.46 19.86 -4.10
C THR B 97 -37.46 20.97 -3.79
N HIS B 98 -38.03 22.16 -3.66
CA HIS B 98 -37.27 23.38 -3.49
C HIS B 98 -37.18 23.73 -2.00
N THR B 99 -38.29 23.43 -1.29
CA THR B 99 -38.44 23.75 0.11
C THR B 99 -38.57 22.50 0.96
N VAL B 100 -38.51 22.68 2.28
CA VAL B 100 -38.68 21.57 3.19
C VAL B 100 -40.16 21.19 3.31
N TYR B 101 -41.05 22.18 3.39
CA TYR B 101 -42.45 21.86 3.53
C TYR B 101 -42.89 20.98 2.36
N GLU B 102 -42.38 21.27 1.16
CA GLU B 102 -42.82 20.61 -0.05
C GLU B 102 -42.41 19.14 0.00
N SER B 103 -41.14 18.89 0.37
CA SER B 103 -40.61 17.54 0.54
C SER B 103 -41.46 16.73 1.52
N ARG B 104 -41.88 17.37 2.62
CA ARG B 104 -42.72 16.69 3.59
C ARG B 104 -44.12 16.46 2.98
N LEU B 105 -44.61 17.43 2.21
CA LEU B 105 -45.90 17.25 1.58
C LEU B 105 -45.87 16.02 0.70
N LEU B 106 -44.82 15.90 -0.13
CA LEU B 106 -44.75 14.84 -1.11
C LEU B 106 -44.63 13.50 -0.41
N THR B 107 -43.86 13.44 0.68
CA THR B 107 -43.65 12.17 1.36
C THR B 107 -45.00 11.67 1.87
N LYS B 108 -45.78 12.59 2.42
CA LYS B 108 -47.06 12.24 3.04
C LYS B 108 -48.11 11.94 1.98
N LEU B 109 -48.01 12.51 0.78
CA LEU B 109 -48.99 12.21 -0.24
C LEU B 109 -48.76 10.84 -0.87
N ALA B 110 -47.49 10.47 -1.06
CA ALA B 110 -47.16 9.15 -1.58
C ALA B 110 -47.76 8.11 -0.65
N ASP B 111 -47.59 8.33 0.64
CA ASP B 111 -48.08 7.41 1.63
C ASP B 111 -49.59 7.28 1.52
N LYS B 112 -50.26 8.42 1.52
CA LYS B 112 -51.71 8.41 1.55
C LYS B 112 -52.30 7.73 0.32
N TYR B 113 -51.78 8.01 -0.88
CA TYR B 113 -52.43 7.55 -2.11
C TYR B 113 -51.91 6.18 -2.54
N LYS B 114 -50.82 5.71 -1.93
CA LYS B 114 -50.26 4.40 -2.25
C LYS B 114 -49.86 4.36 -3.72
N VAL B 115 -48.81 5.09 -4.05
CA VAL B 115 -48.38 5.17 -5.42
C VAL B 115 -46.88 5.01 -5.42
N ALA B 116 -46.40 4.27 -6.43
CA ALA B 116 -44.99 4.13 -6.68
C ALA B 116 -44.45 5.53 -6.91
N THR B 117 -43.25 5.79 -6.41
CA THR B 117 -42.60 7.08 -6.45
C THR B 117 -41.10 6.83 -6.66
N GLN B 118 -40.38 7.77 -7.26
CA GLN B 118 -38.94 7.61 -7.45
C GLN B 118 -38.27 8.97 -7.63
N MET B 119 -37.35 9.33 -6.75
CA MET B 119 -36.48 10.47 -7.00
C MET B 119 -35.38 10.08 -7.98
N GLY B 120 -34.86 11.06 -8.73
CA GLY B 120 -34.05 10.81 -9.92
C GLY B 120 -32.55 10.71 -9.63
N ASN B 121 -32.18 10.47 -8.35
CA ASN B 121 -30.79 10.18 -7.97
C ASN B 121 -30.49 8.71 -8.27
N GLN B 122 -29.93 8.44 -9.46
CA GLN B 122 -29.91 7.09 -10.03
C GLN B 122 -28.81 6.23 -9.39
N GLY B 123 -27.91 6.87 -8.62
CA GLY B 123 -26.87 6.22 -7.83
C GLY B 123 -27.43 5.40 -6.69
N ALA B 124 -28.70 5.64 -6.37
CA ALA B 124 -29.42 4.80 -5.43
C ALA B 124 -29.70 3.43 -6.01
N SER B 125 -29.67 3.24 -7.33
CA SER B 125 -29.95 1.91 -7.86
C SER B 125 -28.65 1.19 -8.22
N ASP B 126 -27.52 1.86 -8.00
CA ASP B 126 -26.18 1.35 -8.32
C ASP B 126 -25.62 0.52 -7.15
N GLU B 127 -24.44 -0.06 -7.41
CA GLU B 127 -23.84 -1.07 -6.56
C GLU B 127 -23.08 -0.45 -5.40
N GLY B 128 -22.35 0.63 -5.66
CA GLY B 128 -21.42 1.16 -4.68
C GLY B 128 -22.06 1.52 -3.34
N VAL B 129 -23.33 1.91 -3.33
CA VAL B 129 -24.01 2.30 -2.11
C VAL B 129 -24.47 1.04 -1.39
N ARG B 130 -24.74 -0.06 -2.09
CA ARG B 130 -25.05 -1.30 -1.41
C ARG B 130 -23.83 -1.80 -0.64
N LYS B 131 -22.62 -1.60 -1.18
CA LYS B 131 -21.40 -2.03 -0.52
C LYS B 131 -21.08 -1.13 0.69
N VAL B 132 -21.39 0.17 0.59
CA VAL B 132 -21.12 1.08 1.69
C VAL B 132 -22.03 0.76 2.87
N CYS B 133 -23.25 0.30 2.59
CA CYS B 133 -24.23 0.05 3.64
C CYS B 133 -23.97 -1.30 4.29
N GLU B 134 -23.78 -2.31 3.45
CA GLU B 134 -23.47 -3.64 3.93
C GLU B 134 -22.20 -3.62 4.77
N TRP B 135 -21.23 -2.74 4.48
CA TRP B 135 -20.02 -2.63 5.28
C TRP B 135 -20.23 -1.87 6.60
N ILE B 136 -20.88 -0.72 6.55
CA ILE B 136 -21.08 0.06 7.76
C ILE B 136 -21.87 -0.78 8.76
N TRP B 137 -22.96 -1.39 8.27
CA TRP B 137 -23.91 -2.16 9.09
C TRP B 137 -23.29 -3.43 9.69
N ASN B 138 -22.16 -3.86 9.16
CA ASN B 138 -21.51 -5.05 9.66
C ASN B 138 -20.28 -4.66 10.49
N GLY B 139 -20.22 -3.38 10.88
CA GLY B 139 -19.23 -2.91 11.83
C GLY B 139 -17.82 -2.86 11.24
N GLU B 140 -17.70 -2.72 9.92
CA GLU B 140 -16.40 -2.89 9.27
C GLU B 140 -15.52 -1.68 9.56
N ILE B 141 -16.12 -0.57 9.98
CA ILE B 141 -15.32 0.60 10.28
C ILE B 141 -15.60 1.05 11.71
N GLY B 142 -16.60 0.45 12.31
CA GLY B 142 -16.96 0.76 13.68
C GLY B 142 -17.97 1.91 13.69
N GLU B 143 -17.99 2.64 14.79
CA GLU B 143 -18.97 3.69 14.99
C GLU B 143 -18.51 4.91 14.22
N VAL B 144 -19.47 5.57 13.56
CA VAL B 144 -19.20 6.77 12.77
C VAL B 144 -19.83 8.01 13.42
N ARG B 145 -18.95 8.97 13.72
CA ARG B 145 -19.34 10.18 14.44
C ARG B 145 -19.06 11.46 13.65
N LYS B 146 -18.28 11.41 12.57
CA LYS B 146 -17.86 12.54 11.76
C LYS B 146 -17.81 12.06 10.31
N VAL B 147 -18.50 12.78 9.41
CA VAL B 147 -18.54 12.54 7.97
C VAL B 147 -18.15 13.83 7.26
N GLU B 148 -17.34 13.71 6.19
CA GLU B 148 -17.00 14.86 5.35
C GLU B 148 -17.37 14.55 3.90
N THR B 149 -18.08 15.51 3.29
CA THR B 149 -18.60 15.40 1.93
C THR B 149 -18.29 16.69 1.19
N PHE B 150 -18.04 16.56 -0.11
CA PHE B 150 -17.83 17.71 -0.98
C PHE B 150 -18.07 17.38 -2.45
N THR B 151 -18.40 18.45 -3.19
CA THR B 151 -18.38 18.47 -4.65
C THR B 151 -17.46 19.60 -5.12
N ASP B 152 -17.01 19.48 -6.38
CA ASP B 152 -16.23 20.53 -7.06
C ASP B 152 -17.15 21.61 -7.68
N ARG B 153 -18.42 21.26 -7.85
CA ARG B 153 -19.50 22.17 -8.25
C ARG B 153 -19.68 23.29 -7.24
N PRO B 154 -20.25 24.48 -7.59
CA PRO B 154 -20.65 24.83 -8.96
C PRO B 154 -19.51 24.95 -9.97
N ILE B 155 -19.75 24.53 -11.22
CA ILE B 155 -18.80 24.71 -12.32
C ILE B 155 -19.36 25.74 -13.29
N TRP B 156 -20.46 26.35 -12.92
CA TRP B 156 -20.97 27.50 -13.66
C TRP B 156 -20.85 28.70 -12.75
N PRO B 157 -20.89 29.94 -13.28
CA PRO B 157 -20.94 31.15 -12.45
C PRO B 157 -22.24 31.35 -11.68
N GLN B 158 -22.09 31.59 -10.37
CA GLN B 158 -23.19 32.07 -9.56
C GLN B 158 -22.74 33.44 -9.08
N GLY B 159 -23.41 33.99 -8.05
CA GLY B 159 -23.06 35.32 -7.57
C GLY B 159 -23.50 36.41 -8.54
N LEU B 160 -24.66 36.18 -9.22
CA LEU B 160 -25.22 37.01 -10.29
C LEU B 160 -26.22 38.00 -9.73
N SER B 161 -26.29 39.14 -10.43
CA SER B 161 -27.25 40.23 -10.22
C SER B 161 -28.42 40.03 -11.17
N ARG B 162 -29.65 40.40 -10.77
CA ARG B 162 -30.76 40.44 -11.74
C ARG B 162 -30.40 41.31 -12.97
N PRO B 163 -30.52 40.78 -14.21
CA PRO B 163 -30.14 41.52 -15.39
C PRO B 163 -30.98 42.79 -15.60
N GLU B 164 -30.28 43.86 -15.98
CA GLU B 164 -30.75 45.23 -15.87
C GLU B 164 -31.37 45.65 -17.20
N ASP B 165 -31.04 44.94 -18.29
CA ASP B 165 -31.64 45.18 -19.62
C ASP B 165 -32.92 44.36 -19.77
N ASP B 166 -33.63 44.48 -20.91
CA ASP B 166 -34.83 43.66 -21.14
C ASP B 166 -34.78 42.90 -22.45
N GLN B 167 -35.48 41.76 -22.44
CA GLN B 167 -35.58 40.90 -23.58
C GLN B 167 -37.03 40.52 -23.69
N ARG B 168 -37.50 40.28 -24.91
CA ARG B 168 -38.90 39.98 -25.04
C ARG B 168 -39.09 38.49 -25.00
N ILE B 169 -40.26 38.08 -24.51
CA ILE B 169 -40.59 36.67 -24.41
C ILE B 169 -40.74 36.14 -25.82
N PRO B 170 -39.92 35.16 -26.27
CA PRO B 170 -40.17 34.52 -27.55
C PRO B 170 -41.56 33.88 -27.63
N LYS B 171 -42.01 33.60 -28.85
CA LYS B 171 -43.34 33.10 -29.12
C LYS B 171 -43.37 31.64 -28.68
N THR B 172 -42.17 31.07 -28.49
CA THR B 172 -41.97 29.65 -28.29
C THR B 172 -42.02 29.30 -26.79
N LEU B 173 -42.04 30.32 -25.93
CA LEU B 173 -41.73 30.17 -24.51
C LEU B 173 -42.92 30.72 -23.73
N ASN B 174 -43.45 29.88 -22.85
CA ASN B 174 -44.54 30.26 -21.98
C ASN B 174 -43.92 30.64 -20.63
N TRP B 175 -43.38 31.84 -20.61
CA TRP B 175 -42.63 32.32 -19.47
C TRP B 175 -43.45 32.38 -18.21
N ASP B 176 -44.78 32.38 -18.26
CA ASP B 176 -45.57 32.47 -17.05
C ASP B 176 -45.69 31.11 -16.41
N ALA B 177 -45.94 30.09 -17.23
CA ALA B 177 -45.99 28.70 -16.78
C ALA B 177 -44.63 28.27 -16.21
N PHE B 178 -43.56 28.99 -16.59
CA PHE B 178 -42.22 28.72 -16.10
C PHE B 178 -42.07 29.23 -14.67
N ILE B 179 -42.49 30.47 -14.44
CA ILE B 179 -42.45 31.09 -13.13
C ILE B 179 -43.28 30.25 -12.16
N GLY B 180 -44.42 29.77 -12.65
CA GLY B 180 -45.33 28.97 -11.86
C GLY B 180 -45.69 29.70 -10.58
N PRO B 181 -45.45 29.09 -9.40
CA PRO B 181 -45.77 29.74 -8.12
C PRO B 181 -44.72 30.70 -7.57
N ALA B 182 -43.55 30.79 -8.22
CA ALA B 182 -42.48 31.66 -7.78
C ALA B 182 -42.91 33.10 -7.97
N PRO B 183 -42.22 34.10 -7.42
CA PRO B 183 -42.58 35.50 -7.68
C PRO B 183 -42.21 35.82 -9.12
N TYR B 184 -43.09 36.61 -9.78
CA TYR B 184 -42.95 36.88 -11.21
C TYR B 184 -41.85 37.90 -11.39
N ARG B 185 -41.16 37.80 -12.55
CA ARG B 185 -40.19 38.79 -12.96
C ARG B 185 -40.05 38.87 -14.48
N PRO B 186 -39.48 39.98 -15.00
CA PRO B 186 -39.18 40.11 -16.42
C PRO B 186 -38.27 38.97 -16.84
N TYR B 187 -38.58 38.42 -18.02
CA TYR B 187 -37.85 37.35 -18.66
C TYR B 187 -36.42 37.77 -19.04
N ASN B 188 -35.53 36.78 -19.05
CA ASN B 188 -34.17 36.91 -19.49
C ASN B 188 -33.67 35.49 -19.67
N ALA B 189 -32.70 35.24 -20.56
CA ALA B 189 -32.27 33.88 -20.83
C ALA B 189 -31.25 33.41 -19.80
N ILE B 190 -30.92 34.31 -18.86
CA ILE B 190 -30.07 33.95 -17.76
C ILE B 190 -30.85 33.01 -16.83
N TYR B 191 -32.18 32.95 -16.92
CA TYR B 191 -32.98 32.17 -16.01
C TYR B 191 -33.30 30.77 -16.56
N THR B 192 -33.36 30.55 -17.87
CA THR B 192 -33.69 29.22 -18.40
C THR B 192 -33.28 29.22 -19.87
N PRO B 193 -33.10 28.08 -20.56
CA PRO B 193 -32.89 26.77 -19.96
C PRO B 193 -31.58 26.65 -19.19
N TRP B 194 -31.61 25.69 -18.25
CA TRP B 194 -30.45 25.18 -17.53
C TRP B 194 -29.99 26.08 -16.39
N ASN B 195 -29.79 27.39 -16.64
CA ASN B 195 -29.01 28.24 -15.74
C ASN B 195 -29.77 28.68 -14.49
N PHE B 196 -31.02 28.20 -14.32
CA PHE B 196 -31.81 28.47 -13.12
C PHE B 196 -31.15 27.96 -11.84
N ARG B 197 -30.20 27.03 -11.97
CA ARG B 197 -29.51 26.48 -10.81
C ARG B 197 -29.02 27.61 -9.90
N GLY B 198 -28.49 28.70 -10.45
CA GLY B 198 -27.88 29.71 -9.60
C GLY B 198 -28.85 30.73 -8.99
N TRP B 199 -30.17 30.50 -9.06
CA TRP B 199 -31.13 31.51 -8.65
C TRP B 199 -31.98 30.96 -7.51
N TRP B 200 -32.02 31.67 -6.38
CA TRP B 200 -32.68 31.18 -5.20
C TRP B 200 -34.12 30.72 -5.48
N ASP B 201 -34.89 31.47 -6.29
CA ASP B 201 -36.33 31.26 -6.34
C ASP B 201 -36.73 30.11 -7.26
N PHE B 202 -35.75 29.56 -7.98
CA PHE B 202 -35.94 28.54 -9.01
C PHE B 202 -35.08 27.30 -8.72
N GLY B 203 -33.83 27.52 -8.29
CA GLY B 203 -32.90 26.43 -8.08
C GLY B 203 -32.36 26.39 -6.65
N THR B 204 -31.41 25.49 -6.41
CA THR B 204 -30.87 25.35 -5.07
C THR B 204 -29.33 25.35 -5.15
N GLY B 205 -28.80 25.77 -6.29
CA GLY B 205 -27.36 25.91 -6.42
C GLY B 205 -26.70 24.54 -6.56
N ALA B 206 -25.42 24.49 -6.15
CA ALA B 206 -24.65 23.26 -6.05
C ALA B 206 -25.33 22.23 -5.17
N LEU B 207 -25.98 22.67 -4.07
CA LEU B 207 -26.72 21.75 -3.22
C LEU B 207 -27.69 20.90 -4.06
N GLY B 208 -28.58 21.57 -4.83
CA GLY B 208 -29.58 20.85 -5.61
C GLY B 208 -28.99 20.05 -6.78
N ASP B 209 -27.83 20.46 -7.27
CA ASP B 209 -27.33 19.91 -8.52
C ASP B 209 -26.49 18.66 -8.28
N MET B 210 -25.88 18.54 -7.10
CA MET B 210 -24.91 17.49 -6.81
C MET B 210 -25.12 16.80 -5.46
N ALA B 211 -25.76 17.42 -4.45
CA ALA B 211 -25.73 16.82 -3.13
C ALA B 211 -26.58 15.56 -3.06
N CYS B 212 -27.72 15.45 -3.73
CA CYS B 212 -28.48 14.20 -3.71
C CYS B 212 -27.72 13.00 -4.30
N HIS B 213 -26.74 13.27 -5.16
CA HIS B 213 -25.91 12.21 -5.71
C HIS B 213 -24.83 11.81 -4.70
N ILE B 214 -24.26 12.81 -4.01
CA ILE B 214 -23.12 12.65 -3.11
C ILE B 214 -23.52 12.14 -1.73
N LEU B 215 -24.57 12.69 -1.13
CA LEU B 215 -24.92 12.45 0.26
C LEU B 215 -25.89 11.28 0.40
N HIS B 216 -26.25 10.59 -0.67
CA HIS B 216 -27.24 9.55 -0.50
C HIS B 216 -26.66 8.39 0.32
N PRO B 217 -25.39 7.97 0.12
CA PRO B 217 -24.79 6.96 0.99
C PRO B 217 -24.73 7.33 2.48
N VAL B 218 -24.55 8.62 2.77
CA VAL B 218 -24.42 9.07 4.16
C VAL B 218 -25.78 8.97 4.83
N PHE B 219 -26.85 9.23 4.11
CA PHE B 219 -28.18 9.22 4.70
C PHE B 219 -28.71 7.78 4.88
N LYS B 220 -28.44 6.91 3.93
CA LYS B 220 -29.08 5.60 3.99
C LYS B 220 -28.31 4.69 4.96
N GLY B 221 -26.97 4.83 4.88
CA GLY B 221 -26.02 4.00 5.59
C GLY B 221 -25.99 4.31 7.09
N LEU B 222 -26.16 5.55 7.45
CA LEU B 222 -26.22 5.92 8.85
C LEU B 222 -27.66 5.97 9.33
N LYS B 223 -28.60 5.52 8.48
CA LYS B 223 -30.03 5.61 8.76
C LYS B 223 -30.37 6.91 9.48
N LEU B 224 -30.15 8.05 8.78
CA LEU B 224 -30.41 9.36 9.37
C LEU B 224 -31.89 9.71 9.22
N GLY B 225 -32.32 10.72 9.99
CA GLY B 225 -33.67 11.27 9.89
C GLY B 225 -33.65 12.79 9.83
N TYR B 226 -34.31 13.43 10.79
CA TYR B 226 -34.19 14.87 10.93
C TYR B 226 -32.91 15.23 11.64
N PRO B 227 -32.20 16.30 11.26
CA PRO B 227 -31.08 16.78 12.04
C PRO B 227 -31.62 17.61 13.20
N THR B 228 -30.74 17.95 14.14
CA THR B 228 -31.13 18.76 15.27
C THR B 228 -30.52 20.15 15.16
N LYS B 229 -29.40 20.24 14.45
CA LYS B 229 -28.70 21.49 14.34
C LYS B 229 -28.16 21.63 12.93
N VAL B 230 -28.19 22.87 12.42
CA VAL B 230 -27.42 23.17 11.23
C VAL B 230 -26.80 24.55 11.34
N GLN B 231 -25.69 24.71 10.65
CA GLN B 231 -25.11 26.01 10.39
C GLN B 231 -24.30 25.96 9.07
N GLY B 232 -24.12 27.15 8.49
CA GLY B 232 -23.51 27.37 7.20
C GLY B 232 -22.71 28.68 7.17
N SER B 233 -21.78 28.74 6.25
CA SER B 233 -21.14 29.99 5.89
C SER B 233 -20.85 29.89 4.40
N SER B 234 -20.52 31.02 3.74
CA SER B 234 -20.34 31.03 2.30
C SER B 234 -19.55 32.24 1.83
N THR B 235 -19.21 32.28 0.52
CA THR B 235 -18.68 33.50 -0.09
C THR B 235 -19.82 34.50 -0.20
N LEU B 236 -19.52 35.70 -0.72
CA LEU B 236 -20.50 36.77 -0.88
C LEU B 236 -21.89 36.21 -1.08
N LEU B 237 -22.81 36.59 -0.17
CA LEU B 237 -24.16 36.06 -0.20
C LEU B 237 -25.17 37.09 -0.71
N LEU B 238 -25.81 36.78 -1.83
CA LEU B 238 -26.69 37.73 -2.48
C LEU B 238 -28.13 37.37 -2.26
N ASN B 239 -29.01 38.27 -2.67
CA ASN B 239 -30.40 38.14 -2.29
C ASN B 239 -31.13 37.29 -3.32
N GLU B 240 -30.61 37.18 -4.55
CA GLU B 240 -31.33 36.43 -5.59
C GLU B 240 -30.53 35.23 -6.11
N SER B 241 -29.21 35.21 -5.87
CA SER B 241 -28.29 34.27 -6.48
C SER B 241 -27.47 33.54 -5.42
N ALA B 242 -27.31 32.22 -5.60
CA ALA B 242 -26.49 31.39 -4.74
C ALA B 242 -25.01 31.73 -4.86
N PRO B 243 -24.13 31.37 -3.89
CA PRO B 243 -22.76 31.85 -3.87
C PRO B 243 -21.77 30.91 -4.52
N MET B 244 -20.54 31.39 -4.69
CA MET B 244 -19.47 30.71 -5.39
C MET B 244 -19.10 29.39 -4.70
N ALA B 245 -19.12 29.42 -3.37
CA ALA B 245 -18.61 28.37 -2.50
C ALA B 245 -19.29 28.45 -1.13
N GLN B 246 -19.71 27.30 -0.57
CA GLN B 246 -20.31 27.28 0.75
C GLN B 246 -19.69 26.15 1.57
N THR B 247 -19.74 26.25 2.91
CA THR B 247 -19.55 25.15 3.86
C THR B 247 -20.80 25.01 4.74
N VAL B 248 -21.36 23.83 4.87
CA VAL B 248 -22.42 23.58 5.82
C VAL B 248 -21.99 22.51 6.81
N LYS B 249 -22.45 22.59 8.08
CA LYS B 249 -22.26 21.53 9.07
C LYS B 249 -23.61 21.10 9.63
N PHE B 250 -24.02 19.85 9.42
CA PHE B 250 -25.21 19.29 10.07
C PHE B 250 -24.80 18.45 11.29
N VAL B 251 -25.74 18.33 12.26
CA VAL B 251 -25.62 17.42 13.38
C VAL B 251 -26.89 16.61 13.46
N PHE B 252 -26.75 15.28 13.44
CA PHE B 252 -27.91 14.43 13.63
C PHE B 252 -27.85 13.81 15.01
N PRO B 253 -28.99 13.44 15.61
CA PRO B 253 -28.99 12.74 16.89
C PRO B 253 -28.70 11.25 16.74
N ALA B 254 -28.44 10.58 17.89
CA ALA B 254 -28.22 9.14 17.93
C ALA B 254 -29.48 8.40 17.50
N ARG B 255 -29.30 7.30 16.78
CA ARG B 255 -30.43 6.49 16.39
C ARG B 255 -30.26 5.14 17.06
N ASP B 256 -31.32 4.32 17.02
CA ASP B 256 -31.23 2.94 17.42
C ASP B 256 -29.90 2.34 16.94
N ASN B 257 -29.26 1.56 17.80
CA ASN B 257 -28.06 0.83 17.42
C ASN B 257 -28.48 -0.37 16.61
N MET B 258 -27.56 -0.86 15.79
CA MET B 258 -27.75 -2.11 15.08
C MET B 258 -26.92 -3.22 15.74
N PRO B 259 -27.24 -4.51 15.54
CA PRO B 259 -26.42 -5.59 16.10
C PRO B 259 -24.91 -5.38 16.11
N LYS B 260 -24.34 -4.95 14.98
CA LYS B 260 -22.91 -4.99 14.77
C LYS B 260 -22.27 -3.60 14.76
N VAL B 261 -23.06 -2.51 14.79
CA VAL B 261 -22.51 -1.17 14.82
C VAL B 261 -23.44 -0.25 15.62
N ALA B 262 -22.84 0.65 16.42
CA ALA B 262 -23.62 1.61 17.15
C ALA B 262 -23.84 2.87 16.31
N MET B 263 -24.92 3.60 16.58
CA MET B 263 -25.31 4.76 15.79
C MET B 263 -25.36 6.03 16.64
N PRO B 264 -24.21 6.54 17.13
CA PRO B 264 -24.20 7.77 17.93
C PRO B 264 -24.55 9.03 17.14
N GLU B 265 -24.80 10.13 17.90
CA GLU B 265 -24.84 11.47 17.35
C GLU B 265 -23.67 11.65 16.39
N VAL B 266 -23.97 12.09 15.15
CA VAL B 266 -23.01 12.23 14.06
C VAL B 266 -23.06 13.64 13.47
N GLU B 267 -21.89 14.19 13.14
CA GLU B 267 -21.73 15.48 12.47
C GLU B 267 -21.48 15.23 10.99
N VAL B 268 -22.19 15.91 10.07
CA VAL B 268 -21.92 15.77 8.63
C VAL B 268 -21.46 17.12 8.10
N TYR B 269 -20.21 17.21 7.62
CA TYR B 269 -19.73 18.44 6.98
C TYR B 269 -19.94 18.39 5.45
N TRP B 270 -20.35 19.52 4.85
CA TRP B 270 -20.47 19.67 3.40
C TRP B 270 -19.60 20.83 2.92
N TYR B 271 -18.81 20.62 1.87
CA TYR B 271 -17.99 21.65 1.26
C TYR B 271 -18.30 21.68 -0.23
N ASP B 272 -18.16 22.82 -0.88
CA ASP B 272 -18.21 22.87 -2.33
C ASP B 272 -17.56 24.14 -2.84
N GLY B 273 -17.41 24.20 -4.17
CA GLY B 273 -16.95 25.40 -4.86
C GLY B 273 -15.43 25.50 -4.88
N GLY B 274 -14.79 24.36 -4.62
CA GLY B 274 -13.34 24.26 -4.60
C GLY B 274 -12.82 23.91 -3.22
N LEU B 275 -13.59 24.25 -2.18
CA LEU B 275 -13.18 23.97 -0.81
C LEU B 275 -13.23 22.46 -0.62
N LYS B 276 -12.26 21.92 0.13
CA LYS B 276 -12.14 20.49 0.39
C LYS B 276 -11.92 20.20 1.86
N PRO B 277 -12.44 19.06 2.35
CA PRO B 277 -12.16 18.62 3.72
C PRO B 277 -10.66 18.33 3.78
N ALA B 278 -10.05 18.50 4.96
CA ALA B 278 -8.65 18.13 5.17
C ALA B 278 -8.46 16.64 4.92
N ARG B 279 -7.27 16.26 4.48
CA ARG B 279 -7.02 14.89 4.06
C ARG B 279 -7.09 13.97 5.28
N PRO B 280 -7.76 12.80 5.20
CA PRO B 280 -7.71 11.77 6.24
C PRO B 280 -6.31 11.27 6.55
N GLU B 281 -6.08 10.89 7.81
CA GLU B 281 -4.91 10.15 8.19
C GLU B 281 -4.94 8.76 7.52
N GLY B 282 -3.79 8.40 6.97
CA GLY B 282 -3.62 7.09 6.38
C GLY B 282 -3.68 7.10 4.87
N LEU B 283 -4.41 8.07 4.28
CA LEU B 283 -4.67 8.08 2.86
C LEU B 283 -3.39 8.45 2.12
N PRO B 284 -3.00 7.67 1.10
CA PRO B 284 -1.82 7.97 0.28
C PRO B 284 -1.71 9.40 -0.25
N ALA B 285 -0.54 10.01 -0.12
CA ALA B 285 -0.23 11.24 -0.79
C ALA B 285 -0.47 11.04 -2.28
N GLY B 286 -1.19 12.02 -2.86
CA GLY B 286 -1.49 12.06 -4.28
C GLY B 286 -2.90 11.55 -4.59
N LYS B 287 -3.50 10.71 -3.74
CA LYS B 287 -4.75 10.08 -4.10
C LYS B 287 -5.84 11.12 -4.03
N ASP B 288 -6.67 11.17 -5.10
CA ASP B 288 -7.63 12.25 -5.28
C ASP B 288 -8.91 11.89 -4.54
N LEU B 289 -9.39 12.83 -3.72
CA LEU B 289 -10.62 12.66 -2.97
C LEU B 289 -11.84 12.72 -3.89
N ASN B 290 -11.70 13.45 -5.03
CA ASN B 290 -12.77 13.63 -6.00
C ASN B 290 -12.83 12.40 -6.88
N MET B 291 -13.99 11.76 -6.94
CA MET B 291 -14.21 10.70 -7.90
C MET B 291 -15.62 10.90 -8.46
N ALA B 292 -15.69 11.27 -9.75
CA ALA B 292 -16.94 11.48 -10.47
C ALA B 292 -17.66 12.69 -9.90
N GLY B 293 -16.89 13.61 -9.30
CA GLY B 293 -17.34 14.98 -9.07
C GLY B 293 -17.49 15.34 -7.59
N GLY B 294 -16.98 14.49 -6.71
CA GLY B 294 -17.18 14.69 -5.29
C GLY B 294 -16.56 13.56 -4.46
N GLY B 295 -16.74 13.67 -3.14
CA GLY B 295 -16.16 12.70 -2.24
C GLY B 295 -16.95 12.62 -0.93
N VAL B 296 -16.85 11.43 -0.31
CA VAL B 296 -17.41 11.17 1.01
C VAL B 296 -16.31 10.51 1.83
N ILE B 297 -16.06 11.04 3.04
CA ILE B 297 -15.15 10.42 3.99
C ILE B 297 -15.95 10.06 5.26
N PHE B 298 -16.25 8.76 5.47
CA PHE B 298 -16.79 8.30 6.74
C PHE B 298 -15.65 8.03 7.73
N TYR B 299 -15.55 8.84 8.79
CA TYR B 299 -14.53 8.63 9.81
C TYR B 299 -15.06 7.66 10.86
N GLY B 300 -14.42 6.47 10.93
CA GLY B 300 -14.90 5.42 11.81
C GLY B 300 -13.87 5.17 12.88
N THR B 301 -14.29 4.51 13.97
CA THR B 301 -13.43 4.30 15.14
C THR B 301 -12.38 3.24 14.84
N LYS B 302 -12.66 2.38 13.87
CA LYS B 302 -11.73 1.33 13.54
C LYS B 302 -11.12 1.52 12.17
N ASP B 303 -11.79 2.23 11.24
CA ASP B 303 -11.27 2.42 9.90
C ASP B 303 -11.97 3.59 9.20
N THR B 304 -11.43 4.04 8.06
CA THR B 304 -11.94 5.20 7.35
C THR B 304 -12.43 4.71 6.00
N LEU B 305 -13.70 4.92 5.67
CA LEU B 305 -14.30 4.48 4.41
C LEU B 305 -14.55 5.71 3.51
N ILE B 306 -14.03 5.63 2.26
CA ILE B 306 -14.08 6.74 1.31
C ILE B 306 -14.78 6.26 0.04
N CYS B 307 -15.70 7.09 -0.47
CA CYS B 307 -16.26 6.87 -1.79
C CYS B 307 -16.32 8.15 -2.63
N GLY B 308 -16.77 7.97 -3.87
CA GLY B 308 -16.97 9.07 -4.76
C GLY B 308 -18.43 9.47 -4.79
N CYS B 309 -18.73 10.29 -5.79
CA CYS B 309 -20.09 10.64 -6.14
C CYS B 309 -20.83 9.38 -6.58
N TYR B 310 -22.15 9.32 -6.41
CA TYR B 310 -22.99 8.21 -6.86
C TYR B 310 -22.57 6.97 -6.11
N GLY B 311 -21.99 7.21 -4.93
CA GLY B 311 -21.40 6.19 -4.09
C GLY B 311 -20.35 5.30 -4.78
N VAL B 312 -19.63 5.78 -5.80
CA VAL B 312 -18.81 4.86 -6.58
C VAL B 312 -17.55 4.49 -5.82
N ASN B 313 -17.12 3.23 -6.03
CA ASN B 313 -15.76 2.76 -5.77
C ASN B 313 -15.38 2.93 -4.32
N PRO B 314 -16.24 2.52 -3.36
CA PRO B 314 -15.90 2.62 -1.94
C PRO B 314 -14.67 1.79 -1.59
N TYR B 315 -13.77 2.35 -0.79
CA TYR B 315 -12.56 1.67 -0.36
C TYR B 315 -12.25 2.07 1.09
N LEU B 316 -11.54 1.22 1.84
CA LEU B 316 -11.14 1.54 3.19
C LEU B 316 -9.68 1.98 3.18
N VAL B 317 -9.35 3.02 3.95
CA VAL B 317 -8.01 3.57 4.00
C VAL B 317 -7.00 2.51 4.39
N SER B 318 -7.39 1.57 5.24
CA SER B 318 -6.50 0.52 5.72
C SER B 318 -5.93 -0.33 4.57
N GLY B 319 -6.74 -0.59 3.54
CA GLY B 319 -6.38 -1.52 2.49
C GLY B 319 -7.25 -2.78 2.46
N ARG B 320 -8.03 -3.03 3.51
CA ARG B 320 -8.87 -4.21 3.50
C ARG B 320 -10.02 -4.07 2.50
N VAL B 321 -10.37 -5.17 1.86
CA VAL B 321 -11.63 -5.35 1.16
C VAL B 321 -12.49 -6.28 2.01
N PRO B 322 -13.43 -5.73 2.79
CA PRO B 322 -14.36 -6.54 3.57
C PRO B 322 -15.24 -7.40 2.69
N ASN B 323 -15.98 -8.24 3.39
CA ASN B 323 -16.69 -9.31 2.75
C ASN B 323 -17.97 -9.54 3.52
N ALA B 324 -18.80 -8.51 3.62
CA ALA B 324 -19.90 -8.48 4.58
C ALA B 324 -21.11 -9.17 3.98
N PRO B 325 -22.03 -9.67 4.82
CA PRO B 325 -23.24 -10.30 4.33
C PRO B 325 -24.04 -9.31 3.48
N LYS B 326 -24.60 -9.87 2.39
CA LYS B 326 -25.49 -9.17 1.48
C LYS B 326 -26.84 -8.96 2.17
N VAL B 327 -27.36 -7.73 2.12
CA VAL B 327 -28.54 -7.33 2.89
C VAL B 327 -29.53 -6.55 2.04
N LEU B 328 -29.04 -5.65 1.18
CA LEU B 328 -29.93 -4.83 0.38
C LEU B 328 -30.28 -5.50 -0.94
N ARG B 329 -31.47 -5.15 -1.45
CA ARG B 329 -31.96 -5.65 -2.73
C ARG B 329 -31.04 -5.21 -3.86
N GLU B 330 -30.69 -6.16 -4.74
CA GLU B 330 -29.79 -5.92 -5.85
C GLU B 330 -30.64 -5.61 -7.09
N ILE B 331 -30.52 -4.36 -7.54
CA ILE B 331 -31.37 -3.83 -8.62
C ILE B 331 -30.82 -4.18 -10.00
N LYS B 332 -31.59 -4.97 -10.75
CA LYS B 332 -31.15 -5.56 -12.00
C LYS B 332 -31.55 -4.69 -13.20
N GLU B 333 -32.79 -4.17 -13.19
CA GLU B 333 -33.25 -3.17 -14.15
C GLU B 333 -32.56 -1.81 -13.93
N SER B 334 -32.89 -0.82 -14.79
CA SER B 334 -32.33 0.51 -14.65
C SER B 334 -33.02 1.27 -13.53
N HIS B 335 -32.50 2.46 -13.24
CA HIS B 335 -33.08 3.27 -12.19
C HIS B 335 -34.52 3.66 -12.49
N GLN B 336 -34.87 3.72 -13.78
CA GLN B 336 -36.16 4.21 -14.17
C GLN B 336 -37.13 3.06 -14.31
N MET B 337 -36.61 1.94 -14.82
CA MET B 337 -37.43 0.78 -15.16
C MET B 337 -37.78 -0.04 -13.91
N ASP B 338 -37.03 0.23 -12.83
CA ASP B 338 -37.33 -0.29 -11.52
C ASP B 338 -38.56 0.43 -10.96
N TRP B 339 -38.56 1.76 -11.09
CA TRP B 339 -39.76 2.49 -10.73
C TRP B 339 -40.97 2.03 -11.55
N VAL B 340 -40.75 1.67 -12.82
CA VAL B 340 -41.87 1.24 -13.67
C VAL B 340 -42.47 -0.04 -13.08
N ARG B 341 -41.58 -0.98 -12.73
CA ARG B 341 -41.98 -2.28 -12.21
C ARG B 341 -42.89 -2.07 -11.01
N ALA B 342 -42.38 -1.21 -10.10
CA ALA B 342 -43.06 -0.87 -8.86
C ALA B 342 -44.48 -0.36 -9.13
N CYS B 343 -44.68 0.39 -10.23
CA CYS B 343 -45.99 0.95 -10.57
C CYS B 343 -47.02 -0.14 -10.89
N LYS B 344 -46.55 -1.30 -11.36
CA LYS B 344 -47.42 -2.34 -11.87
C LYS B 344 -47.69 -3.41 -10.81
N GLU B 345 -47.05 -3.30 -9.65
CA GLU B 345 -47.40 -4.15 -8.52
C GLU B 345 -48.61 -3.55 -7.80
N ASP B 346 -49.45 -4.42 -7.22
CA ASP B 346 -50.52 -3.99 -6.34
C ASP B 346 -49.88 -3.40 -5.08
N ALA B 347 -50.50 -2.35 -4.53
CA ALA B 347 -49.98 -1.54 -3.43
C ALA B 347 -49.55 -2.36 -2.22
N ASP B 348 -50.25 -3.49 -1.95
CA ASP B 348 -49.96 -4.28 -0.77
C ASP B 348 -48.77 -5.21 -0.94
N ASP B 349 -48.37 -5.52 -2.19
CA ASP B 349 -47.23 -6.39 -2.46
C ASP B 349 -46.08 -5.63 -3.11
N ARG B 350 -46.19 -4.30 -3.14
CA ARG B 350 -45.25 -3.52 -3.93
C ARG B 350 -43.93 -3.50 -3.18
N VAL B 351 -42.88 -4.00 -3.84
CA VAL B 351 -41.53 -3.72 -3.43
C VAL B 351 -41.18 -2.32 -3.92
N PRO B 352 -40.95 -1.35 -3.03
CA PRO B 352 -40.67 0.01 -3.45
C PRO B 352 -39.38 0.02 -4.23
N SER B 353 -39.24 0.99 -5.12
CA SER B 353 -38.01 1.27 -5.83
C SER B 353 -37.01 1.94 -4.90
N ALA B 354 -35.77 2.09 -5.35
CA ALA B 354 -34.67 2.45 -4.47
C ALA B 354 -34.79 3.89 -3.96
N SER B 355 -35.65 4.72 -4.56
CA SER B 355 -35.70 6.12 -4.19
C SER B 355 -37.12 6.54 -3.89
N ASP B 356 -37.96 5.59 -3.46
CA ASP B 356 -39.31 5.87 -3.01
C ASP B 356 -39.30 7.04 -2.03
N PHE B 357 -40.33 7.89 -2.11
CA PHE B 357 -40.33 9.15 -1.40
C PHE B 357 -40.29 8.91 0.11
N SER B 358 -40.65 7.70 0.56
CA SER B 358 -40.50 7.35 1.95
C SER B 358 -39.05 7.57 2.42
N GLU B 359 -38.04 7.34 1.56
CA GLU B 359 -36.65 7.63 1.90
C GLU B 359 -36.21 9.00 1.37
N ALA B 360 -36.50 9.25 0.09
CA ALA B 360 -35.98 10.44 -0.54
C ALA B 360 -36.67 11.69 -0.02
N GLY B 361 -37.93 11.59 0.40
CA GLY B 361 -38.58 12.71 1.05
C GLY B 361 -37.71 13.34 2.15
N PRO B 362 -37.45 12.61 3.25
CA PRO B 362 -36.52 13.08 4.29
C PRO B 362 -35.09 13.41 3.89
N PHE B 363 -34.58 12.66 2.92
CA PHE B 363 -33.26 12.91 2.38
C PHE B 363 -33.19 14.31 1.76
N ASN B 364 -34.18 14.64 0.94
CA ASN B 364 -34.16 15.94 0.31
C ASN B 364 -34.28 17.03 1.36
N GLU B 365 -35.08 16.77 2.39
CA GLU B 365 -35.25 17.75 3.45
C GLU B 365 -33.90 18.18 4.03
N MET B 366 -32.91 17.29 4.02
CA MET B 366 -31.61 17.64 4.58
C MET B 366 -30.79 18.42 3.56
N VAL B 367 -30.82 18.00 2.29
CA VAL B 367 -30.14 18.73 1.23
C VAL B 367 -30.60 20.20 1.20
N VAL B 368 -31.91 20.39 1.09
CA VAL B 368 -32.51 21.71 0.95
C VAL B 368 -32.38 22.54 2.22
N MET B 369 -32.27 21.85 3.35
CA MET B 369 -32.02 22.50 4.62
C MET B 369 -30.66 23.19 4.64
N GLY B 370 -29.73 22.75 3.79
CA GLY B 370 -28.43 23.39 3.64
C GLY B 370 -28.58 24.78 2.99
N VAL B 371 -29.61 24.98 2.20
CA VAL B 371 -29.91 26.29 1.70
C VAL B 371 -30.25 27.20 2.87
N LEU B 372 -31.15 26.71 3.74
CA LEU B 372 -31.62 27.54 4.84
C LEU B 372 -30.41 27.97 5.67
N ALA B 373 -29.48 27.05 5.88
CA ALA B 373 -28.30 27.31 6.68
C ALA B 373 -27.48 28.46 6.12
N VAL B 374 -27.33 28.45 4.80
CA VAL B 374 -26.46 29.41 4.13
C VAL B 374 -27.09 30.79 4.18
N ARG B 375 -28.42 30.89 4.03
CA ARG B 375 -29.08 32.17 3.90
C ARG B 375 -29.35 32.80 5.28
N LEU B 376 -29.42 31.96 6.33
CA LEU B 376 -29.67 32.51 7.65
C LEU B 376 -28.35 32.78 8.34
N GLN B 377 -27.26 32.76 7.58
CA GLN B 377 -25.95 32.77 8.19
C GLN B 377 -25.66 34.02 9.00
N ASN B 378 -26.41 35.10 8.81
CA ASN B 378 -25.97 36.35 9.40
C ASN B 378 -26.50 36.43 10.82
N LEU B 379 -27.45 35.54 11.16
CA LEU B 379 -27.99 35.44 12.51
C LEU B 379 -26.91 35.07 13.53
N ASN B 380 -25.81 34.44 13.11
CA ASN B 380 -24.66 34.20 13.97
C ASN B 380 -24.99 33.22 15.11
N ARG B 381 -25.42 32.01 14.71
CA ARG B 381 -25.95 31.04 15.64
C ARG B 381 -26.06 29.65 15.00
N GLU B 382 -25.63 28.62 15.74
CA GLU B 382 -26.08 27.27 15.45
C GLU B 382 -27.61 27.34 15.39
N LEU B 383 -28.23 26.82 14.33
CA LEU B 383 -29.68 26.90 14.25
C LEU B 383 -30.26 25.60 14.78
N LEU B 384 -31.19 25.66 15.71
CA LEU B 384 -31.77 24.43 16.22
C LEU B 384 -33.05 24.15 15.47
N TRP B 385 -33.12 22.96 14.88
CA TRP B 385 -34.20 22.58 14.00
C TRP B 385 -35.12 21.60 14.72
N ASP B 386 -36.40 21.92 14.75
CA ASP B 386 -37.40 20.95 15.11
C ASP B 386 -38.01 20.35 13.85
N GLY B 387 -37.70 19.07 13.62
CA GLY B 387 -38.07 18.39 12.38
C GLY B 387 -39.58 18.16 12.29
N PRO B 388 -40.21 17.47 13.27
CA PRO B 388 -41.64 17.16 13.18
C PRO B 388 -42.57 18.36 12.99
N ASN B 389 -42.15 19.56 13.38
CA ASN B 389 -42.98 20.74 13.16
C ASN B 389 -42.39 21.71 12.13
N MET B 390 -41.28 21.35 11.48
CA MET B 390 -40.70 22.14 10.39
C MET B 390 -40.50 23.58 10.82
N ARG B 391 -39.67 23.84 11.82
CA ARG B 391 -39.32 25.19 12.17
C ARG B 391 -38.05 25.26 12.99
N PHE B 392 -37.36 26.38 12.92
CA PHE B 392 -36.29 26.64 13.86
C PHE B 392 -36.91 27.05 15.19
N THR B 393 -36.21 26.75 16.28
CA THR B 393 -36.74 26.99 17.59
C THR B 393 -35.94 28.10 18.23
N ASN B 394 -34.91 28.60 17.57
CA ASN B 394 -34.00 29.47 18.28
C ASN B 394 -33.67 30.72 17.47
N ILE B 395 -34.67 31.20 16.69
CA ILE B 395 -34.55 32.47 16.03
C ILE B 395 -35.35 33.49 16.82
N PRO B 396 -34.76 34.60 17.31
CA PRO B 396 -35.51 35.59 18.08
C PRO B 396 -36.56 36.26 17.19
N ASP B 397 -37.68 36.71 17.78
CA ASP B 397 -38.65 37.46 16.96
C ASP B 397 -38.19 38.92 16.75
N ASP B 398 -37.28 39.45 17.59
CA ASP B 398 -36.78 40.83 17.41
C ASP B 398 -35.86 40.95 16.19
N ALA B 399 -35.29 39.83 15.72
CA ALA B 399 -34.16 39.88 14.84
C ALA B 399 -34.61 39.91 13.38
N THR B 400 -33.72 40.46 12.54
CA THR B 400 -34.00 40.72 11.14
C THR B 400 -32.82 40.28 10.28
N ILE B 401 -33.07 40.18 8.98
CA ILE B 401 -32.19 39.62 7.98
C ILE B 401 -32.07 40.65 6.85
N SER B 402 -30.89 40.73 6.26
CA SER B 402 -30.63 41.60 5.11
C SER B 402 -29.59 40.96 4.20
N ALA B 403 -29.84 40.92 2.91
CA ALA B 403 -28.86 40.34 2.00
C ALA B 403 -28.18 41.43 1.17
N VAL B 404 -27.03 41.12 0.57
CA VAL B 404 -26.41 42.05 -0.36
C VAL B 404 -27.19 41.95 -1.68
N ILE B 405 -27.45 43.09 -2.34
CA ILE B 405 -28.06 43.13 -3.67
C ILE B 405 -26.99 43.07 -4.76
N LYS B 406 -26.03 44.02 -4.71
CA LYS B 406 -24.91 44.00 -5.64
C LYS B 406 -23.71 44.73 -5.02
N ASP B 407 -22.52 44.20 -5.30
CA ASP B 407 -21.29 44.73 -4.75
C ASP B 407 -20.84 45.91 -5.59
N GLY B 408 -20.41 46.98 -4.94
CA GLY B 408 -20.07 48.21 -5.62
C GLY B 408 -18.60 48.59 -5.46
N PHE B 409 -17.70 47.60 -5.33
CA PHE B 409 -16.30 47.94 -5.12
C PHE B 409 -15.80 48.65 -6.38
N HIS B 410 -15.04 49.74 -6.22
CA HIS B 410 -14.36 50.33 -7.36
C HIS B 410 -13.20 51.15 -6.84
N ILE B 411 -12.14 51.32 -7.63
CA ILE B 411 -11.06 52.22 -7.26
C ILE B 411 -11.12 53.41 -8.18
N LYS B 412 -10.63 54.55 -7.69
CA LYS B 412 -10.91 55.83 -8.31
C LYS B 412 -9.67 56.72 -8.12
N ASP B 413 -8.77 56.69 -9.12
CA ASP B 413 -7.49 57.37 -9.06
C ASP B 413 -6.70 56.87 -7.85
N GLY B 414 -6.78 55.55 -7.62
CA GLY B 414 -5.96 54.92 -6.61
C GLY B 414 -6.64 54.76 -5.26
N HIS B 415 -7.59 55.63 -4.88
CA HIS B 415 -8.24 55.52 -3.58
C HIS B 415 -9.46 54.61 -3.71
N PRO B 416 -9.56 53.49 -2.95
CA PRO B 416 -10.64 52.51 -3.13
C PRO B 416 -11.90 52.80 -2.31
N THR B 417 -13.01 52.17 -2.69
CA THR B 417 -14.31 52.52 -2.19
C THR B 417 -15.06 51.23 -2.01
N PHE B 418 -15.63 50.97 -0.82
CA PHE B 418 -16.17 49.67 -0.52
C PHE B 418 -17.69 49.68 -0.48
N ASP B 419 -18.34 50.36 -1.41
CA ASP B 419 -19.79 50.34 -1.49
C ASP B 419 -20.34 48.93 -1.68
N LYS B 420 -21.58 48.73 -1.24
CA LYS B 420 -22.35 47.52 -1.41
C LYS B 420 -23.79 47.92 -1.18
N THR B 421 -24.75 47.40 -1.93
CA THR B 421 -26.13 47.83 -1.68
C THR B 421 -26.87 46.67 -1.04
N TRP B 422 -27.73 46.94 -0.04
CA TRP B 422 -28.39 45.91 0.74
C TRP B 422 -29.90 45.91 0.58
N THR B 423 -30.56 44.76 0.76
CA THR B 423 -32.00 44.71 0.75
C THR B 423 -32.55 45.45 1.98
N ASP B 424 -33.85 45.70 1.98
CA ASP B 424 -34.52 46.33 3.11
C ASP B 424 -34.64 45.23 4.15
N PRO B 425 -34.32 45.45 5.45
CA PRO B 425 -34.43 44.38 6.45
C PRO B 425 -35.84 43.80 6.55
N VAL B 426 -35.99 42.46 6.56
CA VAL B 426 -37.25 41.80 6.88
C VAL B 426 -37.10 41.00 8.17
N ASN B 427 -38.23 40.64 8.78
CA ASN B 427 -38.24 39.89 10.02
C ASN B 427 -37.67 38.49 9.78
N ALA B 428 -36.68 38.10 10.60
CA ALA B 428 -35.85 36.93 10.30
C ALA B 428 -36.69 35.67 10.46
N GLN B 429 -37.61 35.72 11.43
CA GLN B 429 -38.45 34.57 11.70
C GLN B 429 -39.40 34.32 10.54
N GLN B 430 -39.94 35.38 9.94
CA GLN B 430 -40.86 35.24 8.83
C GLN B 430 -40.10 34.98 7.53
N PHE B 431 -38.89 35.55 7.39
CA PHE B 431 -38.03 35.24 6.27
C PHE B 431 -37.86 33.73 6.21
N ALA B 432 -37.50 33.16 7.38
CA ALA B 432 -37.14 31.75 7.44
C ALA B 432 -38.38 30.90 7.18
N GLN B 433 -39.53 31.29 7.77
CA GLN B 433 -40.74 30.51 7.59
C GLN B 433 -40.99 30.35 6.11
N GLU B 434 -40.70 31.42 5.34
CA GLU B 434 -41.10 31.52 3.94
C GLU B 434 -40.14 30.75 3.03
N LEU B 435 -38.87 30.60 3.43
CA LEU B 435 -37.94 29.70 2.75
C LEU B 435 -38.33 28.23 2.99
N ILE B 436 -38.95 27.95 4.13
CA ILE B 436 -39.35 26.60 4.49
C ILE B 436 -40.64 26.24 3.78
N LYS B 437 -41.53 27.22 3.76
CA LYS B 437 -42.80 27.08 3.08
C LYS B 437 -43.05 28.34 2.27
N HIS B 438 -43.01 28.25 0.96
CA HIS B 438 -43.18 29.44 0.13
C HIS B 438 -44.64 29.84 0.14
N THR B 439 -44.91 31.14 0.00
CA THR B 439 -46.25 31.65 -0.24
C THR B 439 -46.46 31.68 -1.75
N TYR B 440 -47.37 30.84 -2.28
CA TYR B 440 -47.46 30.71 -3.73
C TYR B 440 -48.19 31.93 -4.33
N ARG B 441 -47.64 32.38 -5.46
CA ARG B 441 -48.21 33.44 -6.27
C ARG B 441 -49.64 33.08 -6.64
N ASP B 442 -50.55 34.08 -6.58
CA ASP B 442 -51.97 33.76 -6.61
C ASP B 442 -52.28 33.08 -7.94
N GLY B 443 -53.23 32.15 -7.88
CA GLY B 443 -53.53 31.27 -9.01
C GLY B 443 -52.69 29.99 -8.98
N TRP B 444 -51.91 29.76 -7.91
CA TRP B 444 -51.11 28.54 -7.80
C TRP B 444 -51.23 27.99 -6.39
N LYS B 445 -51.60 26.70 -6.30
CA LYS B 445 -52.14 26.09 -5.08
C LYS B 445 -51.60 24.65 -4.98
N LEU B 446 -50.93 24.36 -3.85
CA LEU B 446 -50.58 23.01 -3.44
C LEU B 446 -51.81 22.32 -2.86
N PRO B 447 -51.92 20.97 -2.92
CA PRO B 447 -52.88 20.24 -2.10
C PRO B 447 -52.63 20.44 -0.62
N ASP B 448 -53.64 20.09 0.18
CA ASP B 448 -53.48 20.10 1.63
C ASP B 448 -52.57 18.96 2.07
N MET B 449 -51.88 19.20 3.19
CA MET B 449 -51.21 18.17 3.95
C MET B 449 -52.27 17.17 4.40
N PRO B 450 -52.12 15.84 4.19
CA PRO B 450 -53.08 14.87 4.72
C PRO B 450 -53.18 14.79 6.25
N ARG B 451 -54.35 14.38 6.78
CA ARG B 451 -54.61 14.38 8.20
C ARG B 451 -54.29 12.98 8.78
N ASP C 1 61.23 -7.12 8.10
CA ASP C 1 60.68 -6.48 9.34
C ASP C 1 59.24 -6.94 9.59
N LYS C 2 59.07 -7.69 10.68
CA LYS C 2 58.06 -8.74 10.72
C LYS C 2 56.83 -8.27 11.48
N LEU C 3 55.67 -8.74 11.03
CA LEU C 3 54.43 -8.51 11.75
C LEU C 3 54.40 -9.33 13.02
N ASN C 4 54.05 -8.69 14.15
CA ASN C 4 53.71 -9.41 15.37
C ASN C 4 52.21 -9.71 15.39
N ILE C 5 51.88 -11.00 15.36
CA ILE C 5 50.50 -11.44 15.20
C ILE C 5 50.06 -12.25 16.42
N LEU C 6 48.84 -11.98 16.91
CA LEU C 6 48.16 -12.85 17.85
C LEU C 6 47.22 -13.77 17.07
N GLY C 7 47.04 -15.02 17.53
CA GLY C 7 46.02 -15.90 16.96
C GLY C 7 44.93 -16.13 18.00
N VAL C 8 43.68 -16.23 17.56
CA VAL C 8 42.60 -16.55 18.48
C VAL C 8 41.71 -17.56 17.79
N GLY C 9 41.88 -18.82 18.13
CA GLY C 9 41.12 -19.89 17.54
C GLY C 9 41.95 -20.61 16.49
N ILE C 10 42.81 -21.52 17.00
CA ILE C 10 43.99 -21.96 16.29
C ILE C 10 43.89 -23.46 15.98
N GLY C 11 42.82 -24.12 16.41
CA GLY C 11 42.81 -25.57 16.46
C GLY C 11 42.50 -26.21 15.11
N GLY C 12 41.62 -25.52 14.36
CA GLY C 12 41.06 -26.07 13.14
C GLY C 12 41.61 -25.32 11.94
N ARG C 13 40.77 -24.51 11.30
CA ARG C 13 41.24 -23.73 10.17
C ARG C 13 42.40 -22.85 10.59
N GLY C 14 42.32 -22.31 11.81
CA GLY C 14 43.32 -21.39 12.32
C GLY C 14 44.74 -21.94 12.18
N SER C 15 44.84 -23.28 12.21
CA SER C 15 46.09 -24.01 12.08
C SER C 15 46.77 -23.72 10.73
N SER C 16 46.04 -23.95 9.62
CA SER C 16 46.55 -23.72 8.27
C SER C 16 46.69 -22.23 7.99
N VAL C 17 45.88 -21.40 8.62
CA VAL C 17 46.07 -19.99 8.41
C VAL C 17 47.40 -19.55 9.05
N LEU C 18 47.65 -19.91 10.31
CA LEU C 18 48.89 -19.54 10.96
C LEU C 18 50.07 -20.09 10.17
N ARG C 19 49.83 -21.11 9.34
CA ARG C 19 50.84 -21.64 8.45
C ARG C 19 51.24 -20.56 7.45
N GLY C 20 50.25 -19.90 6.84
CA GLY C 20 50.51 -18.81 5.92
C GLY C 20 51.29 -17.68 6.59
N LEU C 21 51.16 -17.50 7.91
CA LEU C 21 51.70 -16.32 8.55
C LEU C 21 53.07 -16.62 9.15
N GLU C 22 53.49 -17.88 9.07
CA GLU C 22 54.63 -18.36 9.82
C GLU C 22 55.90 -17.57 9.58
N SER C 23 56.05 -17.05 8.35
CA SER C 23 57.17 -16.21 8.01
C SER C 23 57.33 -15.06 9.00
N GLN C 24 56.25 -14.74 9.71
CA GLN C 24 56.16 -13.56 10.56
C GLN C 24 56.55 -13.94 11.98
N ASN C 25 55.75 -13.55 12.97
CA ASN C 25 56.07 -13.71 14.38
C ASN C 25 54.81 -14.08 15.14
N ILE C 26 54.56 -15.37 15.41
CA ILE C 26 53.36 -15.74 16.12
C ILE C 26 53.65 -15.56 17.63
N ILE C 27 53.19 -14.50 18.30
CA ILE C 27 53.70 -14.22 19.64
C ILE C 27 52.69 -14.56 20.74
N GLY C 28 51.46 -14.85 20.35
CA GLY C 28 50.41 -15.07 21.33
C GLY C 28 49.33 -15.96 20.72
N LEU C 29 49.02 -17.07 21.42
CA LEU C 29 48.01 -17.98 20.96
C LEU C 29 46.94 -18.14 22.03
N CYS C 30 45.67 -18.08 21.60
CA CYS C 30 44.54 -18.17 22.52
C CYS C 30 43.48 -19.10 21.97
N ASP C 31 43.46 -20.32 22.51
CA ASP C 31 42.39 -21.23 22.21
C ASP C 31 41.70 -21.57 23.53
N VAL C 32 40.43 -21.97 23.45
CA VAL C 32 39.65 -22.31 24.63
C VAL C 32 39.81 -23.79 24.95
N ASP C 33 40.26 -24.61 23.98
CA ASP C 33 40.34 -26.06 24.13
C ASP C 33 41.79 -26.50 24.00
N TRP C 34 42.49 -26.70 25.14
CA TRP C 34 43.92 -26.88 25.10
C TRP C 34 44.30 -28.27 24.64
N LYS C 35 43.30 -29.13 24.46
CA LYS C 35 43.50 -30.48 23.97
C LYS C 35 43.42 -30.52 22.43
N TYR C 36 42.29 -30.11 21.86
CA TYR C 36 42.09 -30.06 20.42
C TYR C 36 43.22 -29.31 19.71
N ALA C 37 43.69 -28.28 20.41
CA ALA C 37 44.59 -27.28 19.86
C ALA C 37 46.04 -27.48 20.29
N ASP C 38 46.33 -28.61 20.90
CA ASP C 38 47.62 -28.82 21.52
C ASP C 38 48.64 -28.81 20.40
N HIS C 39 48.31 -29.51 19.31
CA HIS C 39 49.30 -29.77 18.27
C HIS C 39 49.83 -28.43 17.77
N VAL C 40 48.96 -27.42 17.68
CA VAL C 40 49.37 -26.11 17.20
C VAL C 40 50.28 -25.41 18.19
N PHE C 41 49.83 -25.28 19.45
CA PHE C 41 50.58 -24.53 20.44
C PHE C 41 52.06 -24.90 20.43
N LYS C 42 52.34 -26.19 20.25
CA LYS C 42 53.71 -26.66 20.33
C LYS C 42 54.35 -26.72 18.94
N ARG C 43 53.67 -26.18 17.94
CA ARG C 43 54.33 -25.81 16.71
C ARG C 43 54.92 -24.42 16.90
N TYR C 44 54.37 -23.62 17.83
CA TYR C 44 54.83 -22.25 18.06
C TYR C 44 55.21 -22.13 19.53
N PRO C 45 56.28 -22.84 19.94
CA PRO C 45 56.59 -22.99 21.36
C PRO C 45 56.95 -21.68 22.06
N ALA C 46 57.09 -20.59 21.30
CA ALA C 46 57.56 -19.33 21.84
C ALA C 46 56.39 -18.43 22.27
N ALA C 47 55.16 -18.79 21.88
CA ALA C 47 54.01 -17.90 22.00
C ALA C 47 53.33 -18.05 23.35
N LYS C 48 53.30 -16.96 24.14
CA LYS C 48 52.58 -16.89 25.41
C LYS C 48 51.17 -17.47 25.20
N LYS C 49 50.73 -18.48 25.98
CA LYS C 49 49.45 -19.14 25.70
C LYS C 49 48.34 -18.65 26.62
N TYR C 50 47.11 -18.58 26.10
CA TYR C 50 45.96 -18.15 26.86
C TYR C 50 44.76 -19.03 26.49
N ASN C 51 43.66 -18.87 27.25
CA ASN C 51 42.42 -19.54 26.86
C ASN C 51 41.22 -18.59 26.92
N ASP C 52 41.43 -17.30 27.23
CA ASP C 52 40.40 -16.27 27.19
C ASP C 52 40.98 -15.05 26.48
N TYR C 53 40.37 -14.64 25.35
CA TYR C 53 41.02 -13.65 24.50
C TYR C 53 41.20 -12.32 25.25
N ARG C 54 40.40 -12.08 26.30
CA ARG C 54 40.40 -10.78 26.96
C ARG C 54 41.55 -10.66 27.94
N LYS C 55 41.96 -11.79 28.54
CA LYS C 55 43.19 -11.80 29.31
C LYS C 55 44.35 -11.55 28.35
N MET C 56 44.34 -12.23 27.19
CA MET C 56 45.44 -12.16 26.24
C MET C 56 45.58 -10.73 25.75
N PHE C 57 44.44 -10.11 25.43
CA PHE C 57 44.44 -8.76 24.87
C PHE C 57 44.93 -7.76 25.91
N ASP C 58 44.57 -7.93 27.18
CA ASP C 58 45.09 -7.06 28.24
C ASP C 58 46.62 -7.09 28.28
N GLU C 59 47.15 -8.31 28.40
CA GLU C 59 48.57 -8.49 28.65
C GLU C 59 49.36 -8.17 27.38
N MET C 60 48.84 -8.46 26.18
CA MET C 60 49.70 -8.63 25.00
C MET C 60 49.36 -7.72 23.81
N LEU C 61 48.30 -6.93 23.87
CA LEU C 61 47.89 -6.17 22.71
C LEU C 61 48.94 -5.10 22.43
N LYS C 62 49.45 -4.48 23.50
CA LYS C 62 50.46 -3.42 23.34
C LYS C 62 51.79 -4.02 22.81
N SER C 63 51.81 -5.30 22.40
CA SER C 63 53.00 -5.92 21.85
C SER C 63 52.70 -6.55 20.50
N ALA C 64 51.54 -6.22 19.94
CA ALA C 64 51.07 -6.88 18.74
C ALA C 64 50.75 -5.85 17.65
N ASP C 65 50.80 -6.32 16.41
CA ASP C 65 50.53 -5.47 15.27
C ASP C 65 49.20 -5.91 14.69
N ALA C 66 48.98 -7.22 14.65
CA ALA C 66 47.84 -7.80 13.95
C ALA C 66 47.22 -8.91 14.79
N VAL C 67 46.09 -9.43 14.33
CA VAL C 67 45.35 -10.44 15.09
C VAL C 67 44.63 -11.31 14.07
N MET C 68 44.78 -12.62 14.18
CA MET C 68 44.08 -13.55 13.33
C MET C 68 42.95 -14.12 14.16
N VAL C 69 41.76 -14.33 13.57
CA VAL C 69 40.61 -14.83 14.31
C VAL C 69 39.93 -15.98 13.57
N ALA C 70 39.98 -17.20 14.11
CA ALA C 70 39.36 -18.34 13.46
C ALA C 70 38.57 -19.16 14.48
N THR C 71 37.80 -18.43 15.29
CA THR C 71 36.89 -19.01 16.24
C THR C 71 35.62 -19.44 15.52
N ALA C 72 34.66 -19.94 16.30
CA ALA C 72 33.31 -20.19 15.81
C ALA C 72 32.62 -18.85 15.50
N ASP C 73 31.59 -18.87 14.65
CA ASP C 73 31.13 -17.68 13.94
C ASP C 73 30.82 -16.53 14.92
N HIS C 74 30.14 -16.86 16.00
CA HIS C 74 29.42 -15.90 16.83
C HIS C 74 30.34 -15.05 17.71
N THR C 75 31.66 -15.34 17.73
CA THR C 75 32.58 -14.51 18.50
C THR C 75 33.51 -13.71 17.59
N HIS C 76 33.51 -13.98 16.28
CA HIS C 76 34.39 -13.23 15.39
C HIS C 76 34.30 -11.73 15.64
N ALA C 77 33.07 -11.24 15.71
CA ALA C 77 32.81 -9.82 15.75
C ALA C 77 33.47 -9.20 16.97
N ILE C 78 33.10 -9.67 18.15
CA ILE C 78 33.54 -9.01 19.35
C ILE C 78 35.07 -9.02 19.47
N ILE C 79 35.75 -10.08 19.01
CA ILE C 79 37.21 -10.16 19.10
C ILE C 79 37.83 -9.14 18.14
N ALA C 80 37.40 -9.24 16.88
CA ALA C 80 37.88 -8.37 15.83
C ALA C 80 37.68 -6.90 16.21
N ALA C 81 36.53 -6.60 16.77
CA ALA C 81 36.10 -5.23 17.04
C ALA C 81 36.98 -4.59 18.12
N ASP C 82 37.35 -5.42 19.11
CA ASP C 82 38.21 -5.00 20.22
C ASP C 82 39.65 -4.82 19.75
N ALA C 83 40.05 -5.56 18.71
CA ALA C 83 41.38 -5.46 18.14
C ALA C 83 41.53 -4.21 17.30
N MET C 84 40.51 -3.91 16.49
CA MET C 84 40.62 -2.76 15.61
C MET C 84 40.62 -1.50 16.45
N THR C 85 39.77 -1.40 17.49
CA THR C 85 39.73 -0.18 18.29
C THR C 85 41.11 0.07 18.90
N ALA C 86 41.97 -0.97 18.94
CA ALA C 86 43.29 -0.88 19.58
C ALA C 86 44.40 -0.51 18.58
N GLY C 87 44.06 -0.45 17.28
CA GLY C 87 44.96 0.00 16.24
C GLY C 87 45.58 -1.16 15.48
N LYS C 88 44.89 -2.31 15.46
CA LYS C 88 45.53 -3.55 15.04
C LYS C 88 44.83 -4.13 13.84
N HIS C 89 45.62 -4.61 12.87
CA HIS C 89 45.11 -5.18 11.63
C HIS C 89 44.44 -6.50 12.01
N VAL C 90 43.48 -7.02 11.25
CA VAL C 90 42.89 -8.29 11.62
C VAL C 90 42.57 -9.11 10.38
N TYR C 91 42.96 -10.39 10.41
CA TYR C 91 42.48 -11.41 9.48
C TYR C 91 41.36 -12.09 10.23
N VAL C 92 40.25 -12.43 9.58
CA VAL C 92 39.09 -12.92 10.30
C VAL C 92 38.43 -13.96 9.42
N GLU C 93 38.35 -15.21 9.85
CA GLU C 93 37.92 -16.22 8.90
C GLU C 93 36.47 -15.91 8.51
N LYS C 94 36.05 -16.46 7.37
CA LYS C 94 34.66 -16.33 6.94
C LYS C 94 33.75 -17.36 7.61
N PRO C 95 32.45 -17.07 7.86
CA PRO C 95 31.85 -15.78 7.53
C PRO C 95 32.37 -14.74 8.54
N LEU C 96 32.22 -13.47 8.19
CA LEU C 96 32.92 -12.39 8.87
C LEU C 96 32.34 -12.24 10.25
N THR C 97 31.02 -12.32 10.33
CA THR C 97 30.31 -12.20 11.59
C THR C 97 29.06 -13.07 11.51
N HIS C 98 28.32 -13.04 12.61
CA HIS C 98 27.18 -13.91 12.78
C HIS C 98 25.90 -13.15 12.41
N THR C 99 25.90 -11.83 12.69
CA THR C 99 24.77 -10.96 12.45
C THR C 99 25.09 -9.90 11.39
N VAL C 100 24.03 -9.19 10.96
CA VAL C 100 24.22 -8.10 10.01
C VAL C 100 24.79 -6.86 10.72
N TYR C 101 24.27 -6.55 11.90
CA TYR C 101 24.75 -5.37 12.61
C TYR C 101 26.26 -5.48 12.78
N GLU C 102 26.76 -6.68 13.09
CA GLU C 102 28.16 -6.88 13.44
C GLU C 102 29.03 -6.61 12.20
N SER C 103 28.63 -7.18 11.07
CA SER C 103 29.30 -6.92 9.79
C SER C 103 29.37 -5.43 9.47
N ARG C 104 28.30 -4.68 9.73
CA ARG C 104 28.30 -3.25 9.49
C ARG C 104 29.19 -2.58 10.54
N LEU C 105 29.19 -3.08 11.77
CA LEU C 105 30.07 -2.50 12.77
C LEU C 105 31.53 -2.61 12.32
N LEU C 106 31.91 -3.81 11.85
CA LEU C 106 33.29 -4.06 11.48
C LEU C 106 33.67 -3.21 10.26
N THR C 107 32.75 -3.05 9.31
CA THR C 107 33.08 -2.30 8.11
C THR C 107 33.39 -0.85 8.51
N LYS C 108 32.61 -0.32 9.45
CA LYS C 108 32.74 1.07 9.84
C LYS C 108 33.99 1.26 10.71
N LEU C 109 34.39 0.24 11.47
CA LEU C 109 35.56 0.42 12.32
C LEU C 109 36.84 0.36 11.51
N ALA C 110 36.88 -0.49 10.46
CA ALA C 110 38.05 -0.58 9.59
C ALA C 110 38.33 0.79 9.05
N ASP C 111 37.26 1.43 8.58
CA ASP C 111 37.37 2.74 7.98
C ASP C 111 37.90 3.72 9.02
N LYS C 112 37.30 3.72 10.21
CA LYS C 112 37.66 4.70 11.21
C LYS C 112 39.12 4.58 11.65
N TYR C 113 39.60 3.34 11.90
CA TYR C 113 40.90 3.15 12.52
C TYR C 113 42.02 3.01 11.48
N LYS C 114 41.66 2.86 10.21
CA LYS C 114 42.63 2.79 9.12
C LYS C 114 43.57 1.60 9.33
N VAL C 115 43.02 0.40 9.17
CA VAL C 115 43.79 -0.81 9.42
C VAL C 115 43.52 -1.77 8.28
N ALA C 116 44.59 -2.47 7.88
CA ALA C 116 44.49 -3.56 6.94
C ALA C 116 43.54 -4.58 7.53
N THR C 117 42.71 -5.19 6.70
CA THR C 117 41.68 -6.12 7.11
C THR C 117 41.59 -7.21 6.03
N GLN C 118 41.16 -8.44 6.39
CA GLN C 118 41.03 -9.47 5.39
C GLN C 118 40.06 -10.52 5.88
N MET C 119 38.97 -10.77 5.17
CA MET C 119 38.13 -11.94 5.41
C MET C 119 38.81 -13.17 4.80
N GLY C 120 38.54 -14.35 5.35
CA GLY C 120 39.31 -15.54 5.06
C GLY C 120 38.79 -16.38 3.90
N ASN C 121 38.00 -15.77 3.01
CA ASN C 121 37.56 -16.41 1.77
C ASN C 121 38.69 -16.28 0.76
N GLN C 122 39.51 -17.32 0.67
CA GLN C 122 40.80 -17.20 0.00
C GLN C 122 40.68 -17.25 -1.53
N GLY C 123 39.48 -17.63 -2.02
CA GLY C 123 39.15 -17.62 -3.44
C GLY C 123 39.08 -16.20 -4.03
N ALA C 124 39.02 -15.22 -3.13
CA ALA C 124 39.16 -13.84 -3.53
C ALA C 124 40.56 -13.53 -4.03
N SER C 125 41.59 -14.30 -3.66
CA SER C 125 42.92 -13.96 -4.12
C SER C 125 43.34 -14.83 -5.30
N ASP C 126 42.44 -15.70 -5.77
CA ASP C 126 42.64 -16.59 -6.92
C ASP C 126 42.40 -15.88 -8.26
N GLU C 127 42.71 -16.60 -9.36
CA GLU C 127 42.57 -16.13 -10.73
C GLU C 127 41.10 -16.23 -11.19
N GLY C 128 40.38 -17.27 -10.81
CA GLY C 128 39.10 -17.54 -11.45
C GLY C 128 38.11 -16.38 -11.34
N VAL C 129 38.18 -15.63 -10.24
CA VAL C 129 37.26 -14.55 -9.98
C VAL C 129 37.70 -13.33 -10.77
N ARG C 130 39.01 -13.18 -11.02
CA ARG C 130 39.48 -12.11 -11.88
C ARG C 130 38.93 -12.29 -13.29
N LYS C 131 38.83 -13.53 -13.78
CA LYS C 131 38.35 -13.78 -15.12
C LYS C 131 36.84 -13.60 -15.21
N VAL C 132 36.09 -13.93 -14.14
CA VAL C 132 34.65 -13.77 -14.17
C VAL C 132 34.29 -12.28 -14.21
N CYS C 133 35.10 -11.43 -13.54
CA CYS C 133 34.81 -10.02 -13.44
C CYS C 133 35.23 -9.29 -14.71
N GLU C 134 36.45 -9.58 -15.16
CA GLU C 134 36.95 -8.96 -16.36
C GLU C 134 36.06 -9.35 -17.54
N TRP C 135 35.43 -10.53 -17.55
CA TRP C 135 34.50 -10.90 -18.62
C TRP C 135 33.14 -10.22 -18.52
N ILE C 136 32.52 -10.23 -17.34
CA ILE C 136 31.21 -9.58 -17.19
C ILE C 136 31.33 -8.11 -17.56
N TRP C 137 32.37 -7.44 -17.02
CA TRP C 137 32.62 -6.02 -17.18
C TRP C 137 32.94 -5.63 -18.62
N ASN C 138 33.31 -6.58 -19.47
CA ASN C 138 33.59 -6.24 -20.84
C ASN C 138 32.46 -6.73 -21.75
N GLY C 139 31.32 -7.03 -21.12
CA GLY C 139 30.09 -7.27 -21.85
C GLY C 139 30.11 -8.62 -22.57
N GLU C 140 30.85 -9.58 -22.02
CA GLU C 140 31.06 -10.84 -22.73
C GLU C 140 29.79 -11.66 -22.69
N ILE C 141 28.92 -11.39 -21.74
CA ILE C 141 27.70 -12.15 -21.63
C ILE C 141 26.50 -11.22 -21.69
N GLY C 142 26.79 -9.91 -21.62
CA GLY C 142 25.75 -8.93 -21.71
C GLY C 142 25.22 -8.63 -20.32
N GLU C 143 23.97 -8.20 -20.27
CA GLU C 143 23.35 -7.80 -19.03
C GLU C 143 22.93 -9.07 -18.28
N VAL C 144 23.16 -9.06 -16.96
CA VAL C 144 22.78 -10.18 -16.10
C VAL C 144 21.64 -9.81 -15.16
N ARG C 145 20.55 -10.57 -15.28
CA ARG C 145 19.34 -10.34 -14.51
C ARG C 145 18.96 -11.53 -13.62
N LYS C 146 19.52 -12.71 -13.83
CA LYS C 146 19.23 -13.91 -13.05
C LYS C 146 20.53 -14.69 -12.82
N VAL C 147 20.85 -14.98 -11.55
CA VAL C 147 22.02 -15.73 -11.12
C VAL C 147 21.54 -16.91 -10.27
N GLU C 148 22.15 -18.08 -10.47
CA GLU C 148 21.88 -19.27 -9.65
C GLU C 148 23.16 -19.79 -9.02
N THR C 149 23.08 -20.05 -7.71
CA THR C 149 24.20 -20.50 -6.90
C THR C 149 23.74 -21.65 -6.02
N PHE C 150 24.67 -22.59 -5.78
CA PHE C 150 24.39 -23.70 -4.88
C PHE C 150 25.68 -24.33 -4.35
N THR C 151 25.52 -24.96 -3.17
CA THR C 151 26.49 -25.90 -2.62
C THR C 151 25.81 -27.23 -2.36
N ASP C 152 26.63 -28.28 -2.25
CA ASP C 152 26.16 -29.62 -1.91
C ASP C 152 26.07 -29.77 -0.38
N ARG C 153 26.75 -28.89 0.36
CA ARG C 153 26.70 -28.75 1.80
C ARG C 153 25.28 -28.41 2.25
N PRO C 154 24.84 -28.67 3.51
CA PRO C 154 25.64 -29.41 4.51
C PRO C 154 25.91 -30.89 4.17
N ILE C 155 27.11 -31.40 4.52
CA ILE C 155 27.44 -32.81 4.38
C ILE C 155 27.59 -33.41 5.76
N TRP C 156 27.24 -32.63 6.78
CA TRP C 156 27.10 -33.16 8.11
C TRP C 156 25.63 -33.09 8.45
N PRO C 157 25.16 -33.87 9.43
CA PRO C 157 23.81 -33.72 9.98
C PRO C 157 23.52 -32.39 10.69
N GLN C 158 22.43 -31.74 10.27
CA GLN C 158 21.84 -30.66 11.04
C GLN C 158 20.45 -31.16 11.40
N GLY C 159 19.53 -30.30 11.80
CA GLY C 159 18.21 -30.75 12.21
C GLY C 159 18.23 -31.46 13.57
N LEU C 160 19.12 -30.99 14.48
CA LEU C 160 19.39 -31.59 15.78
C LEU C 160 18.57 -30.95 16.88
N SER C 161 18.30 -31.76 17.91
CA SER C 161 17.74 -31.31 19.19
C SER C 161 18.88 -31.07 20.18
N ARG C 162 18.70 -30.09 21.08
CA ARG C 162 19.61 -29.92 22.21
C ARG C 162 19.71 -31.20 23.02
N PRO C 163 20.93 -31.73 23.29
CA PRO C 163 21.07 -32.91 24.14
C PRO C 163 20.57 -32.66 25.57
N GLU C 164 19.79 -33.61 26.10
CA GLU C 164 19.31 -33.54 27.48
C GLU C 164 20.23 -34.39 28.37
N ASP C 165 20.92 -35.35 27.71
CA ASP C 165 22.07 -36.15 28.16
C ASP C 165 23.22 -35.25 28.62
N ASP C 166 23.94 -35.60 29.71
CA ASP C 166 24.75 -34.58 30.37
C ASP C 166 26.23 -34.96 30.41
N GLN C 167 27.09 -33.95 30.30
CA GLN C 167 28.53 -34.15 30.27
C GLN C 167 29.13 -33.07 31.15
N ARG C 168 30.24 -33.35 31.79
CA ARG C 168 30.90 -32.30 32.53
C ARG C 168 32.00 -31.71 31.66
N ILE C 169 32.34 -30.45 31.96
CA ILE C 169 33.32 -29.72 31.19
C ILE C 169 34.68 -30.32 31.46
N PRO C 170 35.42 -30.86 30.44
CA PRO C 170 36.85 -31.13 30.58
C PRO C 170 37.67 -29.97 31.14
N LYS C 171 38.80 -30.28 31.79
CA LYS C 171 39.55 -29.25 32.48
C LYS C 171 40.36 -28.47 31.45
N THR C 172 40.35 -29.00 30.22
CA THR C 172 41.14 -28.48 29.12
C THR C 172 40.35 -27.40 28.33
N LEU C 173 39.06 -27.23 28.67
CA LEU C 173 38.14 -26.43 27.87
C LEU C 173 37.55 -25.31 28.74
N ASN C 174 37.62 -24.08 28.20
CA ASN C 174 37.07 -22.91 28.84
C ASN C 174 35.68 -22.68 28.27
N TRP C 175 34.71 -23.47 28.74
CA TRP C 175 33.39 -23.49 28.12
C TRP C 175 32.72 -22.12 28.15
N ASP C 176 33.12 -21.22 29.04
CA ASP C 176 32.43 -19.95 29.17
C ASP C 176 32.91 -18.97 28.12
N ALA C 177 34.24 -18.92 27.95
CA ALA C 177 34.87 -18.09 26.93
C ALA C 177 34.41 -18.51 25.54
N PHE C 178 33.92 -19.76 25.43
CA PHE C 178 33.43 -20.29 24.17
C PHE C 178 32.05 -19.75 23.87
N ILE C 179 31.16 -19.79 24.87
CA ILE C 179 29.82 -19.23 24.74
C ILE C 179 29.92 -17.74 24.35
N GLY C 180 30.87 -17.05 24.99
CA GLY C 180 31.11 -15.64 24.74
C GLY C 180 29.83 -14.87 24.98
N PRO C 181 29.36 -14.08 23.98
CA PRO C 181 28.14 -13.31 24.15
C PRO C 181 26.84 -14.06 23.87
N ALA C 182 26.93 -15.30 23.36
CA ALA C 182 25.75 -16.09 23.05
C ALA C 182 25.02 -16.42 24.34
N PRO C 183 23.77 -16.92 24.30
CA PRO C 183 23.10 -17.35 25.52
C PRO C 183 23.78 -18.62 26.04
N TYR C 184 23.95 -18.72 27.38
CA TYR C 184 24.65 -19.83 28.01
C TYR C 184 23.82 -21.10 27.86
N ARG C 185 24.51 -22.25 27.80
CA ARG C 185 23.85 -23.56 27.93
C ARG C 185 24.79 -24.63 28.52
N PRO C 186 24.24 -25.76 29.02
CA PRO C 186 25.06 -26.89 29.46
C PRO C 186 25.94 -27.35 28.29
N TYR C 187 27.21 -27.66 28.61
CA TYR C 187 28.20 -28.16 27.67
C TYR C 187 27.80 -29.57 27.17
N ASN C 188 28.24 -29.87 25.95
CA ASN C 188 28.14 -31.16 25.30
C ASN C 188 29.07 -31.06 24.09
N ALA C 189 29.61 -32.18 23.60
CA ALA C 189 30.62 -32.12 22.55
C ALA C 189 29.98 -31.97 21.17
N ILE C 190 28.65 -31.96 21.15
CA ILE C 190 27.92 -31.70 19.93
C ILE C 190 28.13 -30.23 19.56
N TYR C 191 28.58 -29.36 20.47
CA TYR C 191 28.69 -27.94 20.17
C TYR C 191 30.08 -27.52 19.71
N THR C 192 31.15 -28.22 20.11
CA THR C 192 32.51 -27.83 19.72
C THR C 192 33.41 -29.03 19.99
N PRO C 193 34.61 -29.14 19.39
CA PRO C 193 35.04 -28.41 18.21
C PRO C 193 34.25 -28.75 16.95
N TRP C 194 34.25 -27.80 16.00
CA TRP C 194 33.84 -27.99 14.61
C TRP C 194 32.32 -27.95 14.45
N ASN C 195 31.57 -28.71 15.26
CA ASN C 195 30.18 -29.03 14.96
C ASN C 195 29.20 -27.88 15.26
N PHE C 196 29.70 -26.71 15.72
CA PHE C 196 28.88 -25.54 15.95
C PHE C 196 28.18 -25.04 14.67
N ARG C 197 28.67 -25.48 13.50
CA ARG C 197 28.09 -25.11 12.24
C ARG C 197 26.58 -25.24 12.27
N GLY C 198 26.08 -26.35 12.81
CA GLY C 198 24.65 -26.60 12.68
C GLY C 198 23.76 -25.91 13.72
N TRP C 199 24.30 -24.96 14.51
CA TRP C 199 23.56 -24.42 15.64
C TRP C 199 23.38 -22.91 15.46
N TRP C 200 22.12 -22.47 15.45
CA TRP C 200 21.83 -21.09 15.09
C TRP C 200 22.67 -20.06 15.85
N ASP C 201 22.87 -20.21 17.17
CA ASP C 201 23.41 -19.11 17.97
C ASP C 201 24.94 -19.12 18.00
N PHE C 202 25.57 -20.06 17.27
CA PHE C 202 27.02 -20.15 17.15
C PHE C 202 27.45 -20.10 15.68
N GLY C 203 26.71 -20.80 14.81
CA GLY C 203 27.08 -20.93 13.41
C GLY C 203 26.02 -20.40 12.46
N THR C 204 26.24 -20.59 11.16
CA THR C 204 25.29 -20.06 10.20
C THR C 204 24.95 -21.16 9.20
N GLY C 205 25.30 -22.41 9.55
CA GLY C 205 24.88 -23.55 8.73
C GLY C 205 25.69 -23.58 7.43
N ALA C 206 25.08 -24.12 6.37
CA ALA C 206 25.70 -24.18 5.04
C ALA C 206 26.03 -22.79 4.53
N LEU C 207 25.16 -21.80 4.81
CA LEU C 207 25.40 -20.41 4.44
C LEU C 207 26.79 -19.99 4.92
N GLY C 208 27.08 -20.13 6.22
CA GLY C 208 28.34 -19.66 6.76
C GLY C 208 29.52 -20.53 6.34
N ASP C 209 29.28 -21.80 5.97
CA ASP C 209 30.39 -22.72 5.76
C ASP C 209 30.91 -22.66 4.33
N MET C 210 30.04 -22.26 3.38
CA MET C 210 30.32 -22.39 1.96
C MET C 210 29.91 -21.15 1.16
N ALA C 211 28.97 -20.30 1.61
CA ALA C 211 28.45 -19.30 0.68
C ALA C 211 29.49 -18.22 0.43
N CYS C 212 30.30 -17.80 1.41
CA CYS C 212 31.33 -16.81 1.13
C CYS C 212 32.36 -17.25 0.09
N HIS C 213 32.52 -18.55 -0.10
CA HIS C 213 33.42 -19.06 -1.12
C HIS C 213 32.75 -19.01 -2.49
N ILE C 214 31.44 -19.36 -2.50
CA ILE C 214 30.66 -19.54 -3.71
C ILE C 214 30.17 -18.22 -4.31
N LEU C 215 29.64 -17.32 -3.48
CA LEU C 215 28.93 -16.13 -3.96
C LEU C 215 29.88 -14.96 -4.09
N HIS C 216 31.18 -15.11 -3.87
CA HIS C 216 32.01 -13.90 -3.92
C HIS C 216 32.10 -13.36 -5.35
N PRO C 217 32.21 -14.21 -6.41
CA PRO C 217 32.17 -13.69 -7.79
C PRO C 217 30.87 -12.99 -8.17
N VAL C 218 29.72 -13.43 -7.58
CA VAL C 218 28.43 -12.82 -7.89
C VAL C 218 28.39 -11.42 -7.32
N PHE C 219 28.97 -11.23 -6.14
CA PHE C 219 28.87 -9.96 -5.46
C PHE C 219 29.89 -8.96 -6.04
N LYS C 220 31.08 -9.40 -6.41
CA LYS C 220 32.09 -8.43 -6.80
C LYS C 220 31.89 -8.02 -8.26
N GLY C 221 31.52 -9.04 -9.05
CA GLY C 221 31.36 -8.93 -10.50
C GLY C 221 30.14 -8.12 -10.91
N LEU C 222 29.06 -8.20 -10.14
CA LEU C 222 27.89 -7.40 -10.39
C LEU C 222 27.90 -6.13 -9.54
N LYS C 223 29.03 -5.86 -8.89
CA LYS C 223 29.09 -4.79 -7.89
C LYS C 223 27.77 -4.61 -7.12
N LEU C 224 27.42 -5.62 -6.30
CA LEU C 224 26.20 -5.59 -5.52
C LEU C 224 26.41 -4.82 -4.22
N GLY C 225 25.30 -4.44 -3.59
CA GLY C 225 25.32 -3.73 -2.32
C GLY C 225 24.35 -4.36 -1.34
N TYR C 226 23.46 -3.56 -0.80
CA TYR C 226 22.34 -4.07 -0.04
C TYR C 226 21.28 -4.62 -0.97
N PRO C 227 20.61 -5.73 -0.65
CA PRO C 227 19.47 -6.18 -1.46
C PRO C 227 18.24 -5.40 -1.04
N THR C 228 17.17 -5.57 -1.80
CA THR C 228 15.94 -4.85 -1.47
C THR C 228 14.90 -5.86 -0.98
N LYS C 229 14.99 -7.11 -1.45
CA LYS C 229 14.01 -8.09 -1.05
C LYS C 229 14.71 -9.42 -0.80
N VAL C 230 14.25 -10.18 0.19
CA VAL C 230 14.70 -11.56 0.30
C VAL C 230 13.54 -12.44 0.74
N GLN C 231 13.61 -13.70 0.32
CA GLN C 231 12.71 -14.72 0.82
C GLN C 231 13.36 -16.09 0.80
N GLY C 232 12.86 -16.97 1.67
CA GLY C 232 13.42 -18.30 1.87
C GLY C 232 12.37 -19.36 2.18
N SER C 233 12.74 -20.60 1.91
CA SER C 233 11.99 -21.75 2.41
C SER C 233 13.01 -22.83 2.73
N SER C 234 12.61 -23.88 3.47
CA SER C 234 13.57 -24.89 3.91
C SER C 234 12.88 -26.18 4.35
N THR C 235 13.68 -27.24 4.58
CA THR C 235 13.16 -28.45 5.20
C THR C 235 12.88 -28.13 6.64
N LEU C 236 12.27 -29.09 7.36
CA LEU C 236 11.87 -28.87 8.75
C LEU C 236 12.85 -27.91 9.43
N LEU C 237 12.27 -26.79 9.91
CA LEU C 237 13.02 -25.72 10.56
C LEU C 237 12.82 -25.77 12.07
N LEU C 238 13.95 -25.91 12.75
CA LEU C 238 13.93 -26.07 14.19
C LEU C 238 14.37 -24.77 14.84
N ASN C 239 14.26 -24.74 16.16
CA ASN C 239 14.43 -23.50 16.86
C ASN C 239 15.90 -23.29 17.20
N GLU C 240 16.72 -24.36 17.27
CA GLU C 240 18.11 -24.21 17.69
C GLU C 240 19.13 -24.63 16.63
N SER C 241 18.66 -25.40 15.63
CA SER C 241 19.50 -26.08 14.66
C SER C 241 19.04 -25.75 13.23
N ALA C 242 20.03 -25.48 12.36
CA ALA C 242 19.80 -25.19 10.95
C ALA C 242 19.25 -26.42 10.22
N PRO C 243 18.61 -26.29 9.03
CA PRO C 243 17.94 -27.40 8.37
C PRO C 243 18.81 -28.14 7.36
N MET C 244 18.28 -29.26 6.86
CA MET C 244 18.97 -30.16 5.95
C MET C 244 19.27 -29.47 4.63
N ALA C 245 18.35 -28.62 4.19
CA ALA C 245 18.32 -28.03 2.87
C ALA C 245 17.47 -26.74 2.88
N GLN C 246 17.97 -25.67 2.25
CA GLN C 246 17.21 -24.42 2.12
C GLN C 246 17.27 -23.94 0.67
N THR C 247 16.27 -23.13 0.26
CA THR C 247 16.31 -22.26 -0.93
C THR C 247 16.09 -20.81 -0.50
N VAL C 248 16.96 -19.91 -0.94
CA VAL C 248 16.74 -18.50 -0.73
C VAL C 248 16.70 -17.81 -2.09
N LYS C 249 15.88 -16.75 -2.21
CA LYS C 249 15.91 -15.86 -3.37
C LYS C 249 16.18 -14.41 -2.94
N PHE C 250 17.28 -13.79 -3.39
CA PHE C 250 17.50 -12.37 -3.18
C PHE C 250 17.11 -11.57 -4.42
N VAL C 251 16.80 -10.28 -4.26
CA VAL C 251 16.69 -9.31 -5.33
C VAL C 251 17.56 -8.10 -5.00
N PHE C 252 18.46 -7.73 -5.90
CA PHE C 252 19.20 -6.51 -5.71
C PHE C 252 18.71 -5.44 -6.68
N PRO C 253 18.82 -4.14 -6.31
CA PRO C 253 18.40 -3.06 -7.20
C PRO C 253 19.46 -2.79 -8.27
N ALA C 254 19.06 -2.03 -9.31
CA ALA C 254 19.98 -1.63 -10.36
C ALA C 254 21.08 -0.75 -9.79
N ARG C 255 22.29 -0.89 -10.32
CA ARG C 255 23.39 -0.02 -9.95
C ARG C 255 23.75 0.78 -11.19
N ASP C 256 24.62 1.76 -10.99
CA ASP C 256 25.21 2.46 -12.12
C ASP C 256 25.62 1.47 -13.21
N ASN C 257 25.39 1.81 -14.47
CA ASN C 257 25.88 1.01 -15.57
C ASN C 257 27.37 1.25 -15.74
N MET C 258 28.03 0.30 -16.37
CA MET C 258 29.42 0.45 -16.77
C MET C 258 29.48 0.65 -18.28
N PRO C 259 30.54 1.27 -18.84
CA PRO C 259 30.69 1.41 -20.28
C PRO C 259 30.21 0.25 -21.15
N LYS C 260 30.53 -1.00 -20.81
CA LYS C 260 30.30 -2.09 -21.74
C LYS C 260 29.22 -3.07 -21.29
N VAL C 261 28.64 -2.87 -20.10
CA VAL C 261 27.60 -3.74 -19.59
C VAL C 261 26.67 -2.93 -18.69
N ALA C 262 25.37 -3.19 -18.80
CA ALA C 262 24.41 -2.56 -17.90
C ALA C 262 24.27 -3.37 -16.63
N MET C 263 23.91 -2.70 -15.53
CA MET C 263 23.72 -3.32 -14.24
C MET C 263 22.27 -3.20 -13.76
N PRO C 264 21.30 -3.85 -14.42
CA PRO C 264 19.92 -3.85 -13.95
C PRO C 264 19.70 -4.58 -12.63
N GLU C 265 18.50 -4.36 -12.10
CA GLU C 265 17.95 -5.20 -11.05
C GLU C 265 18.22 -6.67 -11.40
N VAL C 266 18.81 -7.42 -10.44
CA VAL C 266 19.18 -8.81 -10.59
C VAL C 266 18.58 -9.64 -9.46
N GLU C 267 18.09 -10.84 -9.80
CA GLU C 267 17.63 -11.83 -8.83
C GLU C 267 18.71 -12.89 -8.58
N VAL C 268 19.06 -13.20 -7.31
CA VAL C 268 20.11 -14.17 -7.01
C VAL C 268 19.47 -15.36 -6.30
N TYR C 269 19.48 -16.56 -6.89
CA TYR C 269 18.93 -17.75 -6.24
C TYR C 269 20.04 -18.52 -5.51
N TRP C 270 19.76 -19.04 -4.28
CA TRP C 270 20.69 -19.89 -3.55
C TRP C 270 19.99 -21.23 -3.21
N TYR C 271 20.65 -22.35 -3.53
CA TYR C 271 20.15 -23.66 -3.17
C TYR C 271 21.22 -24.40 -2.37
N ASP C 272 20.82 -25.34 -1.50
CA ASP C 272 21.81 -26.21 -0.88
C ASP C 272 21.14 -27.44 -0.32
N GLY C 273 21.98 -28.39 0.13
CA GLY C 273 21.54 -29.58 0.82
C GLY C 273 21.22 -30.68 -0.17
N GLY C 274 21.77 -30.54 -1.37
CA GLY C 274 21.55 -31.48 -2.44
C GLY C 274 20.72 -30.86 -3.57
N LEU C 275 19.96 -29.81 -3.25
CA LEU C 275 19.03 -29.19 -4.19
C LEU C 275 19.88 -28.47 -5.21
N LYS C 276 19.48 -28.59 -6.50
CA LYS C 276 20.26 -27.99 -7.58
C LYS C 276 19.36 -27.13 -8.49
N PRO C 277 19.90 -25.98 -8.98
CA PRO C 277 19.19 -25.16 -9.95
C PRO C 277 18.98 -26.04 -11.17
N ALA C 278 17.88 -25.80 -11.92
CA ALA C 278 17.64 -26.56 -13.14
C ALA C 278 18.73 -26.20 -14.14
N ARG C 279 18.99 -27.13 -15.05
CA ARG C 279 20.19 -27.06 -15.85
C ARG C 279 20.02 -25.93 -16.86
N PRO C 280 21.07 -25.09 -17.11
CA PRO C 280 21.06 -24.10 -18.17
C PRO C 280 20.83 -24.69 -19.55
N GLU C 281 20.14 -23.92 -20.40
CA GLU C 281 20.03 -24.20 -21.82
C GLU C 281 21.42 -24.08 -22.43
N GLY C 282 21.73 -25.08 -23.27
CA GLY C 282 22.98 -25.06 -24.02
C GLY C 282 24.02 -25.99 -23.41
N LEU C 283 23.93 -26.24 -22.09
CA LEU C 283 24.95 -26.97 -21.37
C LEU C 283 24.90 -28.44 -21.78
N PRO C 284 26.05 -29.04 -22.16
CA PRO C 284 26.11 -30.47 -22.48
C PRO C 284 25.50 -31.39 -21.42
N ALA C 285 24.70 -32.37 -21.89
CA ALA C 285 24.15 -33.36 -20.99
C ALA C 285 25.31 -34.07 -20.29
N GLY C 286 25.24 -34.19 -18.96
CA GLY C 286 26.27 -34.88 -18.19
C GLY C 286 27.29 -33.97 -17.54
N LYS C 287 27.44 -32.73 -18.00
CA LYS C 287 28.38 -31.83 -17.35
C LYS C 287 27.87 -31.49 -15.94
N ASP C 288 28.76 -31.64 -14.93
CA ASP C 288 28.39 -31.46 -13.53
C ASP C 288 28.48 -29.98 -13.18
N LEU C 289 27.42 -29.46 -12.57
CA LEU C 289 27.39 -28.06 -12.18
C LEU C 289 28.26 -27.81 -10.95
N ASN C 290 28.49 -28.86 -10.16
CA ASN C 290 29.31 -28.78 -8.97
C ASN C 290 30.77 -28.85 -9.39
N MET C 291 31.58 -27.87 -8.97
CA MET C 291 33.03 -27.99 -9.09
C MET C 291 33.67 -27.48 -7.82
N ALA C 292 34.30 -28.40 -7.07
CA ALA C 292 34.95 -28.13 -5.79
C ALA C 292 33.92 -27.67 -4.75
N GLY C 293 32.65 -28.09 -4.94
CA GLY C 293 31.69 -28.12 -3.86
C GLY C 293 30.49 -27.21 -4.07
N GLY C 294 30.34 -26.69 -5.28
CA GLY C 294 29.20 -25.84 -5.58
C GLY C 294 29.28 -25.25 -6.99
N GLY C 295 28.36 -24.34 -7.32
CA GLY C 295 28.27 -23.82 -8.67
C GLY C 295 27.63 -22.44 -8.72
N VAL C 296 28.00 -21.69 -9.77
CA VAL C 296 27.43 -20.37 -10.07
C VAL C 296 27.05 -20.36 -11.55
N ILE C 297 25.81 -19.97 -11.85
CA ILE C 297 25.34 -19.78 -13.21
C ILE C 297 24.91 -18.33 -13.38
N PHE C 298 25.72 -17.51 -14.09
CA PHE C 298 25.28 -16.19 -14.51
C PHE C 298 24.51 -16.28 -15.83
N TYR C 299 23.21 -16.02 -15.81
CA TYR C 299 22.42 -15.99 -17.03
C TYR C 299 22.50 -14.58 -17.62
N GLY C 300 23.11 -14.48 -18.81
CA GLY C 300 23.28 -13.20 -19.47
C GLY C 300 22.43 -13.15 -20.72
N THR C 301 22.23 -11.96 -21.27
CA THR C 301 21.37 -11.76 -22.45
C THR C 301 22.05 -12.30 -23.70
N LYS C 302 23.37 -12.40 -23.67
CA LYS C 302 24.09 -12.86 -24.83
C LYS C 302 24.71 -14.22 -24.62
N ASP C 303 25.03 -14.61 -23.38
CA ASP C 303 25.71 -15.88 -23.12
C ASP C 303 25.52 -16.29 -21.64
N THR C 304 25.90 -17.54 -21.30
CA THR C 304 25.75 -18.05 -19.95
C THR C 304 27.14 -18.34 -19.43
N LEU C 305 27.53 -17.74 -18.30
CA LEU C 305 28.86 -17.94 -17.71
C LEU C 305 28.72 -18.78 -16.43
N ILE C 306 29.48 -19.89 -16.33
CA ILE C 306 29.40 -20.86 -15.26
C ILE C 306 30.75 -21.02 -14.58
N CYS C 307 30.78 -21.03 -13.25
CA CYS C 307 31.99 -21.38 -12.52
C CYS C 307 31.69 -22.33 -11.32
N GLY C 308 32.77 -22.75 -10.66
CA GLY C 308 32.67 -23.57 -9.48
C GLY C 308 32.81 -22.72 -8.22
N CYS C 309 32.99 -23.44 -7.12
CA CYS C 309 33.32 -22.87 -5.84
C CYS C 309 34.70 -22.20 -5.95
N TYR C 310 34.95 -21.16 -5.12
CA TYR C 310 36.24 -20.48 -5.09
C TYR C 310 36.50 -19.86 -6.46
N GLY C 311 35.38 -19.60 -7.15
CA GLY C 311 35.33 -19.08 -8.50
C GLY C 311 36.14 -19.87 -9.53
N VAL C 312 36.33 -21.19 -9.35
CA VAL C 312 37.28 -21.88 -10.20
C VAL C 312 36.70 -22.12 -11.60
N ASN C 313 37.61 -22.09 -12.60
CA ASN C 313 37.39 -22.71 -13.91
C ASN C 313 36.17 -22.13 -14.63
N PRO C 314 36.04 -20.78 -14.67
CA PRO C 314 34.93 -20.16 -15.37
C PRO C 314 34.94 -20.50 -16.85
N TYR C 315 33.76 -20.76 -17.42
CA TYR C 315 33.61 -21.09 -18.84
C TYR C 315 32.28 -20.52 -19.34
N LEU C 316 32.17 -20.23 -20.66
CA LEU C 316 30.92 -19.76 -21.23
C LEU C 316 30.26 -20.93 -21.96
N VAL C 317 28.94 -21.08 -21.79
CA VAL C 317 28.21 -22.20 -22.37
C VAL C 317 28.42 -22.27 -23.88
N SER C 318 28.56 -21.13 -24.53
CA SER C 318 28.71 -21.06 -25.98
C SER C 318 29.90 -21.86 -26.48
N GLY C 319 30.99 -21.91 -25.70
CA GLY C 319 32.23 -22.48 -26.17
C GLY C 319 33.35 -21.45 -26.24
N ARG C 320 33.03 -20.17 -26.18
CA ARG C 320 34.04 -19.17 -26.41
C ARG C 320 34.91 -19.05 -25.17
N VAL C 321 36.17 -18.75 -25.45
CA VAL C 321 37.11 -18.28 -24.45
C VAL C 321 37.36 -16.81 -24.75
N PRO C 322 36.70 -15.88 -24.05
CA PRO C 322 36.96 -14.47 -24.27
C PRO C 322 38.38 -14.07 -23.87
N ASN C 323 38.70 -12.84 -24.18
CA ASN C 323 40.04 -12.32 -23.99
C ASN C 323 39.88 -10.85 -23.62
N ALA C 324 39.28 -10.60 -22.47
CA ALA C 324 38.89 -9.26 -22.10
C ALA C 324 40.06 -8.54 -21.46
N PRO C 325 40.06 -7.19 -21.46
CA PRO C 325 41.17 -6.43 -20.88
C PRO C 325 41.31 -6.78 -19.40
N LYS C 326 42.58 -6.91 -18.98
CA LYS C 326 42.98 -7.18 -17.62
C LYS C 326 42.78 -5.92 -16.79
N VAL C 327 42.04 -5.99 -15.67
CA VAL C 327 41.73 -4.75 -14.94
C VAL C 327 41.96 -4.93 -13.44
N LEU C 328 41.71 -6.16 -12.95
CA LEU C 328 41.94 -6.42 -11.53
C LEU C 328 43.37 -6.83 -11.24
N ARG C 329 43.87 -6.41 -10.06
CA ARG C 329 45.26 -6.60 -9.69
C ARG C 329 45.53 -8.09 -9.56
N GLU C 330 46.67 -8.55 -10.09
CA GLU C 330 47.00 -9.97 -10.13
C GLU C 330 47.84 -10.29 -8.88
N ILE C 331 47.26 -11.08 -7.97
CA ILE C 331 47.78 -11.29 -6.63
C ILE C 331 48.82 -12.41 -6.63
N LYS C 332 50.06 -12.04 -6.27
CA LYS C 332 51.26 -12.85 -6.44
C LYS C 332 51.53 -13.67 -5.17
N GLU C 333 51.43 -13.04 -3.99
CA GLU C 333 51.50 -13.71 -2.70
C GLU C 333 50.22 -14.51 -2.45
N SER C 334 50.16 -15.20 -1.30
CA SER C 334 49.02 -15.99 -0.92
C SER C 334 47.93 -15.09 -0.37
N HIS C 335 46.79 -15.68 -0.06
CA HIS C 335 45.67 -14.92 0.46
C HIS C 335 45.99 -14.26 1.79
N GLN C 336 46.92 -14.85 2.53
CA GLN C 336 47.20 -14.36 3.87
C GLN C 336 48.33 -13.35 3.79
N MET C 337 49.30 -13.63 2.92
CA MET C 337 50.54 -12.88 2.85
C MET C 337 50.33 -11.56 2.10
N ASP C 338 49.21 -11.49 1.37
CA ASP C 338 48.77 -10.25 0.74
C ASP C 338 48.19 -9.33 1.80
N TRP C 339 47.38 -9.87 2.71
CA TRP C 339 46.96 -9.10 3.85
C TRP C 339 48.15 -8.63 4.67
N VAL C 340 49.20 -9.43 4.79
CA VAL C 340 50.35 -9.04 5.59
C VAL C 340 50.98 -7.81 4.93
N ARG C 341 51.16 -7.86 3.61
CA ARG C 341 51.77 -6.78 2.86
C ARG C 341 51.04 -5.48 3.15
N ALA C 342 49.71 -5.56 3.02
CA ALA C 342 48.82 -4.44 3.25
C ALA C 342 49.03 -3.85 4.65
N CYS C 343 49.34 -4.68 5.68
CA CYS C 343 49.55 -4.20 7.03
C CYS C 343 50.81 -3.33 7.15
N LYS C 344 51.76 -3.53 6.24
CA LYS C 344 53.06 -2.87 6.34
C LYS C 344 53.12 -1.65 5.44
N GLU C 345 52.04 -1.36 4.70
CA GLU C 345 51.93 -0.11 3.97
C GLU C 345 51.41 0.96 4.93
N ASP C 346 51.83 2.23 4.71
CA ASP C 346 51.22 3.32 5.46
C ASP C 346 49.81 3.53 4.88
N ALA C 347 48.89 3.90 5.79
CA ALA C 347 47.45 3.98 5.59
C ALA C 347 47.06 4.78 4.34
N ASP C 348 47.85 5.79 4.00
CA ASP C 348 47.53 6.70 2.90
C ASP C 348 47.85 6.09 1.53
N ASP C 349 48.78 5.11 1.47
CA ASP C 349 49.24 4.49 0.23
C ASP C 349 48.84 3.02 0.16
N ARG C 350 47.98 2.60 1.09
CA ARG C 350 47.77 1.17 1.25
C ARG C 350 46.90 0.69 0.08
N VAL C 351 47.45 -0.28 -0.67
CA VAL C 351 46.62 -1.06 -1.58
C VAL C 351 45.92 -2.12 -0.74
N PRO C 352 44.58 -2.09 -0.63
CA PRO C 352 43.87 -3.03 0.21
C PRO C 352 44.07 -4.43 -0.35
N SER C 353 43.99 -5.43 0.52
CA SER C 353 43.95 -6.82 0.11
C SER C 353 42.58 -7.17 -0.48
N ALA C 354 42.45 -8.36 -1.07
CA ALA C 354 41.31 -8.70 -1.89
C ALA C 354 40.01 -8.81 -1.10
N SER C 355 40.09 -8.88 0.23
CA SER C 355 38.91 -9.14 1.04
C SER C 355 38.82 -8.14 2.17
N ASP C 356 39.39 -6.95 1.96
CA ASP C 356 39.24 -5.81 2.86
C ASP C 356 37.77 -5.66 3.27
N PHE C 357 37.53 -5.29 4.52
CA PHE C 357 36.17 -5.31 5.06
C PHE C 357 35.28 -4.31 4.31
N SER C 358 35.90 -3.34 3.63
CA SER C 358 35.16 -2.45 2.76
C SER C 358 34.33 -3.25 1.75
N GLU C 359 34.82 -4.40 1.26
CA GLU C 359 34.04 -5.26 0.36
C GLU C 359 33.37 -6.40 1.12
N ALA C 360 34.12 -7.07 1.97
CA ALA C 360 33.59 -8.24 2.64
C ALA C 360 32.53 -7.88 3.68
N GLY C 361 32.65 -6.72 4.31
CA GLY C 361 31.59 -6.28 5.21
C GLY C 361 30.21 -6.40 4.56
N PRO C 362 29.89 -5.63 3.50
CA PRO C 362 28.65 -5.81 2.74
C PRO C 362 28.34 -7.17 2.15
N PHE C 363 29.39 -7.86 1.71
CA PHE C 363 29.25 -9.22 1.20
C PHE C 363 28.70 -10.15 2.29
N ASN C 364 29.26 -10.06 3.49
CA ASN C 364 28.79 -10.92 4.55
C ASN C 364 27.37 -10.59 4.92
N GLU C 365 27.04 -9.30 4.85
CA GLU C 365 25.69 -8.87 5.16
C GLU C 365 24.66 -9.60 4.32
N MET C 366 25.04 -9.97 3.08
CA MET C 366 24.11 -10.65 2.19
C MET C 366 24.05 -12.13 2.53
N VAL C 367 25.21 -12.76 2.80
CA VAL C 367 25.24 -14.16 3.17
C VAL C 367 24.38 -14.40 4.42
N VAL C 368 24.68 -13.64 5.47
CA VAL C 368 24.07 -13.80 6.78
C VAL C 368 22.58 -13.42 6.73
N MET C 369 22.24 -12.52 5.80
CA MET C 369 20.87 -12.12 5.57
C MET C 369 20.02 -13.30 5.12
N GLY C 370 20.64 -14.30 4.50
CA GLY C 370 19.92 -15.48 4.05
C GLY C 370 19.48 -16.34 5.23
N VAL C 371 20.19 -16.23 6.35
CA VAL C 371 19.71 -16.88 7.57
C VAL C 371 18.39 -16.23 7.97
N LEU C 372 18.35 -14.89 7.99
CA LEU C 372 17.14 -14.22 8.43
C LEU C 372 15.99 -14.66 7.53
N ALA C 373 16.22 -14.79 6.23
CA ALA C 373 15.19 -15.22 5.29
C ALA C 373 14.60 -16.57 5.66
N VAL C 374 15.47 -17.50 6.03
CA VAL C 374 15.04 -18.87 6.28
C VAL C 374 14.25 -18.94 7.57
N ARG C 375 14.64 -18.17 8.59
CA ARG C 375 14.02 -18.25 9.92
C ARG C 375 12.73 -17.44 9.99
N LEU C 376 12.58 -16.43 9.13
CA LEU C 376 11.37 -15.65 9.13
C LEU C 376 10.38 -16.21 8.13
N GLN C 377 10.66 -17.41 7.61
CA GLN C 377 9.88 -17.93 6.51
C GLN C 377 8.40 -18.11 6.83
N ASN C 378 7.98 -18.09 8.08
CA ASN C 378 6.60 -18.45 8.39
C ASN C 378 5.72 -17.23 8.23
N LEU C 379 6.34 -16.04 8.15
CA LEU C 379 5.64 -14.80 7.88
C LEU C 379 4.92 -14.80 6.52
N ASN C 380 5.39 -15.61 5.57
CA ASN C 380 4.68 -15.81 4.31
C ASN C 380 4.63 -14.52 3.48
N ARG C 381 5.82 -13.99 3.16
CA ARG C 381 5.98 -12.68 2.55
C ARG C 381 7.41 -12.47 2.06
N GLU C 382 7.55 -11.92 0.86
CA GLU C 382 8.81 -11.30 0.47
C GLU C 382 9.15 -10.31 1.58
N LEU C 383 10.37 -10.35 2.09
CA LEU C 383 10.74 -9.44 3.16
C LEU C 383 11.43 -8.25 2.52
N LEU C 384 10.96 -7.03 2.79
CA LEU C 384 11.59 -5.88 2.17
C LEU C 384 12.61 -5.30 3.13
N TRP C 385 13.82 -5.14 2.62
CA TRP C 385 14.95 -4.80 3.46
C TRP C 385 15.38 -3.38 3.17
N ASP C 386 15.44 -2.57 4.21
CA ASP C 386 16.13 -1.30 4.12
C ASP C 386 17.54 -1.45 4.67
N GLY C 387 18.51 -1.33 3.76
CA GLY C 387 19.91 -1.60 4.08
C GLY C 387 20.51 -0.54 4.98
N PRO C 388 20.46 0.74 4.60
CA PRO C 388 21.12 1.77 5.41
C PRO C 388 20.66 1.87 6.87
N ASN C 389 19.43 1.39 7.17
CA ASN C 389 18.96 1.39 8.55
C ASN C 389 18.88 0.00 9.18
N MET C 390 19.34 -1.03 8.46
CA MET C 390 19.37 -2.40 8.98
C MET C 390 18.01 -2.79 9.59
N ARG C 391 16.95 -2.83 8.78
CA ARG C 391 15.70 -3.35 9.26
C ARG C 391 14.78 -3.73 8.10
N PHE C 392 13.92 -4.72 8.39
CA PHE C 392 12.84 -5.05 7.49
C PHE C 392 11.76 -4.00 7.68
N THR C 393 11.02 -3.72 6.62
CA THR C 393 10.11 -2.60 6.62
C THR C 393 8.71 -3.15 6.57
N ASN C 394 8.53 -4.45 6.46
CA ASN C 394 7.22 -4.92 6.11
C ASN C 394 6.80 -6.12 6.94
N ILE C 395 7.18 -6.10 8.23
CA ILE C 395 6.71 -7.11 9.16
C ILE C 395 5.63 -6.48 10.01
N PRO C 396 4.41 -7.07 10.08
CA PRO C 396 3.35 -6.50 10.92
C PRO C 396 3.75 -6.55 12.38
N ASP C 397 3.23 -5.60 13.18
CA ASP C 397 3.52 -5.60 14.61
C ASP C 397 2.63 -6.61 15.33
N ASP C 398 1.48 -6.99 14.75
CA ASP C 398 0.55 -7.96 15.35
C ASP C 398 1.11 -9.38 15.24
N ALA C 399 2.10 -9.63 14.36
CA ALA C 399 2.43 -10.98 13.95
C ALA C 399 3.54 -11.55 14.84
N THR C 400 3.59 -12.88 14.88
CA THR C 400 4.45 -13.63 15.79
C THR C 400 5.08 -14.82 15.06
N ILE C 401 6.12 -15.37 15.67
CA ILE C 401 6.95 -16.42 15.10
C ILE C 401 7.01 -17.57 16.11
N SER C 402 6.99 -18.80 15.58
CA SER C 402 7.05 -20.01 16.39
C SER C 402 7.79 -21.11 15.64
N ALA C 403 8.78 -21.74 16.27
CA ALA C 403 9.57 -22.75 15.58
C ALA C 403 9.23 -24.14 16.11
N VAL C 404 9.58 -25.20 15.37
CA VAL C 404 9.47 -26.55 15.87
C VAL C 404 10.64 -26.80 16.81
N ILE C 405 10.35 -27.44 17.97
CA ILE C 405 11.37 -27.88 18.91
C ILE C 405 11.85 -29.30 18.59
N LYS C 406 10.91 -30.25 18.49
CA LYS C 406 11.20 -31.64 18.17
C LYS C 406 10.00 -32.30 17.49
N ASP C 407 10.28 -33.14 16.48
CA ASP C 407 9.24 -33.85 15.74
C ASP C 407 8.78 -35.06 16.53
N GLY C 408 7.46 -35.28 16.60
CA GLY C 408 6.91 -36.32 17.45
C GLY C 408 6.18 -37.40 16.64
N PHE C 409 6.56 -37.62 15.37
CA PHE C 409 5.90 -38.62 14.54
C PHE C 409 6.04 -39.98 15.23
N HIS C 410 4.96 -40.75 15.34
CA HIS C 410 5.08 -42.11 15.84
C HIS C 410 3.87 -42.88 15.34
N ILE C 411 4.03 -44.19 15.15
CA ILE C 411 2.92 -45.03 14.77
C ILE C 411 2.53 -45.89 15.96
N LYS C 412 1.24 -46.19 16.04
CA LYS C 412 0.63 -46.68 17.26
C LYS C 412 -0.44 -47.70 16.89
N ASP C 413 -0.02 -48.98 16.87
CA ASP C 413 -0.83 -50.09 16.39
C ASP C 413 -1.24 -49.82 14.94
N GLY C 414 -0.32 -49.27 14.14
CA GLY C 414 -0.57 -49.07 12.72
C GLY C 414 -1.16 -47.72 12.33
N HIS C 415 -1.91 -47.03 13.21
CA HIS C 415 -2.48 -45.73 12.91
C HIS C 415 -1.46 -44.65 13.26
N PRO C 416 -1.12 -43.70 12.35
CA PRO C 416 -0.04 -42.74 12.58
C PRO C 416 -0.50 -41.44 13.24
N THR C 417 0.46 -40.72 13.80
CA THR C 417 0.19 -39.58 14.65
C THR C 417 1.22 -38.54 14.31
N PHE C 418 0.80 -37.31 13.94
CA PHE C 418 1.79 -36.35 13.44
C PHE C 418 2.05 -35.24 14.45
N ASP C 419 2.11 -35.55 15.75
CA ASP C 419 2.37 -34.49 16.74
C ASP C 419 3.79 -33.94 16.55
N LYS C 420 3.99 -32.76 17.14
CA LYS C 420 5.20 -31.95 17.06
C LYS C 420 5.19 -31.00 18.24
N THR C 421 6.33 -30.57 18.76
CA THR C 421 6.26 -29.61 19.86
C THR C 421 6.82 -28.28 19.37
N TRP C 422 6.18 -27.17 19.76
CA TRP C 422 6.50 -25.84 19.25
C TRP C 422 6.96 -24.87 20.33
N THR C 423 7.80 -23.90 19.97
CA THR C 423 8.24 -22.90 20.93
C THR C 423 7.07 -21.98 21.26
N ASP C 424 7.25 -21.17 22.32
CA ASP C 424 6.26 -20.18 22.74
C ASP C 424 6.37 -19.02 21.77
N PRO C 425 5.25 -18.50 21.19
CA PRO C 425 5.36 -17.44 20.17
C PRO C 425 6.02 -16.17 20.73
N VAL C 426 6.98 -15.57 19.99
CA VAL C 426 7.45 -14.22 20.29
C VAL C 426 7.08 -13.27 19.15
N ASN C 427 7.06 -11.98 19.47
CA ASN C 427 6.74 -10.91 18.55
C ASN C 427 7.73 -10.92 17.38
N ALA C 428 7.20 -10.95 16.16
CA ALA C 428 8.02 -11.27 14.99
C ALA C 428 8.97 -10.11 14.72
N GLN C 429 8.50 -8.90 15.00
CA GLN C 429 9.30 -7.72 14.74
C GLN C 429 10.52 -7.69 15.67
N GLN C 430 10.34 -8.10 16.93
CA GLN C 430 11.43 -8.14 17.89
C GLN C 430 12.31 -9.35 17.67
N PHE C 431 11.71 -10.46 17.27
CA PHE C 431 12.49 -11.62 16.90
C PHE C 431 13.52 -11.22 15.85
N ALA C 432 13.03 -10.52 14.82
CA ALA C 432 13.86 -10.17 13.68
C ALA C 432 14.94 -9.17 14.10
N GLN C 433 14.57 -8.18 14.93
CA GLN C 433 15.53 -7.16 15.35
C GLN C 433 16.72 -7.87 15.95
N GLU C 434 16.45 -8.95 16.68
CA GLU C 434 17.40 -9.59 17.55
C GLU C 434 18.33 -10.52 16.74
N LEU C 435 17.84 -11.08 15.62
CA LEU C 435 18.70 -11.79 14.68
C LEU C 435 19.65 -10.84 13.95
N ILE C 436 19.23 -9.59 13.78
CA ILE C 436 20.01 -8.62 13.07
C ILE C 436 21.06 -8.03 14.01
N LYS C 437 20.63 -7.81 15.25
CA LYS C 437 21.50 -7.35 16.30
C LYS C 437 21.21 -8.12 17.58
N HIS C 438 22.17 -8.94 18.02
CA HIS C 438 21.95 -9.82 19.15
C HIS C 438 21.95 -9.01 20.44
N THR C 439 21.28 -9.57 21.46
CA THR C 439 21.42 -9.16 22.85
C THR C 439 22.61 -9.89 23.44
N TYR C 440 23.68 -9.15 23.79
CA TYR C 440 24.85 -9.81 24.33
C TYR C 440 24.65 -10.14 25.81
N ARG C 441 25.04 -11.35 26.17
CA ARG C 441 25.01 -11.86 27.53
C ARG C 441 25.86 -10.93 28.40
N ASP C 442 25.39 -10.65 29.63
CA ASP C 442 26.00 -9.65 30.49
C ASP C 442 27.49 -9.91 30.63
N GLY C 443 28.29 -8.85 30.63
CA GLY C 443 29.74 -8.96 30.65
C GLY C 443 30.34 -9.07 29.25
N TRP C 444 29.52 -8.88 28.20
CA TRP C 444 30.02 -8.89 26.83
C TRP C 444 29.37 -7.73 26.07
N LYS C 445 30.22 -6.93 25.41
CA LYS C 445 29.95 -5.56 24.95
C LYS C 445 30.75 -5.36 23.67
N LEU C 446 30.06 -4.89 22.62
CA LEU C 446 30.70 -4.40 21.41
C LEU C 446 31.11 -2.95 21.62
N PRO C 447 32.15 -2.43 20.94
CA PRO C 447 32.35 -0.97 20.82
C PRO C 447 31.16 -0.29 20.15
N ASP C 448 31.08 1.04 20.33
CA ASP C 448 30.05 1.85 19.70
C ASP C 448 30.22 1.87 18.18
N MET C 449 29.10 2.00 17.45
CA MET C 449 29.13 2.34 16.04
C MET C 449 29.80 3.71 15.91
N PRO C 450 30.82 3.92 15.07
CA PRO C 450 31.36 5.27 14.85
C PRO C 450 30.41 6.26 14.18
N ARG C 451 30.63 7.57 14.39
CA ARG C 451 30.02 8.65 13.60
C ARG C 451 30.72 10.00 13.95
N ASP D 1 -31.11 -52.56 -7.80
CA ASP D 1 -30.11 -53.54 -8.35
C ASP D 1 -28.70 -53.09 -8.02
N LYS D 2 -28.04 -53.85 -7.14
CA LYS D 2 -26.85 -53.39 -6.46
C LYS D 2 -25.61 -53.93 -7.15
N LEU D 3 -24.53 -53.16 -7.09
CA LEU D 3 -23.22 -53.69 -7.45
C LEU D 3 -22.71 -54.68 -6.41
N ASN D 4 -22.23 -55.84 -6.86
CA ASN D 4 -21.44 -56.74 -6.03
C ASN D 4 -19.96 -56.37 -6.10
N ILE D 5 -19.39 -55.97 -4.97
CA ILE D 5 -18.04 -55.44 -4.90
C ILE D 5 -17.14 -56.32 -4.05
N LEU D 6 -15.91 -56.59 -4.51
CA LEU D 6 -14.86 -57.11 -3.67
C LEU D 6 -13.98 -55.95 -3.22
N GLY D 7 -13.42 -56.02 -2.02
CA GLY D 7 -12.41 -55.07 -1.59
C GLY D 7 -11.06 -55.75 -1.43
N VAL D 8 -9.98 -55.03 -1.69
CA VAL D 8 -8.65 -55.57 -1.46
C VAL D 8 -7.81 -54.48 -0.86
N GLY D 9 -7.65 -54.50 0.45
CA GLY D 9 -6.82 -53.52 1.14
C GLY D 9 -7.71 -52.51 1.85
N ILE D 10 -8.19 -52.94 3.02
CA ILE D 10 -9.40 -52.38 3.61
C ILE D 10 -9.10 -51.69 4.94
N GLY D 11 -7.84 -51.65 5.36
CA GLY D 11 -7.55 -51.37 6.76
C GLY D 11 -7.51 -49.88 7.05
N GLY D 12 -6.99 -49.14 6.08
CA GLY D 12 -6.72 -47.72 6.24
C GLY D 12 -7.69 -46.91 5.40
N ARG D 13 -7.20 -46.39 4.28
CA ARG D 13 -8.05 -45.64 3.39
C ARG D 13 -9.21 -46.49 2.94
N GLY D 14 -8.92 -47.79 2.68
CA GLY D 14 -9.91 -48.66 2.10
C GLY D 14 -11.19 -48.71 2.94
N SER D 15 -11.03 -48.42 4.23
CA SER D 15 -12.12 -48.39 5.19
C SER D 15 -13.16 -47.33 4.84
N SER D 16 -12.71 -46.07 4.67
CA SER D 16 -13.59 -44.98 4.32
C SER D 16 -14.09 -45.12 2.89
N VAL D 17 -13.32 -45.74 2.01
CA VAL D 17 -13.82 -45.93 0.67
C VAL D 17 -15.00 -46.90 0.70
N LEU D 18 -14.83 -48.05 1.35
CA LEU D 18 -15.90 -49.02 1.43
C LEU D 18 -17.13 -48.38 2.07
N ARG D 19 -16.91 -47.30 2.83
CA ARG D 19 -18.01 -46.56 3.43
C ARG D 19 -18.87 -45.94 2.33
N GLY D 20 -18.23 -45.30 1.35
CA GLY D 20 -18.93 -44.75 0.21
C GLY D 20 -19.75 -45.80 -0.54
N LEU D 21 -19.31 -47.05 -0.52
CA LEU D 21 -19.90 -48.05 -1.39
C LEU D 21 -20.95 -48.88 -0.66
N GLU D 22 -21.10 -48.61 0.65
CA GLU D 22 -21.87 -49.47 1.53
C GLU D 22 -23.30 -49.67 1.07
N SER D 23 -23.86 -48.66 0.39
CA SER D 23 -25.18 -48.75 -0.20
C SER D 23 -25.31 -50.01 -1.04
N GLN D 24 -24.17 -50.55 -1.51
CA GLN D 24 -24.14 -51.64 -2.47
C GLN D 24 -24.07 -52.97 -1.73
N ASN D 25 -23.15 -53.86 -2.12
CA ASN D 25 -23.08 -55.22 -1.61
C ASN D 25 -21.63 -55.65 -1.42
N ILE D 26 -21.06 -55.49 -0.23
CA ILE D 26 -19.67 -55.87 -0.03
C ILE D 26 -19.64 -57.39 0.20
N ILE D 27 -19.21 -58.20 -0.78
CA ILE D 27 -19.37 -59.65 -0.64
C ILE D 27 -18.05 -60.33 -0.29
N GLY D 28 -16.93 -59.61 -0.42
CA GLY D 28 -15.63 -60.22 -0.25
C GLY D 28 -14.62 -59.17 0.19
N LEU D 29 -13.89 -59.47 1.24
CA LEU D 29 -12.87 -58.56 1.75
C LEU D 29 -11.56 -59.33 1.85
N CYS D 30 -10.47 -58.70 1.42
CA CYS D 30 -9.16 -59.32 1.43
C CYS D 30 -8.12 -58.34 1.97
N ASP D 31 -7.71 -58.52 3.19
CA ASP D 31 -6.57 -57.81 3.70
C ASP D 31 -5.49 -58.82 4.10
N VAL D 32 -4.21 -58.39 4.11
CA VAL D 32 -3.12 -59.29 4.49
C VAL D 32 -2.88 -59.31 6.01
N ASP D 33 -3.38 -58.30 6.74
CA ASP D 33 -3.10 -58.12 8.17
C ASP D 33 -4.42 -58.14 8.93
N TRP D 34 -4.76 -59.29 9.51
CA TRP D 34 -6.08 -59.49 10.07
C TRP D 34 -6.24 -58.79 11.41
N LYS D 35 -5.15 -58.18 11.90
CA LYS D 35 -5.15 -57.42 13.14
C LYS D 35 -5.49 -55.96 12.88
N TYR D 36 -4.67 -55.27 12.07
CA TYR D 36 -4.91 -53.89 11.67
C TYR D 36 -6.31 -53.68 11.11
N ALA D 37 -6.78 -54.71 10.43
CA ALA D 37 -7.97 -54.65 9.61
C ALA D 37 -9.17 -55.32 10.26
N ASP D 38 -9.05 -55.68 11.51
CA ASP D 38 -10.10 -56.48 12.10
C ASP D 38 -11.36 -55.62 12.16
N HIS D 39 -11.18 -54.36 12.54
CA HIS D 39 -12.28 -53.45 12.81
C HIS D 39 -13.22 -53.47 11.62
N VAL D 40 -12.64 -53.44 10.41
CA VAL D 40 -13.39 -53.38 9.17
C VAL D 40 -14.15 -54.67 8.95
N PHE D 41 -13.44 -55.81 8.98
CA PHE D 41 -14.05 -57.08 8.65
C PHE D 41 -15.38 -57.27 9.35
N LYS D 42 -15.45 -56.81 10.60
CA LYS D 42 -16.64 -57.05 11.39
C LYS D 42 -17.56 -55.83 11.34
N ARG D 43 -17.26 -54.88 10.47
CA ARG D 43 -18.27 -53.93 10.01
C ARG D 43 -19.07 -54.59 8.88
N TYR D 44 -18.49 -55.58 8.19
CA TYR D 44 -19.14 -56.26 7.08
C TYR D 44 -19.17 -57.75 7.39
N PRO D 45 -19.99 -58.14 8.39
CA PRO D 45 -19.97 -59.50 8.90
C PRO D 45 -20.35 -60.56 7.87
N ALA D 46 -20.89 -60.14 6.71
CA ALA D 46 -21.42 -61.12 5.79
C ALA D 46 -20.42 -61.45 4.68
N ALA D 47 -19.29 -60.71 4.62
CA ALA D 47 -18.37 -60.82 3.49
C ALA D 47 -17.31 -61.89 3.77
N LYS D 48 -17.25 -62.92 2.91
CA LYS D 48 -16.24 -63.97 3.02
C LYS D 48 -14.86 -63.28 3.08
N LYS D 49 -14.01 -63.63 4.07
CA LYS D 49 -12.73 -62.95 4.27
C LYS D 49 -11.57 -63.77 3.71
N TYR D 50 -10.57 -63.07 3.21
CA TYR D 50 -9.37 -63.69 2.66
C TYR D 50 -8.14 -62.90 3.08
N ASN D 51 -6.95 -63.42 2.82
CA ASN D 51 -5.74 -62.64 3.04
C ASN D 51 -4.79 -62.70 1.85
N ASP D 52 -5.21 -63.36 0.76
CA ASP D 52 -4.48 -63.40 -0.48
C ASP D 52 -5.48 -63.16 -1.60
N TYR D 53 -5.29 -62.09 -2.40
CA TYR D 53 -6.34 -61.67 -3.32
C TYR D 53 -6.60 -62.76 -4.37
N ARG D 54 -5.63 -63.66 -4.57
CA ARG D 54 -5.72 -64.64 -5.64
C ARG D 54 -6.60 -65.82 -5.21
N LYS D 55 -6.60 -66.14 -3.93
CA LYS D 55 -7.57 -67.08 -3.40
C LYS D 55 -8.97 -66.46 -3.55
N MET D 56 -9.10 -65.18 -3.18
CA MET D 56 -10.40 -64.52 -3.20
C MET D 56 -10.92 -64.45 -4.63
N PHE D 57 -10.04 -64.12 -5.57
CA PHE D 57 -10.43 -63.98 -6.96
C PHE D 57 -10.87 -65.32 -7.54
N ASP D 58 -10.19 -66.42 -7.17
CA ASP D 58 -10.61 -67.74 -7.61
C ASP D 58 -12.05 -68.03 -7.20
N GLU D 59 -12.31 -67.91 -5.90
CA GLU D 59 -13.59 -68.29 -5.31
C GLU D 59 -14.68 -67.33 -5.77
N MET D 60 -14.39 -66.02 -5.89
CA MET D 60 -15.43 -65.02 -5.79
C MET D 60 -15.56 -64.06 -6.98
N LEU D 61 -14.70 -64.19 -7.98
CA LEU D 61 -14.76 -63.28 -9.10
C LEU D 61 -16.04 -63.53 -9.89
N LYS D 62 -16.40 -64.80 -10.04
CA LYS D 62 -17.62 -65.22 -10.75
C LYS D 62 -18.88 -64.61 -10.12
N SER D 63 -18.74 -63.96 -8.96
CA SER D 63 -19.90 -63.42 -8.26
C SER D 63 -19.75 -61.95 -7.94
N ALA D 64 -18.89 -61.29 -8.71
CA ALA D 64 -18.53 -59.91 -8.43
C ALA D 64 -18.70 -59.08 -9.69
N ASP D 65 -19.01 -57.80 -9.48
CA ASP D 65 -19.24 -56.88 -10.57
C ASP D 65 -18.06 -55.92 -10.60
N ALA D 66 -17.61 -55.53 -9.39
CA ALA D 66 -16.60 -54.49 -9.26
C ALA D 66 -15.57 -54.91 -8.22
N VAL D 67 -14.50 -54.13 -8.13
CA VAL D 67 -13.40 -54.45 -7.24
C VAL D 67 -12.79 -53.14 -6.80
N MET D 68 -12.65 -52.98 -5.50
CA MET D 68 -12.02 -51.81 -4.96
C MET D 68 -10.61 -52.22 -4.55
N VAL D 69 -9.61 -51.36 -4.76
CA VAL D 69 -8.23 -51.70 -4.43
C VAL D 69 -7.58 -50.54 -3.67
N ALA D 70 -7.20 -50.75 -2.41
CA ALA D 70 -6.55 -49.69 -1.62
C ALA D 70 -5.36 -50.24 -0.84
N THR D 71 -4.57 -51.05 -1.55
CA THR D 71 -3.37 -51.64 -0.99
C THR D 71 -2.25 -50.61 -1.04
N ALA D 72 -1.06 -51.01 -0.65
CA ALA D 72 0.14 -50.23 -0.85
C ALA D 72 0.44 -50.19 -2.36
N ASP D 73 1.20 -49.16 -2.79
CA ASP D 73 1.22 -48.71 -4.18
C ASP D 73 1.53 -49.86 -5.13
N HIS D 74 2.52 -50.68 -4.74
CA HIS D 74 3.22 -51.58 -5.66
C HIS D 74 2.41 -52.80 -6.05
N THR D 75 1.24 -53.02 -5.47
CA THR D 75 0.40 -54.14 -5.87
C THR D 75 -0.86 -53.66 -6.59
N HIS D 76 -1.15 -52.35 -6.58
CA HIS D 76 -2.35 -51.89 -7.24
C HIS D 76 -2.51 -52.49 -8.64
N ALA D 77 -1.44 -52.40 -9.41
CA ALA D 77 -1.49 -52.74 -10.82
C ALA D 77 -1.89 -54.19 -11.02
N ILE D 78 -1.13 -55.11 -10.43
CA ILE D 78 -1.39 -56.51 -10.71
C ILE D 78 -2.81 -56.93 -10.28
N ILE D 79 -3.34 -56.37 -9.19
CA ILE D 79 -4.66 -56.73 -8.72
C ILE D 79 -5.71 -56.19 -9.70
N ALA D 80 -5.62 -54.89 -9.97
CA ALA D 80 -6.53 -54.20 -10.87
C ALA D 80 -6.57 -54.89 -12.24
N ALA D 81 -5.38 -55.26 -12.72
CA ALA D 81 -5.21 -55.75 -14.08
C ALA D 81 -5.89 -57.11 -14.23
N ASP D 82 -5.81 -57.92 -13.17
CA ASP D 82 -6.44 -59.23 -13.12
C ASP D 82 -7.96 -59.11 -13.04
N ALA D 83 -8.44 -58.02 -12.43
CA ALA D 83 -9.87 -57.79 -12.28
C ALA D 83 -10.49 -57.34 -13.60
N MET D 84 -9.80 -56.45 -14.30
CA MET D 84 -10.35 -55.94 -15.53
C MET D 84 -10.40 -57.05 -16.58
N THR D 85 -9.35 -57.88 -16.68
CA THR D 85 -9.36 -58.94 -17.70
C THR D 85 -10.56 -59.87 -17.44
N ALA D 86 -11.14 -59.80 -16.22
CA ALA D 86 -12.23 -60.68 -15.82
C ALA D 86 -13.61 -60.06 -16.08
N GLY D 87 -13.63 -58.78 -16.50
CA GLY D 87 -14.85 -58.10 -16.96
C GLY D 87 -15.42 -57.17 -15.89
N LYS D 88 -14.56 -56.72 -14.98
CA LYS D 88 -15.02 -56.13 -13.73
C LYS D 88 -14.55 -54.70 -13.64
N HIS D 89 -15.45 -53.81 -13.20
CA HIS D 89 -15.15 -52.40 -13.02
C HIS D 89 -14.18 -52.30 -11.83
N VAL D 90 -13.35 -51.26 -11.74
CA VAL D 90 -12.44 -51.18 -10.62
C VAL D 90 -12.27 -49.74 -10.15
N TYR D 91 -12.38 -49.54 -8.84
CA TYR D 91 -11.94 -48.31 -8.18
C TYR D 91 -10.53 -48.63 -7.68
N VAL D 92 -9.59 -47.71 -7.79
CA VAL D 92 -8.22 -48.03 -7.47
C VAL D 92 -7.60 -46.80 -6.82
N GLU D 93 -7.23 -46.88 -5.54
CA GLU D 93 -6.80 -45.66 -4.86
C GLU D 93 -5.57 -45.12 -5.57
N LYS D 94 -5.33 -43.83 -5.36
CA LYS D 94 -4.17 -43.15 -5.92
C LYS D 94 -2.93 -43.35 -5.03
N PRO D 95 -1.70 -43.40 -5.59
CA PRO D 95 -1.46 -43.27 -7.02
C PRO D 95 -1.91 -44.57 -7.67
N LEU D 96 -2.14 -44.51 -8.99
CA LEU D 96 -2.84 -45.56 -9.69
C LEU D 96 -1.97 -46.80 -9.74
N THR D 97 -0.68 -46.56 -9.98
CA THR D 97 0.28 -47.64 -10.03
C THR D 97 1.61 -47.10 -9.51
N HIS D 98 2.58 -47.99 -9.49
CA HIS D 98 3.89 -47.70 -8.93
C HIS D 98 4.85 -47.31 -10.05
N THR D 99 4.64 -47.90 -11.24
CA THR D 99 5.49 -47.70 -12.41
C THR D 99 4.73 -47.03 -13.55
N VAL D 100 5.46 -46.62 -14.58
CA VAL D 100 4.82 -46.05 -15.75
C VAL D 100 4.21 -47.14 -16.64
N TYR D 101 4.93 -48.24 -16.81
CA TYR D 101 4.43 -49.30 -17.65
C TYR D 101 3.05 -49.73 -17.16
N GLU D 102 2.90 -49.80 -15.83
CA GLU D 102 1.70 -50.33 -15.22
C GLU D 102 0.52 -49.39 -15.52
N SER D 103 0.73 -48.09 -15.33
CA SER D 103 -0.27 -47.07 -15.65
C SER D 103 -0.73 -47.17 -17.10
N ARG D 104 0.20 -47.40 -18.02
CA ARG D 104 -0.16 -47.53 -19.42
C ARG D 104 -0.90 -48.85 -19.62
N LEU D 105 -0.49 -49.90 -18.90
CA LEU D 105 -1.20 -51.17 -19.02
C LEU D 105 -2.66 -50.97 -18.63
N LEU D 106 -2.89 -50.31 -17.51
CA LEU D 106 -4.23 -50.14 -16.98
C LEU D 106 -5.06 -49.30 -17.95
N THR D 107 -4.47 -48.26 -18.53
CA THR D 107 -5.24 -47.38 -19.39
C THR D 107 -5.74 -48.18 -20.59
N LYS D 108 -4.87 -49.04 -21.11
CA LYS D 108 -5.19 -49.81 -22.30
C LYS D 108 -6.17 -50.94 -21.99
N LEU D 109 -6.16 -51.45 -20.76
CA LEU D 109 -7.09 -52.52 -20.44
C LEU D 109 -8.50 -51.98 -20.25
N ALA D 110 -8.62 -50.79 -19.64
CA ALA D 110 -9.92 -50.17 -19.44
C ALA D 110 -10.60 -50.05 -20.78
N ASP D 111 -9.82 -49.56 -21.74
CA ASP D 111 -10.35 -49.34 -23.06
C ASP D 111 -10.82 -50.66 -23.65
N LYS D 112 -9.95 -51.68 -23.59
CA LYS D 112 -10.24 -52.93 -24.26
C LYS D 112 -11.48 -53.62 -23.70
N TYR D 113 -11.63 -53.62 -22.37
CA TYR D 113 -12.67 -54.42 -21.74
C TYR D 113 -13.96 -53.63 -21.56
N LYS D 114 -13.90 -52.31 -21.75
CA LYS D 114 -15.08 -51.45 -21.64
C LYS D 114 -15.65 -51.57 -20.24
N VAL D 115 -14.92 -51.03 -19.28
CA VAL D 115 -15.30 -51.14 -17.90
C VAL D 115 -15.15 -49.76 -17.29
N ALA D 116 -16.13 -49.42 -16.46
CA ALA D 116 -16.07 -48.24 -15.63
C ALA D 116 -14.82 -48.36 -14.77
N THR D 117 -14.13 -47.25 -14.57
CA THR D 117 -12.87 -47.20 -13.85
C THR D 117 -12.86 -45.89 -13.06
N GLN D 118 -12.11 -45.83 -11.95
CA GLN D 118 -12.03 -44.61 -11.16
C GLN D 118 -10.76 -44.60 -10.30
N MET D 119 -9.88 -43.63 -10.49
CA MET D 119 -8.79 -43.41 -9.55
C MET D 119 -9.31 -42.67 -8.32
N GLY D 120 -8.64 -42.87 -7.17
CA GLY D 120 -9.17 -42.47 -5.88
C GLY D 120 -8.85 -41.03 -5.45
N ASN D 121 -8.48 -40.17 -6.42
CA ASN D 121 -8.27 -38.75 -6.19
C ASN D 121 -9.62 -38.04 -6.23
N GLN D 122 -10.23 -37.85 -5.05
CA GLN D 122 -11.65 -37.52 -4.98
C GLN D 122 -11.93 -36.03 -5.26
N GLY D 123 -10.86 -35.22 -5.29
CA GLY D 123 -10.91 -33.82 -5.66
C GLY D 123 -11.24 -33.61 -7.15
N ALA D 124 -11.14 -34.69 -7.93
CA ALA D 124 -11.63 -34.68 -9.29
C ALA D 124 -13.15 -34.60 -9.33
N SER D 125 -13.87 -34.96 -8.26
CA SER D 125 -15.32 -34.87 -8.35
C SER D 125 -15.84 -33.64 -7.64
N ASP D 126 -14.93 -32.77 -7.15
CA ASP D 126 -15.28 -31.50 -6.52
C ASP D 126 -15.58 -30.39 -7.55
N GLU D 127 -16.01 -29.23 -7.01
CA GLU D 127 -16.31 -28.02 -7.74
C GLU D 127 -15.03 -27.27 -8.10
N GLY D 128 -14.06 -27.18 -7.19
CA GLY D 128 -12.93 -26.26 -7.38
C GLY D 128 -12.19 -26.45 -8.71
N VAL D 129 -12.13 -27.70 -9.20
CA VAL D 129 -11.40 -28.02 -10.40
C VAL D 129 -12.24 -27.68 -11.61
N ARG D 130 -13.57 -27.73 -11.48
CA ARG D 130 -14.43 -27.29 -12.56
C ARG D 130 -14.24 -25.79 -12.78
N LYS D 131 -14.04 -25.01 -11.71
CA LYS D 131 -13.88 -23.57 -11.84
C LYS D 131 -12.51 -23.23 -12.42
N VAL D 132 -11.48 -24.01 -12.10
CA VAL D 132 -10.16 -23.71 -12.64
C VAL D 132 -10.14 -23.96 -14.15
N CYS D 133 -10.92 -24.95 -14.61
CA CYS D 133 -10.91 -25.35 -16.02
C CYS D 133 -11.76 -24.41 -16.85
N GLU D 134 -12.97 -24.16 -16.36
CA GLU D 134 -13.88 -23.25 -17.03
C GLU D 134 -13.25 -21.86 -17.12
N TRP D 135 -12.38 -21.45 -16.17
CA TRP D 135 -11.70 -20.17 -16.25
C TRP D 135 -10.55 -20.16 -17.25
N ILE D 136 -9.68 -21.17 -17.19
CA ILE D 136 -8.55 -21.19 -18.09
C ILE D 136 -9.05 -21.22 -19.53
N TRP D 137 -10.03 -22.10 -19.80
CA TRP D 137 -10.55 -22.34 -21.14
C TRP D 137 -11.32 -21.15 -21.73
N ASN D 138 -11.70 -20.20 -20.88
CA ASN D 138 -12.39 -19.02 -21.37
C ASN D 138 -11.43 -17.82 -21.37
N GLY D 139 -10.13 -18.11 -21.31
CA GLY D 139 -9.09 -17.13 -21.55
C GLY D 139 -8.97 -16.13 -20.41
N GLU D 140 -9.38 -16.51 -19.20
CA GLU D 140 -9.52 -15.54 -18.12
C GLU D 140 -8.12 -15.16 -17.62
N ILE D 141 -7.11 -15.98 -17.90
CA ILE D 141 -5.77 -15.63 -17.44
C ILE D 141 -4.82 -15.58 -18.63
N GLY D 142 -5.32 -16.05 -19.77
CA GLY D 142 -4.52 -16.00 -20.98
C GLY D 142 -3.73 -17.29 -21.12
N GLU D 143 -2.60 -17.20 -21.82
CA GLU D 143 -1.79 -18.37 -22.11
C GLU D 143 -0.98 -18.67 -20.86
N VAL D 144 -0.88 -19.97 -20.53
CA VAL D 144 -0.12 -20.42 -19.37
C VAL D 144 1.11 -21.19 -19.84
N ARG D 145 2.29 -20.68 -19.43
CA ARG D 145 3.58 -21.22 -19.84
C ARG D 145 4.43 -21.69 -18.66
N LYS D 146 4.07 -21.31 -17.41
CA LYS D 146 4.80 -21.70 -16.22
C LYS D 146 3.78 -21.99 -15.12
N VAL D 147 3.91 -23.17 -14.48
CA VAL D 147 3.10 -23.61 -13.35
C VAL D 147 4.02 -23.98 -12.19
N GLU D 148 3.64 -23.59 -10.96
CA GLU D 148 4.38 -23.98 -9.77
C GLU D 148 3.43 -24.67 -8.78
N THR D 149 3.90 -25.82 -8.26
CA THR D 149 3.09 -26.71 -7.43
C THR D 149 3.94 -27.17 -6.26
N PHE D 150 3.30 -27.31 -5.08
CA PHE D 150 3.99 -27.86 -3.94
C PHE D 150 3.04 -28.47 -2.91
N THR D 151 3.60 -29.42 -2.14
CA THR D 151 3.03 -29.91 -0.89
C THR D 151 4.03 -29.70 0.24
N ASP D 152 3.51 -29.70 1.47
CA ASP D 152 4.31 -29.58 2.68
C ASP D 152 4.81 -30.97 3.14
N ARG D 153 4.17 -32.03 2.64
CA ARG D 153 4.56 -33.42 2.81
C ARG D 153 5.95 -33.66 2.22
N PRO D 154 6.72 -34.71 2.60
CA PRO D 154 6.36 -35.65 3.68
C PRO D 154 6.28 -35.03 5.09
N ILE D 155 5.32 -35.49 5.92
CA ILE D 155 5.25 -35.11 7.33
C ILE D 155 5.55 -36.34 8.19
N TRP D 156 5.99 -37.40 7.54
CA TRP D 156 6.56 -38.54 8.25
C TRP D 156 8.04 -38.57 7.90
N PRO D 157 8.90 -39.28 8.66
CA PRO D 157 10.34 -39.28 8.33
C PRO D 157 10.68 -40.15 7.11
N GLN D 158 11.41 -39.57 6.15
CA GLN D 158 11.97 -40.37 5.06
C GLN D 158 13.48 -40.35 5.21
N GLY D 159 14.19 -40.94 4.26
CA GLY D 159 15.65 -41.02 4.38
C GLY D 159 16.10 -42.09 5.37
N LEU D 160 15.41 -43.25 5.33
CA LEU D 160 15.60 -44.39 6.21
C LEU D 160 16.53 -45.44 5.60
N SER D 161 17.17 -46.20 6.52
CA SER D 161 17.98 -47.39 6.23
C SER D 161 17.13 -48.63 6.45
N ARG D 162 17.37 -49.71 5.69
CA ARG D 162 16.73 -51.01 5.99
C ARG D 162 17.02 -51.45 7.43
N PRO D 163 15.98 -51.73 8.24
CA PRO D 163 16.19 -52.00 9.67
C PRO D 163 17.00 -53.26 9.92
N GLU D 164 17.90 -53.11 10.90
CA GLU D 164 19.10 -53.92 11.07
C GLU D 164 18.79 -55.09 12.01
N ASP D 165 17.70 -55.01 12.80
CA ASP D 165 17.30 -56.10 13.69
C ASP D 165 16.41 -57.10 12.91
N ASP D 166 15.94 -58.17 13.57
CA ASP D 166 14.85 -58.98 13.01
C ASP D 166 13.63 -59.04 13.93
N GLN D 167 12.48 -59.35 13.33
CA GLN D 167 11.21 -59.42 14.03
C GLN D 167 10.48 -60.63 13.47
N ARG D 168 9.49 -61.16 14.17
CA ARG D 168 8.82 -62.33 13.62
C ARG D 168 7.55 -61.86 12.93
N ILE D 169 7.19 -62.58 11.86
CA ILE D 169 5.93 -62.40 11.17
C ILE D 169 4.81 -62.80 12.12
N PRO D 170 3.88 -61.90 12.52
CA PRO D 170 2.69 -62.37 13.29
C PRO D 170 1.86 -63.38 12.49
N LYS D 171 0.98 -64.14 13.18
CA LYS D 171 0.19 -65.17 12.50
C LYS D 171 -0.92 -64.50 11.70
N THR D 172 -1.11 -63.21 12.00
CA THR D 172 -2.21 -62.41 11.49
C THR D 172 -1.85 -61.79 10.15
N LEU D 173 -0.56 -61.83 9.78
CA LEU D 173 -0.03 -61.10 8.66
C LEU D 173 0.52 -62.09 7.63
N ASN D 174 0.05 -61.92 6.40
CA ASN D 174 0.54 -62.69 5.28
C ASN D 174 1.67 -61.92 4.60
N TRP D 175 2.85 -61.96 5.19
CA TRP D 175 3.95 -61.10 4.77
C TRP D 175 4.34 -61.33 3.32
N ASP D 176 3.99 -62.48 2.74
CA ASP D 176 4.42 -62.78 1.39
C ASP D 176 3.50 -62.13 0.37
N ALA D 177 2.19 -62.25 0.63
CA ALA D 177 1.19 -61.64 -0.21
C ALA D 177 1.33 -60.12 -0.15
N PHE D 178 2.02 -59.59 0.88
CA PHE D 178 2.27 -58.17 1.02
C PHE D 178 3.37 -57.73 0.05
N ILE D 179 4.48 -58.48 0.04
CA ILE D 179 5.59 -58.24 -0.89
C ILE D 179 5.08 -58.30 -2.34
N GLY D 180 4.19 -59.25 -2.61
CA GLY D 180 3.60 -59.43 -3.92
C GLY D 180 4.71 -59.59 -4.96
N PRO D 181 4.76 -58.74 -6.00
CA PRO D 181 5.80 -58.84 -7.02
C PRO D 181 7.12 -58.13 -6.71
N ALA D 182 7.17 -57.38 -5.60
CA ALA D 182 8.38 -56.67 -5.21
C ALA D 182 9.46 -57.69 -4.85
N PRO D 183 10.75 -57.28 -4.73
CA PRO D 183 11.78 -58.19 -4.24
C PRO D 183 11.53 -58.50 -2.77
N TYR D 184 11.73 -59.78 -2.37
CA TYR D 184 11.45 -60.25 -1.03
C TYR D 184 12.47 -59.64 -0.06
N ARG D 185 12.03 -59.41 1.19
CA ARG D 185 12.93 -59.03 2.26
C ARG D 185 12.39 -59.45 3.63
N PRO D 186 13.27 -59.50 4.66
CA PRO D 186 12.84 -59.74 6.03
C PRO D 186 11.82 -58.68 6.43
N TYR D 187 10.77 -59.14 7.13
CA TYR D 187 9.71 -58.33 7.68
C TYR D 187 10.23 -57.41 8.79
N ASN D 188 9.53 -56.28 8.93
CA ASN D 188 9.71 -55.29 9.99
C ASN D 188 8.47 -54.40 9.95
N ALA D 189 8.06 -53.79 11.08
CA ALA D 189 6.81 -53.03 11.11
C ALA D 189 6.99 -51.61 10.53
N ILE D 190 8.23 -51.29 10.15
CA ILE D 190 8.52 -50.05 9.48
C ILE D 190 7.93 -50.11 8.07
N TYR D 191 7.60 -51.30 7.55
CA TYR D 191 7.16 -51.42 6.17
C TYR D 191 5.64 -51.44 6.04
N THR D 192 4.89 -51.88 7.07
CA THR D 192 3.42 -51.82 6.98
C THR D 192 2.88 -51.92 8.39
N PRO D 193 1.63 -51.55 8.71
CA PRO D 193 0.78 -50.69 7.90
C PRO D 193 1.29 -49.27 7.74
N TRP D 194 0.85 -48.65 6.63
CA TRP D 194 0.89 -47.22 6.41
C TRP D 194 2.27 -46.73 5.95
N ASN D 195 3.35 -47.09 6.65
CA ASN D 195 4.61 -46.39 6.51
C ASN D 195 5.40 -46.82 5.25
N PHE D 196 4.82 -47.71 4.41
CA PHE D 196 5.42 -48.09 3.12
C PHE D 196 5.67 -46.88 2.21
N ARG D 197 4.99 -45.77 2.47
CA ARG D 197 5.14 -44.54 1.72
C ARG D 197 6.61 -44.22 1.49
N GLY D 198 7.47 -44.38 2.52
CA GLY D 198 8.84 -43.91 2.39
C GLY D 198 9.78 -44.88 1.67
N TRP D 199 9.28 -45.97 1.06
CA TRP D 199 10.15 -47.04 0.62
C TRP D 199 9.99 -47.25 -0.88
N TRP D 200 11.10 -47.20 -1.62
CA TRP D 200 11.03 -47.18 -3.06
C TRP D 200 10.21 -48.33 -3.63
N ASP D 201 10.36 -49.56 -3.11
CA ASP D 201 9.84 -50.73 -3.81
C ASP D 201 8.36 -50.97 -3.51
N PHE D 202 7.78 -50.15 -2.63
CA PHE D 202 6.40 -50.29 -2.19
C PHE D 202 5.62 -48.98 -2.42
N GLY D 203 6.26 -47.84 -2.13
CA GLY D 203 5.59 -46.55 -2.22
C GLY D 203 6.28 -45.59 -3.18
N THR D 204 5.77 -44.36 -3.20
CA THR D 204 6.30 -43.39 -4.13
C THR D 204 6.56 -42.08 -3.36
N GLY D 205 6.56 -42.15 -2.02
CA GLY D 205 6.98 -41.00 -1.23
C GLY D 205 5.89 -39.93 -1.23
N ALA D 206 6.30 -38.65 -1.05
CA ALA D 206 5.40 -37.51 -1.12
C ALA D 206 4.71 -37.44 -2.48
N LEU D 207 5.42 -37.78 -3.57
CA LEU D 207 4.84 -37.86 -4.90
C LEU D 207 3.52 -38.68 -4.88
N GLY D 208 3.60 -39.94 -4.40
CA GLY D 208 2.44 -40.82 -4.44
C GLY D 208 1.36 -40.41 -3.44
N ASP D 209 1.74 -39.69 -2.37
CA ASP D 209 0.82 -39.47 -1.27
C ASP D 209 -0.03 -38.22 -1.49
N MET D 210 0.50 -37.25 -2.26
CA MET D 210 -0.07 -35.91 -2.37
C MET D 210 -0.11 -35.38 -3.80
N ALA D 211 0.71 -35.86 -4.74
CA ALA D 211 0.75 -35.18 -6.03
C ALA D 211 -0.53 -35.39 -6.84
N CYS D 212 -1.17 -36.56 -6.79
CA CYS D 212 -2.43 -36.76 -7.53
C CYS D 212 -3.55 -35.87 -7.03
N HIS D 213 -3.44 -35.40 -5.79
CA HIS D 213 -4.44 -34.46 -5.26
C HIS D 213 -4.15 -33.04 -5.76
N ILE D 214 -2.86 -32.69 -5.80
CA ILE D 214 -2.40 -31.34 -6.10
C ILE D 214 -2.36 -31.02 -7.59
N LEU D 215 -1.85 -31.95 -8.41
CA LEU D 215 -1.55 -31.65 -9.81
C LEU D 215 -2.73 -31.97 -10.72
N HIS D 216 -3.86 -32.40 -10.20
CA HIS D 216 -4.92 -32.82 -11.10
C HIS D 216 -5.49 -31.63 -11.88
N PRO D 217 -5.69 -30.44 -11.29
CA PRO D 217 -6.10 -29.26 -12.06
C PRO D 217 -5.11 -28.84 -13.16
N VAL D 218 -3.80 -29.05 -12.93
CA VAL D 218 -2.78 -28.64 -13.88
C VAL D 218 -2.85 -29.57 -15.08
N PHE D 219 -3.15 -30.85 -14.87
CA PHE D 219 -3.16 -31.81 -15.96
C PHE D 219 -4.44 -31.69 -16.79
N LYS D 220 -5.59 -31.46 -16.17
CA LYS D 220 -6.83 -31.54 -16.91
C LYS D 220 -7.07 -30.21 -17.63
N GLY D 221 -6.73 -29.12 -16.91
CA GLY D 221 -6.99 -27.75 -17.35
C GLY D 221 -6.07 -27.30 -18.48
N LEU D 222 -4.83 -27.78 -18.49
CA LEU D 222 -3.94 -27.49 -19.60
C LEU D 222 -4.01 -28.61 -20.64
N LYS D 223 -4.95 -29.54 -20.48
CA LYS D 223 -4.98 -30.77 -21.26
C LYS D 223 -3.58 -31.25 -21.64
N LEU D 224 -2.83 -31.69 -20.63
CA LEU D 224 -1.49 -32.21 -20.82
C LEU D 224 -1.58 -33.70 -21.20
N GLY D 225 -0.46 -34.22 -21.74
CA GLY D 225 -0.30 -35.61 -22.08
C GLY D 225 1.04 -36.13 -21.54
N TYR D 226 1.86 -36.63 -22.45
CA TYR D 226 3.21 -37.03 -22.07
C TYR D 226 4.09 -35.78 -22.00
N PRO D 227 5.03 -35.69 -21.05
CA PRO D 227 6.03 -34.62 -21.08
C PRO D 227 7.12 -34.98 -22.05
N THR D 228 7.98 -34.01 -22.36
CA THR D 228 9.08 -34.28 -23.26
C THR D 228 10.38 -34.22 -22.47
N LYS D 229 10.41 -33.50 -21.34
CA LYS D 229 11.63 -33.44 -20.56
C LYS D 229 11.30 -33.48 -19.07
N VAL D 230 12.14 -34.14 -18.28
CA VAL D 230 12.01 -34.03 -16.84
C VAL D 230 13.38 -34.05 -16.20
N GLN D 231 13.47 -33.36 -15.07
CA GLN D 231 14.65 -33.41 -14.22
C GLN D 231 14.27 -33.09 -12.77
N GLY D 232 15.14 -33.58 -11.87
CA GLY D 232 14.96 -33.54 -10.43
C GLY D 232 16.27 -33.33 -9.67
N SER D 233 16.11 -32.81 -8.47
CA SER D 233 17.17 -32.85 -7.48
C SER D 233 16.49 -33.11 -6.13
N SER D 234 17.26 -33.48 -5.09
CA SER D 234 16.70 -33.80 -3.78
C SER D 234 17.74 -33.71 -2.66
N THR D 235 17.28 -33.81 -1.41
CA THR D 235 18.19 -33.99 -0.29
C THR D 235 18.76 -35.42 -0.38
N LEU D 236 19.67 -35.77 0.54
CA LEU D 236 20.31 -37.08 0.57
C LEU D 236 19.42 -38.16 -0.04
N LEU D 237 19.92 -38.79 -1.10
CA LEU D 237 19.16 -39.80 -1.83
C LEU D 237 19.72 -41.19 -1.58
N LEU D 238 18.86 -42.04 -1.00
CA LEU D 238 19.25 -43.37 -0.57
C LEU D 238 18.72 -44.38 -1.56
N ASN D 239 19.14 -45.63 -1.33
CA ASN D 239 18.90 -46.65 -2.31
C ASN D 239 17.55 -47.30 -2.04
N GLU D 240 17.02 -47.21 -0.82
CA GLU D 240 15.79 -47.90 -0.49
C GLU D 240 14.64 -46.99 -0.09
N SER D 241 14.98 -45.75 0.27
CA SER D 241 14.06 -44.82 0.92
C SER D 241 14.05 -43.48 0.18
N ALA D 242 12.83 -42.95 -0.01
CA ALA D 242 12.62 -41.65 -0.63
C ALA D 242 13.19 -40.53 0.23
N PRO D 243 13.46 -39.31 -0.28
CA PRO D 243 14.20 -38.31 0.48
C PRO D 243 13.32 -37.33 1.24
N MET D 244 13.96 -36.51 2.07
CA MET D 244 13.27 -35.58 2.95
C MET D 244 12.51 -34.51 2.16
N ALA D 245 13.09 -34.10 1.02
CA ALA D 245 12.64 -32.99 0.19
C ALA D 245 13.18 -33.11 -1.25
N GLN D 246 12.31 -32.92 -2.27
CA GLN D 246 12.72 -32.98 -3.66
C GLN D 246 12.19 -31.76 -4.41
N THR D 247 12.86 -31.37 -5.53
CA THR D 247 12.34 -30.45 -6.56
C THR D 247 12.36 -31.14 -7.92
N VAL D 248 11.25 -31.15 -8.63
CA VAL D 248 11.20 -31.67 -9.97
C VAL D 248 10.72 -30.57 -10.92
N LYS D 249 11.24 -30.60 -12.17
CA LYS D 249 10.75 -29.73 -13.25
C LYS D 249 10.32 -30.56 -14.46
N PHE D 250 9.05 -30.52 -14.84
CA PHE D 250 8.61 -31.13 -16.09
C PHE D 250 8.43 -30.07 -17.18
N VAL D 251 8.50 -30.48 -18.46
CA VAL D 251 8.22 -29.64 -19.61
C VAL D 251 7.26 -30.39 -20.53
N PHE D 252 6.13 -29.79 -20.85
CA PHE D 252 5.20 -30.44 -21.76
C PHE D 252 5.19 -29.68 -23.09
N PRO D 253 4.88 -30.35 -24.21
CA PRO D 253 4.85 -29.69 -25.51
C PRO D 253 3.54 -28.92 -25.72
N ALA D 254 3.50 -28.05 -26.73
CA ALA D 254 2.28 -27.33 -27.08
C ALA D 254 1.20 -28.29 -27.54
N ARG D 255 -0.05 -28.01 -27.17
CA ARG D 255 -1.17 -28.83 -27.58
C ARG D 255 -2.04 -27.94 -28.46
N ASP D 256 -2.99 -28.57 -29.13
CA ASP D 256 -3.98 -27.82 -29.89
C ASP D 256 -4.52 -26.68 -29.02
N ASN D 257 -4.68 -25.52 -29.66
CA ASN D 257 -5.22 -24.34 -29.02
C ASN D 257 -6.72 -24.53 -28.91
N MET D 258 -7.29 -23.82 -27.95
CA MET D 258 -8.74 -23.75 -27.84
C MET D 258 -9.24 -22.39 -28.35
N PRO D 259 -10.50 -22.27 -28.81
CA PRO D 259 -11.08 -20.98 -29.16
C PRO D 259 -10.59 -19.76 -28.39
N LYS D 260 -10.55 -19.83 -27.06
CA LYS D 260 -10.39 -18.61 -26.29
C LYS D 260 -9.05 -18.56 -25.54
N VAL D 261 -8.22 -19.61 -25.63
CA VAL D 261 -6.91 -19.61 -24.98
C VAL D 261 -5.94 -20.48 -25.80
N ALA D 262 -4.68 -20.04 -25.87
CA ALA D 262 -3.69 -20.87 -26.54
C ALA D 262 -3.03 -21.82 -25.54
N MET D 263 -2.49 -22.94 -26.04
CA MET D 263 -1.89 -23.98 -25.23
C MET D 263 -0.42 -24.19 -25.59
N PRO D 264 0.46 -23.21 -25.32
CA PRO D 264 1.89 -23.36 -25.62
C PRO D 264 2.61 -24.41 -24.76
N GLU D 265 3.83 -24.75 -25.17
CA GLU D 265 4.78 -25.46 -24.33
C GLU D 265 4.74 -24.85 -22.93
N VAL D 266 4.54 -25.70 -21.91
CA VAL D 266 4.42 -25.29 -20.51
C VAL D 266 5.43 -26.04 -19.63
N GLU D 267 6.07 -25.33 -18.68
CA GLU D 267 6.93 -25.92 -17.69
C GLU D 267 6.17 -26.08 -16.38
N VAL D 268 6.20 -27.26 -15.72
CA VAL D 268 5.52 -27.47 -14.45
C VAL D 268 6.57 -27.76 -13.38
N TYR D 269 6.71 -26.88 -12.38
CA TYR D 269 7.62 -27.10 -11.26
C TYR D 269 6.90 -27.80 -10.10
N TRP D 270 7.56 -28.76 -9.42
CA TRP D 270 7.05 -29.43 -8.23
C TRP D 270 8.06 -29.26 -7.08
N TYR D 271 7.57 -28.83 -5.91
CA TYR D 271 8.39 -28.74 -4.72
C TYR D 271 7.73 -29.52 -3.60
N ASP D 272 8.52 -30.07 -2.68
CA ASP D 272 7.97 -30.64 -1.46
C ASP D 272 9.02 -30.71 -0.36
N GLY D 273 8.53 -31.04 0.83
CA GLY D 273 9.37 -31.26 2.00
C GLY D 273 9.61 -29.95 2.71
N GLY D 274 8.82 -28.93 2.37
CA GLY D 274 8.95 -27.63 2.99
C GLY D 274 9.44 -26.57 2.00
N LEU D 275 10.03 -27.02 0.89
CA LEU D 275 10.45 -26.10 -0.16
C LEU D 275 9.20 -25.52 -0.78
N LYS D 276 9.28 -24.21 -1.08
CA LYS D 276 8.16 -23.46 -1.65
C LYS D 276 8.59 -22.69 -2.91
N PRO D 277 7.66 -22.56 -3.89
CA PRO D 277 7.90 -21.70 -5.05
C PRO D 277 8.01 -20.28 -4.49
N ALA D 278 8.79 -19.40 -5.13
CA ALA D 278 8.82 -18.00 -4.72
C ALA D 278 7.41 -17.39 -4.87
N ARG D 279 7.12 -16.37 -4.07
CA ARG D 279 5.79 -15.80 -4.04
C ARG D 279 5.55 -15.05 -5.36
N PRO D 280 4.37 -15.21 -6.01
CA PRO D 280 4.00 -14.44 -7.21
C PRO D 280 3.95 -12.93 -6.95
N GLU D 281 4.26 -12.13 -7.99
CA GLU D 281 4.02 -10.69 -8.00
C GLU D 281 2.52 -10.45 -7.88
N GLY D 282 2.19 -9.51 -7.00
CA GLY D 282 0.82 -9.08 -6.85
C GLY D 282 0.12 -9.67 -5.65
N LEU D 283 0.59 -10.82 -5.18
CA LEU D 283 -0.08 -11.58 -4.13
C LEU D 283 0.08 -10.84 -2.81
N PRO D 284 -1.01 -10.61 -2.05
CA PRO D 284 -0.94 -9.97 -0.74
C PRO D 284 0.08 -10.55 0.24
N ALA D 285 0.85 -9.68 0.88
CA ALA D 285 1.83 -10.15 1.84
C ALA D 285 1.08 -10.85 2.98
N GLY D 286 1.53 -12.06 3.36
CA GLY D 286 0.89 -12.80 4.43
C GLY D 286 -0.08 -13.87 3.94
N LYS D 287 -0.62 -13.78 2.72
CA LYS D 287 -1.53 -14.80 2.26
C LYS D 287 -0.78 -16.10 2.04
N ASP D 288 -1.32 -17.20 2.59
CA ASP D 288 -0.62 -18.49 2.61
C ASP D 288 -0.89 -19.23 1.31
N LEU D 289 0.20 -19.72 0.69
CA LEU D 289 0.10 -20.47 -0.54
C LEU D 289 -0.45 -21.88 -0.27
N ASN D 290 -0.27 -22.37 0.96
CA ASN D 290 -0.71 -23.70 1.32
C ASN D 290 -2.19 -23.61 1.65
N MET D 291 -3.03 -24.41 1.00
CA MET D 291 -4.41 -24.55 1.42
C MET D 291 -4.78 -26.01 1.31
N ALA D 292 -5.01 -26.62 2.49
CA ALA D 292 -5.37 -28.02 2.61
C ALA D 292 -4.20 -28.90 2.15
N GLY D 293 -2.97 -28.37 2.23
CA GLY D 293 -1.76 -29.19 2.24
C GLY D 293 -0.85 -29.00 1.03
N GLY D 294 -1.11 -27.95 0.27
CA GLY D 294 -0.34 -27.69 -0.94
C GLY D 294 -0.90 -26.48 -1.70
N GLY D 295 -0.26 -26.20 -2.85
CA GLY D 295 -0.63 -25.03 -3.62
C GLY D 295 -0.30 -25.20 -5.10
N VAL D 296 -1.06 -24.50 -5.95
CA VAL D 296 -0.83 -24.43 -7.38
C VAL D 296 -0.84 -22.95 -7.76
N ILE D 297 0.20 -22.51 -8.49
CA ILE D 297 0.20 -21.18 -9.11
C ILE D 297 0.27 -21.35 -10.63
N PHE D 298 -0.83 -21.09 -11.35
CA PHE D 298 -0.77 -20.93 -12.79
C PHE D 298 -0.35 -19.50 -13.13
N TYR D 299 0.83 -19.33 -13.70
CA TYR D 299 1.26 -18.03 -14.20
C TYR D 299 0.71 -17.83 -15.62
N GLY D 300 -0.18 -16.86 -15.77
CA GLY D 300 -0.83 -16.58 -17.05
C GLY D 300 -0.35 -15.25 -17.59
N THR D 301 -0.54 -14.99 -18.89
CA THR D 301 -0.01 -13.78 -19.51
C THR D 301 -0.84 -12.58 -19.12
N LYS D 302 -2.09 -12.82 -18.69
CA LYS D 302 -2.97 -11.74 -18.33
C LYS D 302 -3.25 -11.71 -16.84
N ASP D 303 -3.15 -12.85 -16.14
CA ASP D 303 -3.45 -12.92 -14.71
C ASP D 303 -2.83 -14.17 -14.09
N THR D 304 -2.81 -14.22 -12.75
CA THR D 304 -2.24 -15.34 -12.02
C THR D 304 -3.37 -16.03 -11.27
N LEU D 305 -3.59 -17.32 -11.51
CA LEU D 305 -4.64 -18.11 -10.86
C LEU D 305 -4.02 -19.10 -9.86
N ILE D 306 -4.49 -19.05 -8.60
CA ILE D 306 -3.96 -19.82 -7.49
C ILE D 306 -5.06 -20.68 -6.86
N CYS D 307 -4.73 -21.95 -6.60
CA CYS D 307 -5.61 -22.82 -5.81
C CYS D 307 -4.83 -23.64 -4.77
N GLY D 308 -5.63 -24.36 -3.96
CA GLY D 308 -5.07 -25.24 -2.96
C GLY D 308 -5.05 -26.68 -3.46
N CYS D 309 -4.80 -27.58 -2.51
CA CYS D 309 -4.91 -29.00 -2.71
C CYS D 309 -6.37 -29.35 -3.03
N TYR D 310 -6.59 -30.43 -3.80
CA TYR D 310 -7.94 -30.90 -4.12
C TYR D 310 -8.66 -29.80 -4.91
N GLY D 311 -7.82 -28.99 -5.59
CA GLY D 311 -8.23 -27.82 -6.35
C GLY D 311 -9.13 -26.83 -5.58
N VAL D 312 -9.01 -26.72 -4.25
CA VAL D 312 -9.98 -25.92 -3.50
C VAL D 312 -9.72 -24.43 -3.70
N ASN D 313 -10.82 -23.66 -3.69
CA ASN D 313 -10.80 -22.22 -3.47
C ASN D 313 -9.94 -21.46 -4.49
N PRO D 314 -10.09 -21.74 -5.80
CA PRO D 314 -9.34 -20.98 -6.80
C PRO D 314 -9.69 -19.49 -6.79
N TYR D 315 -8.66 -18.64 -6.92
CA TYR D 315 -8.81 -17.19 -6.95
C TYR D 315 -7.78 -16.57 -7.91
N LEU D 316 -8.04 -15.38 -8.45
CA LEU D 316 -7.09 -14.68 -9.32
C LEU D 316 -6.39 -13.60 -8.50
N VAL D 317 -5.08 -13.45 -8.69
CA VAL D 317 -4.30 -12.47 -7.95
C VAL D 317 -4.83 -11.06 -8.19
N SER D 318 -5.37 -10.78 -9.37
CA SER D 318 -5.87 -9.44 -9.68
C SER D 318 -6.99 -9.00 -8.73
N GLY D 319 -7.81 -9.96 -8.27
CA GLY D 319 -8.99 -9.63 -7.50
C GLY D 319 -10.26 -10.14 -8.17
N ARG D 320 -10.24 -10.30 -9.50
CA ARG D 320 -11.47 -10.57 -10.22
C ARG D 320 -11.98 -11.98 -9.94
N VAL D 321 -13.31 -12.12 -9.80
CA VAL D 321 -13.96 -13.43 -9.75
C VAL D 321 -14.72 -13.61 -11.06
N PRO D 322 -14.13 -14.29 -12.05
CA PRO D 322 -14.73 -14.36 -13.38
C PRO D 322 -16.05 -15.11 -13.36
N ASN D 323 -16.67 -15.12 -14.53
CA ASN D 323 -18.01 -15.66 -14.64
C ASN D 323 -18.11 -16.38 -15.98
N ALA D 324 -17.31 -17.45 -16.11
CA ALA D 324 -17.06 -18.09 -17.38
C ALA D 324 -18.17 -19.09 -17.65
N PRO D 325 -18.44 -19.46 -18.93
CA PRO D 325 -19.49 -20.42 -19.23
C PRO D 325 -19.16 -21.76 -18.56
N LYS D 326 -20.22 -22.37 -18.03
CA LYS D 326 -20.21 -23.69 -17.42
C LYS D 326 -20.05 -24.71 -18.53
N VAL D 327 -19.07 -25.62 -18.43
CA VAL D 327 -18.81 -26.55 -19.52
C VAL D 327 -18.68 -27.97 -19.00
N LEU D 328 -18.11 -28.13 -17.79
CA LEU D 328 -17.90 -29.47 -17.26
C LEU D 328 -19.11 -29.95 -16.45
N ARG D 329 -19.32 -31.28 -16.47
CA ARG D 329 -20.43 -31.94 -15.78
C ARG D 329 -20.29 -31.70 -14.29
N GLU D 330 -21.41 -31.33 -13.65
CA GLU D 330 -21.43 -31.05 -12.22
C GLU D 330 -21.84 -32.31 -11.46
N ILE D 331 -20.89 -32.85 -10.72
CA ILE D 331 -21.02 -34.15 -10.06
C ILE D 331 -21.70 -33.99 -8.71
N LYS D 332 -22.89 -34.58 -8.59
CA LYS D 332 -23.81 -34.38 -7.50
C LYS D 332 -23.63 -35.49 -6.45
N GLU D 333 -23.47 -36.75 -6.90
CA GLU D 333 -23.09 -37.89 -6.06
C GLU D 333 -21.64 -37.75 -5.56
N SER D 334 -21.22 -38.70 -4.71
CA SER D 334 -19.87 -38.71 -4.15
C SER D 334 -18.89 -39.24 -5.18
N HIS D 335 -17.60 -39.19 -4.83
CA HIS D 335 -16.57 -39.60 -5.76
C HIS D 335 -16.69 -41.08 -6.07
N GLN D 336 -17.27 -41.84 -5.15
CA GLN D 336 -17.29 -43.28 -5.28
C GLN D 336 -18.60 -43.69 -5.95
N MET D 337 -19.68 -42.99 -5.60
CA MET D 337 -21.02 -43.36 -6.03
C MET D 337 -21.30 -42.93 -7.47
N ASP D 338 -20.47 -42.00 -7.97
CA ASP D 338 -20.46 -41.62 -9.37
C ASP D 338 -19.82 -42.74 -10.19
N TRP D 339 -18.71 -43.28 -9.70
CA TRP D 339 -18.17 -44.47 -10.32
C TRP D 339 -19.17 -45.62 -10.33
N VAL D 340 -19.97 -45.75 -9.28
CA VAL D 340 -20.95 -46.81 -9.21
C VAL D 340 -21.95 -46.65 -10.35
N ARG D 341 -22.43 -45.42 -10.51
CA ARG D 341 -23.43 -45.10 -11.53
C ARG D 341 -22.92 -45.56 -12.90
N ALA D 342 -21.68 -45.13 -13.18
CA ALA D 342 -21.00 -45.43 -14.42
C ALA D 342 -20.95 -46.93 -14.70
N CYS D 343 -20.80 -47.77 -13.64
CA CYS D 343 -20.73 -49.22 -13.81
C CYS D 343 -22.05 -49.82 -14.30
N LYS D 344 -23.17 -49.13 -14.05
CA LYS D 344 -24.49 -49.67 -14.32
C LYS D 344 -25.01 -49.17 -15.66
N GLU D 345 -24.26 -48.27 -16.32
CA GLU D 345 -24.58 -47.87 -17.68
C GLU D 345 -24.02 -48.92 -18.64
N ASP D 346 -24.71 -49.10 -19.78
CA ASP D 346 -24.16 -49.81 -20.93
C ASP D 346 -22.97 -49.00 -21.45
N ALA D 347 -21.90 -49.70 -21.87
CA ALA D 347 -20.66 -49.11 -22.39
C ALA D 347 -20.92 -48.10 -23.52
N ASP D 348 -21.98 -48.26 -24.31
CA ASP D 348 -22.28 -47.37 -25.43
C ASP D 348 -22.92 -46.03 -24.99
N ASP D 349 -23.52 -45.97 -23.80
CA ASP D 349 -24.17 -44.75 -23.29
C ASP D 349 -23.42 -44.20 -22.08
N ARG D 350 -22.27 -44.77 -21.75
CA ARG D 350 -21.69 -44.55 -20.44
C ARG D 350 -21.08 -43.15 -20.43
N VAL D 351 -21.56 -42.30 -19.52
CA VAL D 351 -20.79 -41.13 -19.12
C VAL D 351 -19.72 -41.57 -18.14
N PRO D 352 -18.42 -41.49 -18.48
CA PRO D 352 -17.37 -41.95 -17.57
C PRO D 352 -17.39 -41.08 -16.33
N SER D 353 -16.92 -41.63 -15.22
CA SER D 353 -16.70 -40.89 -13.98
C SER D 353 -15.49 -39.98 -14.11
N ALA D 354 -15.29 -39.09 -13.12
CA ALA D 354 -14.35 -37.99 -13.26
C ALA D 354 -12.88 -38.44 -13.32
N SER D 355 -12.61 -39.69 -12.96
CA SER D 355 -11.24 -40.14 -12.86
C SER D 355 -11.06 -41.45 -13.63
N ASP D 356 -11.88 -41.63 -14.68
CA ASP D 356 -11.73 -42.74 -15.61
C ASP D 356 -10.28 -42.83 -16.07
N PHE D 357 -9.80 -44.08 -16.23
CA PHE D 357 -8.40 -44.32 -16.47
C PHE D 357 -7.95 -43.67 -17.78
N SER D 358 -8.90 -43.37 -18.66
CA SER D 358 -8.58 -42.60 -19.85
C SER D 358 -7.87 -41.29 -19.48
N GLU D 359 -8.22 -40.65 -18.35
CA GLU D 359 -7.51 -39.45 -17.90
C GLU D 359 -6.46 -39.79 -16.84
N ALA D 360 -6.83 -40.58 -15.85
CA ALA D 360 -5.96 -40.81 -14.72
C ALA D 360 -4.78 -41.69 -15.13
N GLY D 361 -4.96 -42.61 -16.08
CA GLY D 361 -3.84 -43.37 -16.59
C GLY D 361 -2.65 -42.47 -16.92
N PRO D 362 -2.74 -41.57 -17.95
CA PRO D 362 -1.68 -40.61 -18.25
C PRO D 362 -1.28 -39.65 -17.15
N PHE D 363 -2.25 -39.25 -16.33
CA PHE D 363 -2.00 -38.40 -15.19
C PHE D 363 -1.02 -39.09 -14.22
N ASN D 364 -1.28 -40.35 -13.90
CA ASN D 364 -0.40 -41.02 -12.97
C ASN D 364 0.98 -41.18 -13.59
N GLU D 365 1.03 -41.40 -14.90
CA GLU D 365 2.31 -41.55 -15.55
C GLU D 365 3.21 -40.36 -15.28
N MET D 366 2.62 -39.16 -15.08
CA MET D 366 3.41 -37.97 -14.83
C MET D 366 3.82 -37.91 -13.37
N VAL D 367 2.92 -38.25 -12.46
CA VAL D 367 3.25 -38.29 -11.04
C VAL D 367 4.44 -39.22 -10.80
N VAL D 368 4.30 -40.46 -11.25
CA VAL D 368 5.28 -41.52 -11.01
C VAL D 368 6.60 -41.26 -11.74
N MET D 369 6.50 -40.52 -12.86
CA MET D 369 7.64 -40.08 -13.62
C MET D 369 8.56 -39.20 -12.77
N GLY D 370 7.99 -38.51 -11.77
CA GLY D 370 8.77 -37.66 -10.88
C GLY D 370 9.70 -38.47 -9.99
N VAL D 371 9.33 -39.72 -9.73
CA VAL D 371 10.22 -40.60 -9.01
C VAL D 371 11.44 -40.85 -9.89
N LEU D 372 11.21 -41.19 -11.15
CA LEU D 372 12.33 -41.54 -12.01
C LEU D 372 13.27 -40.33 -12.08
N ALA D 373 12.71 -39.11 -12.14
CA ALA D 373 13.51 -37.91 -12.22
C ALA D 373 14.48 -37.80 -11.04
N VAL D 374 13.95 -38.09 -9.85
CA VAL D 374 14.70 -37.87 -8.64
C VAL D 374 15.82 -38.90 -8.52
N ARG D 375 15.56 -40.16 -8.93
CA ARG D 375 16.52 -41.25 -8.76
C ARG D 375 17.60 -41.25 -9.84
N LEU D 376 17.31 -40.66 -11.00
CA LEU D 376 18.30 -40.63 -12.06
C LEU D 376 19.12 -39.36 -11.96
N GLN D 377 18.98 -38.63 -10.85
CA GLN D 377 19.50 -37.29 -10.76
C GLN D 377 21.01 -37.20 -10.94
N ASN D 378 21.75 -38.28 -10.77
CA ASN D 378 23.19 -38.13 -10.68
C ASN D 378 23.78 -38.15 -12.08
N LEU D 379 22.98 -38.57 -13.07
CA LEU D 379 23.36 -38.50 -14.47
C LEU D 379 23.68 -37.07 -14.95
N ASN D 380 23.12 -36.07 -14.27
CA ASN D 380 23.44 -34.67 -14.51
C ASN D 380 22.92 -34.24 -15.88
N ARG D 381 21.61 -34.41 -16.10
CA ARG D 381 21.02 -34.21 -17.40
C ARG D 381 19.50 -34.06 -17.33
N GLU D 382 18.97 -33.06 -18.01
CA GLU D 382 17.56 -33.07 -18.37
C GLU D 382 17.31 -34.40 -19.09
N LEU D 383 16.30 -35.13 -18.67
CA LEU D 383 16.07 -36.42 -19.28
C LEU D 383 15.02 -36.27 -20.35
N LEU D 384 15.28 -36.74 -21.56
CA LEU D 384 14.33 -36.56 -22.64
C LEU D 384 13.50 -37.82 -22.76
N TRP D 385 12.18 -37.64 -22.69
CA TRP D 385 11.25 -38.73 -22.54
C TRP D 385 10.49 -38.93 -23.84
N ASP D 386 10.53 -40.14 -24.37
CA ASP D 386 9.59 -40.55 -25.39
C ASP D 386 8.42 -41.29 -24.75
N GLY D 387 7.24 -40.68 -24.78
CA GLY D 387 6.07 -41.18 -24.10
C GLY D 387 5.50 -42.41 -24.78
N PRO D 388 5.19 -42.40 -26.07
CA PRO D 388 4.62 -43.57 -26.74
C PRO D 388 5.38 -44.87 -26.62
N ASN D 389 6.70 -44.79 -26.42
CA ASN D 389 7.50 -45.99 -26.24
C ASN D 389 8.02 -46.17 -24.82
N MET D 390 7.64 -45.28 -23.90
CA MET D 390 7.96 -45.41 -22.48
C MET D 390 9.46 -45.62 -22.30
N ARG D 391 10.28 -44.64 -22.70
CA ARG D 391 11.71 -44.72 -22.44
C ARG D 391 12.36 -43.35 -22.58
N PHE D 392 13.45 -43.17 -21.85
CA PHE D 392 14.30 -42.03 -22.06
C PHE D 392 15.16 -42.30 -23.29
N THR D 393 15.51 -41.21 -23.99
CA THR D 393 16.20 -41.33 -25.25
C THR D 393 17.61 -40.80 -25.10
N ASN D 394 17.97 -40.31 -23.92
CA ASN D 394 19.22 -39.57 -23.85
C ASN D 394 20.05 -39.99 -22.64
N ILE D 395 19.97 -41.28 -22.31
CA ILE D 395 20.87 -41.88 -21.34
C ILE D 395 21.95 -42.62 -22.11
N PRO D 396 23.25 -42.34 -21.89
CA PRO D 396 24.31 -43.09 -22.56
C PRO D 396 24.26 -44.55 -22.14
N ASP D 397 24.70 -45.46 -23.02
CA ASP D 397 24.73 -46.87 -22.71
C ASP D 397 25.96 -47.19 -21.83
N ASP D 398 27.00 -46.34 -21.89
CA ASP D 398 28.23 -46.53 -21.13
C ASP D 398 28.02 -46.20 -19.65
N ALA D 399 26.96 -45.45 -19.30
CA ALA D 399 26.89 -44.79 -18.01
C ALA D 399 26.21 -45.68 -16.99
N THR D 400 26.51 -45.39 -15.73
CA THR D 400 26.14 -46.20 -14.60
C THR D 400 25.65 -45.33 -13.44
N ILE D 401 24.97 -45.97 -12.49
CA ILE D 401 24.22 -45.33 -11.41
C ILE D 401 24.68 -45.94 -10.08
N SER D 402 24.68 -45.11 -9.02
CA SER D 402 25.04 -45.54 -7.68
C SER D 402 24.33 -44.68 -6.61
N ALA D 403 23.67 -45.32 -5.64
CA ALA D 403 22.99 -44.58 -4.59
C ALA D 403 23.78 -44.69 -3.28
N VAL D 404 23.51 -43.78 -2.34
CA VAL D 404 24.01 -43.93 -0.99
C VAL D 404 23.19 -45.00 -0.26
N ILE D 405 23.88 -45.87 0.49
CA ILE D 405 23.25 -46.87 1.36
C ILE D 405 23.00 -46.30 2.77
N LYS D 406 24.08 -45.80 3.41
CA LYS D 406 24.00 -45.21 4.74
C LYS D 406 25.08 -44.13 4.91
N ASP D 407 24.70 -42.97 5.49
CA ASP D 407 25.68 -41.93 5.79
C ASP D 407 26.46 -42.27 7.05
N GLY D 408 27.79 -42.12 6.98
CA GLY D 408 28.67 -42.55 8.05
C GLY D 408 29.39 -41.39 8.72
N PHE D 409 28.78 -40.18 8.72
CA PHE D 409 29.41 -39.03 9.32
C PHE D 409 29.66 -39.30 10.80
N HIS D 410 30.85 -38.96 11.30
CA HIS D 410 31.08 -38.99 12.73
C HIS D 410 32.27 -38.08 13.02
N ILE D 411 32.33 -37.52 14.23
CA ILE D 411 33.47 -36.73 14.63
C ILE D 411 34.28 -37.51 15.65
N LYS D 412 35.59 -37.26 15.65
CA LYS D 412 36.54 -38.18 16.25
C LYS D 412 37.69 -37.35 16.83
N ASP D 413 37.54 -36.99 18.13
CA ASP D 413 38.46 -36.08 18.81
C ASP D 413 38.54 -34.76 18.05
N GLY D 414 37.39 -34.28 17.58
CA GLY D 414 37.32 -33.05 16.80
C GLY D 414 37.28 -33.37 15.31
N HIS D 415 38.35 -33.92 14.72
CA HIS D 415 38.46 -33.97 13.27
C HIS D 415 37.20 -34.70 12.78
N PRO D 416 36.47 -34.18 11.76
CA PRO D 416 35.35 -34.90 11.16
C PRO D 416 35.75 -35.88 10.06
N THR D 417 34.83 -36.79 9.80
CA THR D 417 35.04 -37.88 8.87
C THR D 417 33.78 -37.99 8.05
N PHE D 418 33.89 -37.87 6.72
CA PHE D 418 32.70 -37.81 5.90
C PHE D 418 32.49 -39.10 5.13
N ASP D 419 32.76 -40.25 5.75
CA ASP D 419 32.55 -41.50 5.04
C ASP D 419 31.06 -41.78 4.87
N LYS D 420 30.79 -42.65 3.90
CA LYS D 420 29.46 -42.92 3.35
C LYS D 420 29.56 -44.23 2.60
N THR D 421 28.54 -45.08 2.62
CA THR D 421 28.67 -46.32 1.88
C THR D 421 27.75 -46.29 0.67
N TRP D 422 28.26 -46.78 -0.47
CA TRP D 422 27.54 -46.71 -1.74
C TRP D 422 27.15 -48.06 -2.31
N THR D 423 26.08 -48.13 -3.06
CA THR D 423 25.71 -49.35 -3.74
C THR D 423 26.73 -49.71 -4.83
N ASP D 424 26.58 -50.91 -5.40
CA ASP D 424 27.37 -51.36 -6.53
C ASP D 424 26.96 -50.56 -7.76
N PRO D 425 27.88 -50.05 -8.60
CA PRO D 425 27.47 -49.43 -9.88
C PRO D 425 26.68 -50.40 -10.78
N VAL D 426 25.51 -49.99 -11.31
CA VAL D 426 24.70 -50.81 -12.22
C VAL D 426 24.50 -49.99 -13.48
N ASN D 427 24.14 -50.64 -14.60
CA ASN D 427 24.00 -49.95 -15.88
C ASN D 427 22.78 -49.04 -15.83
N ALA D 428 22.98 -47.76 -16.15
CA ALA D 428 21.99 -46.73 -15.87
C ALA D 428 20.78 -46.92 -16.77
N GLN D 429 21.04 -47.37 -18.00
CA GLN D 429 19.98 -47.54 -18.97
C GLN D 429 19.04 -48.66 -18.53
N GLN D 430 19.60 -49.74 -17.99
CA GLN D 430 18.78 -50.85 -17.54
C GLN D 430 18.18 -50.57 -16.18
N PHE D 431 18.89 -49.84 -15.33
CA PHE D 431 18.30 -49.38 -14.09
C PHE D 431 17.01 -48.67 -14.40
N ALA D 432 17.06 -47.73 -15.35
CA ALA D 432 15.92 -46.89 -15.65
C ALA D 432 14.79 -47.72 -16.27
N GLN D 433 15.14 -48.65 -17.17
CA GLN D 433 14.10 -49.44 -17.81
C GLN D 433 13.31 -50.16 -16.74
N GLU D 434 13.98 -50.54 -15.65
CA GLU D 434 13.42 -51.39 -14.61
C GLU D 434 12.54 -50.57 -13.66
N LEU D 435 12.82 -49.27 -13.48
CA LEU D 435 11.94 -48.36 -12.75
C LEU D 435 10.67 -48.10 -13.55
N ILE D 436 10.77 -48.17 -14.88
CA ILE D 436 9.64 -47.92 -15.74
C ILE D 436 8.78 -49.17 -15.83
N LYS D 437 9.45 -50.30 -15.92
CA LYS D 437 8.80 -51.60 -15.94
C LYS D 437 9.54 -52.57 -15.02
N HIS D 438 8.91 -52.94 -13.91
CA HIS D 438 9.56 -53.75 -12.91
C HIS D 438 9.67 -55.18 -13.41
N THR D 439 10.69 -55.87 -12.87
CA THR D 439 10.84 -57.31 -13.06
C THR D 439 10.11 -57.99 -11.90
N TYR D 440 9.02 -58.69 -12.20
CA TYR D 440 8.20 -59.24 -11.15
C TYR D 440 8.85 -60.53 -10.62
N ARG D 441 8.84 -60.64 -9.29
CA ARG D 441 9.27 -61.82 -8.56
C ARG D 441 8.48 -63.03 -9.05
N ASP D 442 9.15 -64.17 -9.15
CA ASP D 442 8.59 -65.36 -9.80
C ASP D 442 7.26 -65.71 -9.16
N GLY D 443 6.27 -66.10 -9.98
CA GLY D 443 4.93 -66.36 -9.51
C GLY D 443 4.04 -65.12 -9.53
N TRP D 444 4.54 -64.02 -10.10
CA TRP D 444 3.74 -62.80 -10.24
C TRP D 444 3.91 -62.27 -11.66
N LYS D 445 2.77 -62.09 -12.34
CA LYS D 445 2.65 -61.94 -13.79
C LYS D 445 1.48 -60.97 -14.05
N LEU D 446 1.77 -59.91 -14.83
CA LEU D 446 0.76 -59.02 -15.35
C LEU D 446 0.13 -59.64 -16.61
N PRO D 447 -1.12 -59.30 -16.98
CA PRO D 447 -1.62 -59.63 -18.33
C PRO D 447 -0.80 -58.94 -19.42
N ASP D 448 -0.95 -59.42 -20.66
CA ASP D 448 -0.24 -58.90 -21.82
C ASP D 448 -0.71 -57.47 -22.12
N MET D 449 0.19 -56.64 -22.66
CA MET D 449 -0.18 -55.33 -23.17
C MET D 449 -1.13 -55.56 -24.35
N PRO D 450 -2.34 -54.95 -24.40
CA PRO D 450 -3.32 -55.31 -25.43
C PRO D 450 -2.96 -54.89 -26.86
N ARG D 451 -3.56 -55.58 -27.85
CA ARG D 451 -3.42 -55.18 -29.24
C ARG D 451 -1.94 -54.81 -29.47
C1 GLC E . -7.45 15.87 13.77
C2 GLC E . -6.20 14.94 13.98
C3 GLC E . -5.68 14.63 15.39
C4 GLC E . -6.84 14.70 16.43
C5 GLC E . -8.18 15.21 15.81
C6 GLC E . -9.30 15.46 16.80
O2 GLC E . -6.52 13.65 13.47
O3 GLC E . -4.56 15.43 15.79
O4 GLC E . -7.09 13.39 16.98
O5 GLC E . -7.93 16.41 15.03
O6 GLC E . -10.47 14.82 16.32
C1 GLC E . -9.40 15.04 12.27
C2 GLC E . -9.70 13.56 12.04
C3 GLC E . -8.54 12.82 11.37
C4 GLC E . -8.03 13.60 10.15
C5 GLC E . -7.61 15.02 10.55
C6 GLC E . -7.06 15.88 9.41
O1 GLC E . -8.60 15.12 13.46
O2 GLC E . -10.10 13.05 13.32
O3 GLC E . -8.85 11.48 10.97
O4 GLC E . -6.91 12.96 9.56
O5 GLC E . -8.77 15.65 11.14
O6 GLC E . -7.85 17.10 9.10
C1 GLC F . -55.37 4.17 -12.59
C2 GLC F . -55.16 5.61 -12.17
C3 GLC F . -55.79 5.92 -10.80
C4 GLC F . -57.10 5.18 -10.47
C5 GLC F . -57.11 3.76 -11.03
C6 GLC F . -58.45 3.07 -10.98
O1 GLC F . -54.53 3.28 -11.82
O2 GLC F . -53.74 5.73 -12.22
O3 GLC F . -56.04 7.32 -10.70
O4 GLC F . -57.25 5.05 -9.07
O5 GLC F . -56.75 3.84 -12.42
O6 GLC F . -59.05 2.99 -12.28
C1 GLC F . -54.48 1.90 -12.09
C2 GLC F . -53.76 1.34 -10.91
C3 GLC F . -52.41 1.98 -10.69
C4 GLC F . -51.61 2.10 -11.97
C5 GLC F . -52.35 1.74 -13.35
C6 GLC F . -51.81 0.49 -14.04
O2 GLC F . -54.47 1.67 -9.75
O3 GLC F . -51.64 1.27 -9.71
O4 GLC F . -51.24 3.50 -11.95
O5 GLC F . -53.78 1.49 -13.28
O6 GLC F . -50.54 0.06 -13.51
C1 GLC G . 14.57 -14.33 24.47
C2 GLC G . 14.52 -14.68 25.99
C3 GLC G . 15.86 -14.35 26.64
C4 GLC G . 17.04 -15.04 25.93
C5 GLC G . 17.01 -14.74 24.42
C6 GLC G . 18.19 -15.44 23.72
O2 GLC G . 13.42 -14.06 26.66
O3 GLC G . 15.86 -14.71 28.01
O4 GLC G . 18.30 -14.58 26.39
O5 GLC G . 15.70 -15.04 23.87
O6 GLC G . 17.80 -16.15 22.55
C1 GLC G . 15.54 -12.28 23.37
C2 GLC G . 15.89 -10.86 23.81
C3 GLC G . 14.59 -10.06 23.83
C4 GLC G . 13.63 -10.28 22.62
C5 GLC G . 13.78 -11.70 22.00
C6 GLC G . 13.27 -11.81 20.58
O1 GLC G . 14.53 -12.94 24.23
O2 GLC G . 16.66 -10.89 25.02
O3 GLC G . 14.96 -8.68 23.90
O4 GLC G . 12.24 -10.15 23.01
O5 GLC G . 15.16 -12.13 21.99
O6 GLC G . 13.28 -13.18 20.20
C1 GLC H . 18.41 -56.84 -9.16
C2 GLC H . 18.54 -58.32 -8.77
C3 GLC H . 17.35 -59.09 -9.37
C4 GLC H . 15.97 -58.54 -8.94
C5 GLC H . 16.06 -57.19 -8.18
C6 GLC H . 16.22 -57.39 -6.68
O2 GLC H . 19.86 -58.77 -9.10
O3 GLC H . 17.36 -60.48 -9.07
O4 GLC H . 15.14 -58.37 -10.09
O5 GLC H . 17.15 -56.34 -8.62
O6 GLC H . 15.51 -58.56 -6.28
C1 GLC H . 17.36 -56.10 -11.24
C2 GLC H . 17.21 -56.56 -12.68
C3 GLC H . 18.30 -55.91 -13.55
C4 GLC H . 17.92 -54.43 -13.55
C5 GLC H . 18.05 -53.87 -12.10
C6 GLC H . 17.67 -52.40 -11.94
O1 GLC H . 18.55 -56.59 -10.53
O2 GLC H . 17.07 -57.98 -12.68
O3 GLC H . 18.54 -56.38 -14.89
O4 GLC H . 18.71 -53.70 -14.45
O5 GLC H . 17.22 -54.67 -11.21
O6 GLC H . 16.79 -52.15 -10.80
C1 GLC I . -8.08 47.11 7.42
C2 GLC I . -6.63 46.69 7.76
C3 GLC I . -5.63 47.06 6.67
C4 GLC I . -6.19 46.49 5.37
C5 GLC I . -7.61 47.03 5.09
C6 GLC I . -8.18 46.48 3.81
O1 GLC I . -8.19 48.54 7.44
O2 GLC I . -6.13 47.24 8.97
O3 GLC I . -4.30 46.62 6.93
O4 GLC I . -5.36 46.84 4.29
O5 GLC I . -8.52 46.63 6.15
O6 GLC I . -8.91 45.31 4.12
C1 GLC I . -9.39 49.19 7.73
C2 GLC I . -9.22 50.70 7.45
C3 GLC I . -8.22 51.29 8.45
C4 GLC I . -8.77 51.10 9.86
C5 GLC I . -9.05 49.58 10.12
C6 GLC I . -9.84 49.37 11.37
O2 GLC I . -8.99 50.78 6.04
O3 GLC I . -7.93 52.69 8.40
O4 GLC I . -7.85 51.66 10.81
O5 GLC I . -9.87 48.99 9.09
O6 GLC I . -10.82 50.38 11.39
C1 GLC J . -11.26 20.84 22.11
C2 GLC J . -11.38 19.91 20.92
C3 GLC J . -10.28 18.90 20.63
C4 GLC J . -8.93 19.52 21.00
C5 GLC J . -9.01 20.20 22.40
C6 GLC J . -7.74 20.80 22.92
O1 GLC J . -11.85 20.19 23.25
O2 GLC J . -12.56 19.16 21.18
O3 GLC J . -10.37 18.53 19.24
O4 GLC J . -7.91 18.52 21.01
O5 GLC J . -9.94 21.29 22.44
O6 GLC J . -7.33 21.87 22.17
C1 GLC J . -11.77 20.75 24.50
C2 GLC J . -12.21 19.72 25.49
C3 GLC J . -13.68 19.33 25.38
C4 GLC J . -14.60 20.46 25.10
C5 GLC J . -13.99 21.56 24.24
C6 GLC J . -14.78 22.87 24.22
O2 GLC J . -11.47 18.54 25.23
O3 GLC J . -14.10 18.73 26.60
O4 GLC J . -15.68 19.84 24.41
O5 GLC J . -12.66 21.85 24.71
O6 GLC J . -14.05 23.98 23.63
C1 GLC K . 4.01 29.42 -13.30
C2 GLC K . 5.36 29.28 -14.04
C3 GLC K . 5.14 28.86 -15.49
C4 GLC K . 4.13 27.72 -15.61
C5 GLC K . 2.83 27.97 -14.88
C6 GLC K . 1.93 26.75 -14.76
O1 GLC K . 3.36 30.58 -13.62
O2 GLC K . 6.23 30.43 -13.95
O3 GLC K . 6.46 28.50 -15.92
O4 GLC K . 3.79 27.54 -16.96
O5 GLC K . 3.10 28.35 -13.53
O6 GLC K . 0.95 26.78 -13.64
C1 GLC K . 2.45 31.17 -12.78
C2 GLC K . 1.81 32.26 -13.70
C3 GLC K . 2.85 33.33 -14.01
C4 GLC K . 3.39 33.91 -12.70
C5 GLC K . 4.15 32.77 -11.95
C6 GLC K . 4.72 33.17 -10.62
O2 GLC K . 1.16 31.69 -14.86
O3 GLC K . 2.36 34.38 -14.84
O4 GLC K . 4.23 35.05 -12.97
O5 GLC K . 3.19 31.72 -11.66
O6 GLC K . 3.66 33.31 -9.70
C1 GLC L . 25.03 55.04 14.27
C2 GLC L . 24.38 53.88 15.01
C3 GLC L . 22.86 53.85 14.83
C4 GLC L . 22.26 55.18 15.18
C5 GLC L . 22.99 56.30 14.52
C6 GLC L . 22.49 57.59 15.12
O2 GLC L . 25.02 52.69 14.56
O3 GLC L . 22.20 52.90 15.68
O4 GLC L . 20.87 55.26 14.83
O5 GLC L . 24.41 56.18 14.79
O6 GLC L . 21.81 57.29 16.38
C1 GLC L . 25.41 55.41 11.80
C2 GLC L . 24.65 54.93 10.55
C3 GLC L . 24.98 53.52 10.12
C4 GLC L . 26.44 53.24 10.28
C5 GLC L . 26.82 53.52 11.73
C6 GLC L . 28.21 53.10 12.10
O1 GLC L . 24.69 54.91 12.93
O2 GLC L . 23.27 54.73 10.86
O3 GLC L . 24.53 53.28 8.79
O4 GLC L . 26.62 51.88 9.98
O5 GLC L . 26.75 54.95 11.92
O6 GLC L . 29.17 53.91 11.41
C1 GLC M . -23.18 15.58 -13.42
C2 GLC M . -24.49 15.43 -12.64
C3 GLC M . -25.51 16.50 -12.98
C4 GLC M . -24.81 17.82 -12.93
C5 GLC M . -23.68 17.86 -13.91
C6 GLC M . -22.98 19.19 -14.00
O1 GLC M . -23.33 15.14 -14.78
O2 GLC M . -25.16 14.21 -12.87
O3 GLC M . -26.66 16.58 -12.12
O4 GLC M . -25.81 18.72 -13.23
O5 GLC M . -22.70 16.93 -13.44
O6 GLC M . -22.65 19.60 -12.71
C1 GLC M . -22.21 14.99 -15.64
C2 GLC M . -22.69 14.89 -17.09
C3 GLC M . -23.60 13.70 -17.28
C4 GLC M . -22.99 12.37 -16.83
C5 GLC M . -22.24 12.56 -15.50
C6 GLC M . -21.26 11.47 -15.20
O2 GLC M . -23.38 16.09 -17.36
O3 GLC M . -23.96 13.59 -18.64
O4 GLC M . -24.04 11.40 -16.67
O5 GLC M . -21.45 13.79 -15.48
O6 GLC M . -20.05 12.09 -14.84
C1 GLC N . -36.50 38.52 1.01
C2 GLC N . -37.94 39.03 1.15
C3 GLC N . -37.99 40.56 1.24
C4 GLC N . -36.79 41.16 2.05
C5 GLC N . -35.47 40.49 1.65
C6 GLC N . -34.24 40.93 2.42
O1 GLC N . -35.84 38.82 -0.24
O2 GLC N . -38.82 38.56 0.12
O3 GLC N . -39.28 40.84 1.83
O4 GLC N . -36.64 42.56 1.87
O5 GLC N . -35.64 39.11 1.98
O6 GLC N . -33.09 40.05 2.17
C1 GLC N . -35.27 37.75 -0.90
C2 GLC N . -34.90 38.17 -2.29
C3 GLC N . -35.94 38.03 -3.41
C4 GLC N . -36.75 36.72 -3.39
C5 GLC N . -36.86 36.07 -1.97
C6 GLC N . -36.16 34.75 -1.88
O2 GLC N . -34.49 39.53 -2.09
O3 GLC N . -35.28 38.03 -4.66
O4 GLC N . -38.12 36.91 -3.89
O5 GLC N . -36.29 36.76 -0.83
O6 GLC N . -37.18 33.76 -1.79
C1 GLC O . 35.44 -27.11 2.11
C2 GLC O . 35.86 -25.69 2.50
C3 GLC O . 35.66 -25.28 3.94
C4 GLC O . 34.49 -25.99 4.57
C5 GLC O . 34.54 -27.48 4.34
C6 GLC O . 33.33 -28.17 4.94
O1 GLC O . 36.53 -27.92 2.24
O2 GLC O . 37.26 -25.58 2.31
O3 GLC O . 35.46 -23.87 3.98
O4 GLC O . 34.49 -25.76 5.97
O5 GLC O . 34.49 -27.77 2.94
O6 GLC O . 32.47 -28.78 3.94
C1 GLC O . 36.86 -28.84 1.26
C2 GLC O . 37.94 -29.64 1.95
C3 GLC O . 39.09 -28.66 2.10
C4 GLC O . 39.77 -28.61 0.74
C5 GLC O . 38.78 -28.21 -0.36
C6 GLC O . 38.88 -29.08 -1.61
O2 GLC O . 37.40 -30.19 3.15
O3 GLC O . 39.99 -28.98 3.16
O4 GLC O . 40.81 -27.66 0.72
O5 GLC O . 37.39 -28.21 0.07
O6 GLC O . 38.55 -28.36 -2.82
C1 GLC P . 18.29 -15.48 -19.65
C2 GLC P . 17.01 -15.78 -18.95
C3 GLC P . 16.31 -14.53 -18.46
C4 GLC P . 17.22 -13.45 -17.95
C5 GLC P . 18.38 -13.19 -18.91
C6 GLC P . 19.39 -12.13 -18.46
O2 GLC P . 16.09 -16.39 -19.84
O3 GLC P . 15.56 -15.08 -17.41
O4 GLC P . 16.44 -12.28 -17.76
O5 GLC P . 19.09 -14.42 -19.08
O6 GLC P . 19.63 -12.03 -17.03
C1 GLC P . 19.04 -15.19 -21.86
C2 GLC P . 18.48 -15.17 -23.28
C3 GLC P . 17.78 -16.49 -23.60
C4 GLC P . 18.78 -17.64 -23.38
C5 GLC P . 19.46 -17.59 -21.97
C6 GLC P . 20.66 -18.51 -21.77
O1 GLC P . 17.98 -15.27 -20.96
O2 GLC P . 17.67 -14.00 -23.34
O3 GLC P . 17.22 -16.50 -24.93
O4 GLC P . 18.07 -18.84 -23.49
O5 GLC P . 19.97 -16.27 -21.71
O6 GLC P . 21.63 -17.94 -20.84
C1 GLC Q . 51.11 0.85 16.08
C2 GLC Q . 50.18 -0.14 16.88
C3 GLC Q . 48.78 0.39 17.17
C4 GLC Q . 48.85 1.85 17.49
C5 GLC Q . 49.57 2.57 16.38
C6 GLC Q . 49.53 4.07 16.49
O2 GLC Q . 50.01 -1.40 16.23
O3 GLC Q . 48.05 -0.20 18.23
O4 GLC Q . 47.50 2.28 17.63
O5 GLC Q . 50.97 2.21 16.44
O6 GLC Q . 49.03 4.46 17.77
C1 GLC Q . 51.74 1.25 13.71
C2 GLC Q . 50.93 1.02 12.45
C3 GLC Q . 50.65 -0.45 12.15
C4 GLC Q . 51.95 -1.21 12.13
C5 GLC Q . 52.61 -1.06 13.48
C6 GLC Q . 53.93 -1.83 13.56
O1 GLC Q . 50.85 0.94 14.71
O2 GLC Q . 49.68 1.69 12.54
O3 GLC Q . 50.03 -0.62 10.88
O4 GLC Q . 51.73 -2.56 11.78
O5 GLC Q . 52.84 0.35 13.76
O6 GLC Q . 54.89 -1.46 12.53
C1 GLC R . -4.28 -35.87 3.55
C2 GLC R . -4.50 -36.72 2.30
C3 GLC R . -3.78 -38.06 2.28
C4 GLC R . -2.38 -37.91 2.86
C5 GLC R . -2.41 -37.18 4.21
C6 GLC R . -1.05 -37.10 4.95
O1 GLC R . -5.04 -36.38 4.58
O2 GLC R . -5.89 -36.99 2.29
O3 GLC R . -3.65 -38.70 1.00
O4 GLC R . -1.85 -39.23 2.99
O5 GLC R . -2.94 -35.85 4.03
O6 GLC R . 0.06 -36.45 4.25
C1 GLC R . -5.15 -35.66 5.80
C2 GLC R . -5.77 -36.55 6.90
C3 GLC R . -6.92 -37.23 6.17
C4 GLC R . -7.95 -36.13 5.81
C5 GLC R . -7.27 -35.08 4.97
C6 GLC R . -8.18 -33.95 4.60
O2 GLC R . -4.82 -37.35 7.63
O3 GLC R . -7.52 -38.22 6.97
O4 GLC R . -9.04 -36.60 5.03
O5 GLC R . -6.10 -34.59 5.67
O6 GLC R . -8.03 -32.87 5.50
C1 GLC S . 3.95 -15.09 -16.33
C2 GLC S . 5.43 -15.26 -16.03
C3 GLC S . 6.31 -15.61 -17.21
C4 GLC S . 5.71 -16.63 -18.11
C5 GLC S . 4.25 -16.29 -18.43
C6 GLC S . 3.57 -17.36 -19.24
O1 GLC S . 3.89 -13.73 -16.79
O2 GLC S . 5.91 -14.01 -15.56
O3 GLC S . 7.52 -16.08 -16.65
O4 GLC S . 6.44 -16.63 -19.33
O5 GLC S . 3.50 -16.10 -17.22
O6 GLC S . 2.64 -18.13 -18.44
C1 GLC S . 2.92 -12.78 -16.46
C2 GLC S . 3.21 -11.49 -17.24
C3 GLC S . 4.33 -10.69 -16.59
C4 GLC S . 3.87 -10.41 -15.15
C5 GLC S . 3.79 -11.78 -14.42
C6 GLC S . 3.41 -11.73 -12.95
O2 GLC S . 3.55 -11.88 -18.57
O3 GLC S . 4.64 -9.50 -17.32
O4 GLC S . 4.75 -9.51 -14.47
O5 GLC S . 2.79 -12.61 -15.04
O6 GLC S . 2.65 -12.92 -12.59
C1 GLC T . 9.12 -14.73 -12.41
C2 GLC T . 7.67 -14.82 -12.82
C3 GLC T . 6.79 -14.00 -11.86
C4 GLC T . 7.01 -14.35 -10.38
C5 GLC T . 8.49 -14.66 -10.07
C6 GLC T . 8.71 -15.50 -8.80
O2 GLC T . 7.71 -14.44 -14.20
O3 GLC T . 5.41 -14.19 -12.18
O4 GLC T . 6.59 -13.25 -9.54
O5 GLC T . 9.09 -15.40 -11.15
O6 GLC T . 10.10 -15.89 -8.61
C1 GLC T . 10.79 -13.08 -13.02
C2 GLC T . 11.13 -11.62 -12.64
C3 GLC T . 10.61 -10.51 -13.53
C4 GLC T . 10.96 -10.85 -14.98
C5 GLC T . 10.45 -12.32 -15.40
C6 GLC T . 11.12 -12.84 -16.67
O1 GLC T . 9.56 -13.41 -12.33
O2 GLC T . 10.52 -11.42 -11.38
O3 GLC T . 11.13 -9.22 -13.18
O4 GLC T . 10.37 -9.79 -15.80
O5 GLC T . 10.72 -13.37 -14.43
O6 GLC T . 11.15 -14.25 -16.74
C1 GLC U . -16.89 18.81 17.70
C2 GLC U . -17.97 18.24 18.70
C3 GLC U . -17.54 17.11 19.65
C4 GLC U . -16.13 16.50 19.40
C5 GLC U . -15.17 17.39 18.51
C6 GLC U . -13.87 16.70 18.08
O2 GLC U . -18.52 19.32 19.50
O3 GLC U . -18.51 16.02 19.68
O4 GLC U . -15.54 16.32 20.69
O5 GLC U . -15.88 17.85 17.33
O6 GLC U . -12.68 17.47 18.42
C1 GLC U . -15.02 20.47 18.19
C2 GLC U . -14.93 21.43 19.35
C3 GLC U . -16.21 22.27 19.38
C4 GLC U . -16.32 23.02 18.05
C5 GLC U . -16.00 22.13 16.79
C6 GLC U . -15.76 22.95 15.51
O1 GLC U . -16.34 19.93 18.30
O2 GLC U . -14.66 20.75 20.58
O3 GLC U . -16.25 23.21 20.47
O4 GLC U . -17.64 23.54 17.98
O5 GLC U . -14.84 21.28 17.04
O6 GLC U . -16.23 22.29 14.30
C1 GLC V . 14.96 -19.19 19.21
C2 GLC V . 15.59 -20.43 19.85
C3 GLC V . 16.51 -20.00 20.99
C4 GLC V . 17.61 -19.02 20.52
C5 GLC V . 17.05 -17.92 19.54
C6 GLC V . 18.13 -17.30 18.66
O2 GLC V . 14.54 -21.34 20.21
O3 GLC V . 17.16 -21.14 21.58
O4 GLC V . 18.22 -18.41 21.66
O5 GLC V . 16.05 -18.46 18.64
O6 GLC V . 19.27 -18.16 18.38
C1 GLC V . 13.53 -17.51 19.78
C2 GLC V . 13.14 -16.63 20.94
C3 GLC V . 12.14 -17.32 21.84
C4 GLC V . 10.97 -18.00 21.12
C5 GLC V . 11.40 -18.82 19.88
C6 GLC V . 10.31 -18.99 18.85
O1 GLC V . 14.40 -18.45 20.24
O2 GLC V . 14.31 -16.27 21.67
O3 GLC V . 11.73 -16.19 22.64
O4 GLC V . 10.31 -18.89 22.00
O5 GLC V . 12.42 -18.15 19.13
O6 GLC V . 10.71 -19.87 17.76
C1 GLC W . 17.75 -50.27 -5.69
C2 GLC W . 17.79 -50.82 -4.29
C3 GLC W . 16.99 -52.14 -4.21
C4 GLC W . 15.85 -52.46 -5.26
C5 GLC W . 15.76 -51.39 -6.42
C6 GLC W . 14.35 -51.08 -6.95
O2 GLC W . 19.20 -50.76 -3.99
O3 GLC W . 16.35 -52.04 -2.94
O4 GLC W . 16.00 -53.80 -5.84
O5 GLC W . 16.32 -50.14 -5.96
O6 GLC W . 14.32 -50.98 -8.42
C1 GLC W . 19.04 -50.95 -7.79
C2 GLC W . 19.18 -52.22 -8.66
C3 GLC W . 20.39 -53.11 -8.34
C4 GLC W . 21.64 -52.24 -8.04
C5 GLC W . 21.19 -51.20 -7.00
C6 GLC W . 22.28 -50.36 -6.38
O1 GLC W . 18.55 -51.16 -6.45
O2 GLC W . 17.96 -52.94 -8.54
O3 GLC W . 20.65 -54.06 -9.40
O4 GLC W . 22.76 -53.00 -7.56
O5 GLC W . 20.31 -50.29 -7.68
O6 GLC W . 22.11 -48.98 -6.69
C1 GLC X . -42.69 36.91 2.00
C2 GLC X . -44.08 36.51 2.50
C3 GLC X . -44.47 37.47 3.62
C4 GLC X . -43.39 37.47 4.69
C5 GLC X . -42.04 37.87 4.09
C6 GLC X . -40.90 37.92 5.09
O1 GLC X . -42.80 38.17 1.44
O2 GLC X . -45.06 36.41 1.45
O3 GLC X . -45.72 37.11 4.20
O4 GLC X . -43.78 38.35 5.72
O5 GLC X . -41.71 36.92 3.05
O6 GLC X . -39.66 38.22 4.42
C1 GLC X . -42.38 38.39 0.15
C2 GLC X . -42.36 39.93 -0.07
C3 GLC X . -43.56 40.36 -0.92
C4 GLC X . -43.68 39.57 -2.23
C5 GLC X . -43.35 38.03 -2.10
C6 GLC X . -42.06 37.63 -2.83
O2 GLC X . -42.30 40.64 1.18
O3 GLC X . -43.47 41.74 -1.27
O4 GLC X . -45.00 39.72 -2.73
O5 GLC X . -43.17 37.57 -0.74
O6 GLC X . -41.90 38.37 -4.05
C1 GLC Y . -12.36 9.29 13.85
C2 GLC Y . -12.07 10.74 14.12
C3 GLC Y . -12.65 11.24 15.43
C4 GLC Y . -14.10 10.82 15.59
C5 GLC Y . -14.26 9.34 15.28
C6 GLC Y . -15.69 8.88 15.23
O1 GLC Y . -11.55 8.58 14.71
O2 GLC Y . -10.67 10.98 14.10
O3 GLC Y . -12.47 12.65 15.31
O4 GLC Y . -14.57 11.05 16.90
O5 GLC Y . -13.76 9.03 13.97
O6 GLC Y . -16.10 8.56 13.89
C1 GLC Y . -10.83 7.48 14.26
C2 GLC Y . -9.80 7.11 15.34
C3 GLC Y . -8.58 8.00 15.23
C4 GLC Y . -8.06 7.74 13.84
C5 GLC Y . -9.02 8.43 12.87
C6 GLC Y . -8.45 8.51 11.44
O2 GLC Y . -10.40 7.18 16.64
O3 GLC Y . -7.56 7.76 16.18
O4 GLC Y . -6.71 8.20 13.68
O5 GLC Y . -10.27 7.71 12.94
O6 GLC Y . -9.44 8.76 10.40
C1 GLC Z . 10.87 30.99 -13.11
C2 GLC Z . 12.40 31.12 -13.13
C3 GLC Z . 13.04 29.79 -13.51
C4 GLC Z . 12.37 28.51 -12.94
C5 GLC Z . 10.83 28.63 -12.97
C6 GLC Z . 10.04 27.51 -12.33
O1 GLC Z . 10.56 30.71 -14.46
O2 GLC Z . 12.85 32.22 -13.96
O3 GLC Z . 14.38 29.87 -13.03
O4 GLC Z . 12.76 27.34 -13.70
O5 GLC Z . 10.44 29.88 -12.33
O6 GLC Z . 8.64 27.52 -12.74
C1 GLC Z . 9.32 31.00 -14.94
C2 GLC Z . 9.28 30.49 -16.38
C3 GLC Z . 10.28 31.22 -17.27
C4 GLC Z . 10.16 32.76 -17.13
C5 GLC Z . 10.28 33.19 -15.66
C6 GLC Z . 10.00 34.69 -15.43
O2 GLC Z . 9.48 29.08 -16.34
O3 GLC Z . 10.07 30.71 -18.60
O4 GLC Z . 11.19 33.51 -17.78
O5 GLC Z . 9.36 32.44 -14.83
O6 GLC Z . 8.59 35.06 -15.26
PA NAD AA . -0.80 51.81 -1.91
O1A NAD AA . -0.54 51.25 -3.25
O2A NAD AA . -2.10 52.41 -1.55
O5B NAD AA . 0.33 52.82 -1.50
C5B NAD AA . 1.67 52.30 -1.53
C4B NAD AA . 2.53 53.38 -2.11
O4B NAD AA . 3.83 52.84 -2.45
C3B NAD AA . 1.99 54.02 -3.41
O3B NAD AA . 2.04 55.44 -3.32
C2B NAD AA . 2.87 53.41 -4.52
O2B NAD AA . 2.79 54.15 -5.73
C1B NAD AA . 4.19 53.29 -3.72
N9A NAD AA . 5.12 52.29 -4.22
C8A NAD AA . 4.78 51.05 -4.69
N7A NAD AA . 5.80 50.35 -5.12
C5A NAD AA . 6.87 51.19 -4.92
C6A NAD AA . 8.23 50.99 -5.15
N6A NAD AA . 8.65 49.84 -5.69
N1A NAD AA . 9.10 52.01 -4.87
C2A NAD AA . 8.58 53.13 -4.36
N3A NAD AA . 7.30 53.40 -4.05
C4A NAD AA . 6.49 52.39 -4.37
O3 NAD AA . -0.53 50.59 -0.92
PN NAD AA . -1.01 50.31 0.58
O1N NAD AA . -2.46 49.97 0.60
O2N NAD AA . -0.60 51.53 1.35
O5D NAD AA . -0.11 49.02 0.94
C5D NAD AA . 1.29 49.30 1.27
C4D NAD AA . 1.87 48.26 2.21
O4D NAD AA . 1.40 48.49 3.57
C3D NAD AA . 1.53 46.79 1.89
O3D NAD AA . 2.62 45.92 2.21
C2D NAD AA . 0.23 46.61 2.68
O2D NAD AA . -0.17 45.25 2.86
C1D NAD AA . 0.63 47.36 3.97
N1N NAD AA . -0.50 47.88 4.77
C2N NAD AA . -0.50 47.75 6.15
C3N NAD AA . -1.58 48.21 6.91
C7N NAD AA . -1.66 48.20 8.41
O7N NAD AA . -2.69 48.57 9.02
N7N NAD AA . -0.53 48.03 9.06
C4N NAD AA . -2.61 48.83 6.24
C5N NAD AA . -2.59 48.91 4.87
C6N NAD AA . -1.55 48.45 4.15
PA NAD BA . -33.19 22.30 -18.25
O1A NAD BA . -33.63 23.69 -17.87
O2A NAD BA . -32.03 22.05 -19.17
O5B NAD BA . -34.44 21.49 -18.85
C5B NAD BA . -35.72 21.63 -18.22
C4B NAD BA . -36.81 21.53 -19.27
O4B NAD BA . -38.13 21.70 -18.67
C3B NAD BA . -36.77 22.59 -20.35
O3B NAD BA . -37.41 22.13 -21.52
C2B NAD BA . -37.64 23.69 -19.73
O2B NAD BA . -37.97 24.58 -20.77
C1B NAD BA . -38.79 22.84 -19.16
N9A NAD BA . -39.53 23.43 -18.04
C8A NAD BA . -39.03 24.22 -17.04
N7A NAD BA . -39.91 24.61 -16.15
C5A NAD BA . -41.07 24.01 -16.58
C6A NAD BA . -42.36 24.02 -16.04
N6A NAD BA . -42.67 24.69 -14.94
N1A NAD BA . -43.30 23.32 -16.71
C2A NAD BA . -42.95 22.66 -17.82
N3A NAD BA . -41.78 22.61 -18.43
C4A NAD BA . -40.86 23.28 -17.74
O3 NAD BA . -32.85 21.58 -16.86
PN NAD BA . -32.07 20.23 -16.48
O1N NAD BA . -30.61 20.46 -16.50
O2N NAD BA . -32.78 19.22 -17.31
O5D NAD BA . -32.48 20.07 -14.96
C5D NAD BA . -33.86 19.81 -14.62
C4D NAD BA . -33.96 19.17 -13.26
O4D NAD BA . -33.26 17.90 -13.27
C3D NAD BA . -33.38 19.93 -12.07
O3D NAD BA . -34.26 19.58 -11.01
C2D NAD BA . -31.93 19.42 -11.98
O2D NAD BA . -31.27 19.49 -10.74
C1D NAD BA . -32.16 17.94 -12.31
N1N NAD BA . -31.04 17.18 -12.95
C2N NAD BA . -30.62 15.97 -12.40
C3N NAD BA . -29.61 15.28 -13.07
C7N NAD BA . -29.19 13.93 -12.63
O7N NAD BA . -28.11 13.49 -13.04
N7N NAD BA . -30.12 13.15 -12.12
C4N NAD BA . -29.10 15.71 -14.28
C5N NAD BA . -29.57 16.88 -14.83
C6N NAD BA . -30.54 17.59 -14.17
PA NAD CA . 36.88 -25.73 14.84
O1A NAD CA . 35.81 -25.78 15.89
O2A NAD CA . 37.33 -26.96 14.10
O5B NAD CA . 38.10 -24.93 15.50
C5B NAD CA . 37.66 -23.94 16.43
C4B NAD CA . 38.85 -23.48 17.20
O4B NAD CA . 38.59 -22.19 17.78
C3B NAD CA . 39.20 -24.40 18.38
O3B NAD CA . 40.61 -24.40 18.64
C2B NAD CA . 38.26 -23.80 19.45
O2B NAD CA . 38.52 -24.44 20.70
C1B NAD CA . 38.55 -22.31 19.17
N9A NAD CA . 37.60 -21.35 19.68
C8A NAD CA . 36.23 -21.35 19.64
N7A NAD CA . 35.68 -20.34 20.30
C5A NAD CA . 36.78 -19.67 20.82
C6A NAD CA . 36.90 -18.53 21.63
N6A NAD CA . 35.86 -17.81 22.05
N1A NAD CA . 38.14 -18.13 21.97
C2A NAD CA . 39.18 -18.82 21.50
N3A NAD CA . 39.19 -19.91 20.76
C4A NAD CA . 37.95 -20.27 20.44
O3 NAD CA . 36.53 -24.67 13.64
PN NAD CA . 36.78 -24.54 12.05
O1N NAD CA . 36.14 -25.59 11.23
O2N NAD CA . 38.24 -24.34 11.86
O5D NAD CA . 35.94 -23.19 11.89
C5D NAD CA . 36.45 -21.92 12.38
C4D NAD CA . 36.13 -20.79 11.41
O4D NAD CA . 36.82 -20.98 10.15
C3D NAD CA . 34.65 -20.62 11.03
O3D NAD CA . 34.32 -19.24 10.87
C2D NAD CA . 34.55 -21.42 9.71
O2D NAD CA . 33.33 -21.19 9.00
C1D NAD CA . 35.88 -20.99 9.06
N1N NAD CA . 36.46 -21.87 7.99
C2N NAD CA . 36.93 -21.33 6.80
C3N NAD CA . 37.48 -22.20 5.88
C7N NAD CA . 38.06 -21.77 4.58
O7N NAD CA . 38.39 -22.66 3.78
N7N NAD CA . 38.35 -20.48 4.40
C4N NAD CA . 37.63 -23.55 6.12
C5N NAD CA . 37.20 -24.05 7.31
C6N NAD CA . 36.62 -23.21 8.22
PA NAD DA . -2.52 -48.67 4.99
O1A NAD DA . -1.26 -49.45 4.76
O2A NAD DA . -2.80 -48.05 6.32
O5B NAD DA . -3.84 -49.49 4.55
C5B NAD DA . -3.86 -50.36 3.37
C4B NAD DA . -4.24 -51.77 3.77
O4B NAD DA . -3.92 -52.68 2.69
C3B NAD DA . -3.55 -52.37 5.00
O3B NAD DA . -4.58 -52.76 5.89
C2B NAD DA . -2.70 -53.54 4.46
O2B NAD DA . -2.57 -54.60 5.41
C1B NAD DA . -3.47 -53.91 3.19
N9A NAD DA . -2.72 -54.55 2.12
C8A NAD DA . -1.47 -54.20 1.71
N7A NAD DA . -1.02 -54.94 0.72
C5A NAD DA . -2.05 -55.83 0.45
C6A NAD DA . -2.17 -56.85 -0.50
N6A NAD DA . -1.23 -57.15 -1.40
N1A NAD DA . -3.29 -57.60 -0.46
C2A NAD DA . -4.24 -57.28 0.44
N3A NAD DA . -4.24 -56.31 1.35
C4A NAD DA . -3.10 -55.60 1.31
O3 NAD DA . -2.45 -47.51 3.88
PN NAD DA . -3.37 -46.32 3.35
O1N NAD DA . -2.95 -45.07 4.08
O2N NAD DA . -4.72 -46.98 3.48
O5D NAD DA . -2.90 -46.26 1.84
C5D NAD DA . -3.51 -47.11 0.84
C4D NAD DA . -3.51 -46.45 -0.55
O4D NAD DA . -4.47 -45.38 -0.61
C3D NAD DA . -2.18 -45.85 -1.05
O3D NAD DA . -2.04 -46.11 -2.43
C2D NAD DA . -2.30 -44.36 -0.65
O2D NAD DA . -1.44 -43.45 -1.34
C1D NAD DA . -3.81 -44.13 -0.91
N1N NAD DA . -4.45 -43.14 -0.03
C2N NAD DA . -5.12 -42.05 -0.55
C3N NAD DA . -5.71 -41.12 0.32
C7N NAD DA . -6.49 -39.96 -0.22
O7N NAD DA . -6.58 -38.91 0.44
N7N NAD DA . -7.24 -40.18 -1.30
C4N NAD DA . -5.69 -41.32 1.68
C5N NAD DA . -5.03 -42.41 2.19
C6N NAD DA . -4.44 -43.31 1.33
#